data_5F7C
#
_entry.id   5F7C
#
_cell.length_a   82.340
_cell.length_b   75.000
_cell.length_c   232.860
_cell.angle_alpha   90.000
_cell.angle_beta   95.140
_cell.angle_gamma   90.000
#
_symmetry.space_group_name_H-M   'P 1 21 1'
#
loop_
_entity.id
_entity.type
_entity.pdbx_description
1 polymer Alpha-glucosidase
2 water water
#
_entity_poly.entity_id   1
_entity_poly.type   'polypeptide(L)'
_entity_poly.pdbx_seq_one_letter_code
;MKPTNYHLFDLFDFDTELLRDESLWKACKPTAVYEKDGDICVTVPFQKQLLANDMVADTAVPREEYTLIIRQYNIGITRL
FLGFGEYELTDQSEMLQFSERIRRVPLSVEKQGGKWILFTQDGTKRAVINVEEPALDRWSELLPDPQETLDITLYPDGKR
EIRLAAYDHFSPPRYDGLPIAFCKRTGKKERATLSFESRPDECFAGTGERFFKMDLSGQTLFLKNQDGQGVNNRRTYKNI
PFYLSSRMYGTFYHTCAHSKLSLAGHSTRSVQFLSDQAMLDAFVIAGDTMEEILRGYRDLTGYPSMPPLWSFGVWMSRMT
YFSADEVNEICDRMRAEHYPCDVIHLDTGWFRTDWLCEWKFNEERFPDPKGFIQRLKKNGYRVSLWQLPYVAEDAEQIEE
AKANEYIAPLTKQQDTDGSNFSALDYAGTIDFTYPKATEWYKGLLKQLLDMGVTCIKTDFGENIHMDAVYKGMKPELLNN
LYALLYQKAAYEITKEVTGDGIVWARAAWAGCQRYPLHWGGDSCSSWDGMAGSLKGGLHFGLSGFAFWSHDVPGFHTLPN
FMNSIVAEDVYMRWTQFGVFTSHIRYHGTNKREPWHYPAIAPLVKKWWKLRYSLIPYIIEQSKLAVESGWPLLQALILHH
PEDKLCWHIDDEYYFGNDFLVAPVMNSENRRDIYLPEGQWVNFFTGERLQGGRWLKEVYVPLEEMPVYVRENAVIPIYPE
EVNCTDEMDLGKSIALRIDHNYKGFWTKHHHHHHLRVPRGS
;
_entity_poly.pdbx_strand_id   A,B,C,D
#
# COMPACT_ATOMS: atom_id res chain seq x y z
N LEU A 11 31.14 -8.60 26.97
CA LEU A 11 31.66 -9.21 25.76
C LEU A 11 33.19 -9.08 25.74
N PHE A 12 33.67 -7.93 26.19
CA PHE A 12 35.10 -7.68 26.38
C PHE A 12 35.54 -8.34 27.68
N ASP A 13 36.20 -9.49 27.59
CA ASP A 13 36.27 -10.38 28.77
C ASP A 13 37.56 -11.18 28.94
N PHE A 14 38.40 -10.93 29.96
CA PHE A 14 38.38 -9.87 30.99
C PHE A 14 37.96 -10.41 32.36
N ASP A 15 38.87 -10.29 33.33
CA ASP A 15 38.67 -10.69 34.72
C ASP A 15 38.77 -12.18 34.92
N THR A 16 39.87 -12.59 35.53
CA THR A 16 39.94 -13.90 36.16
C THR A 16 41.21 -13.93 36.99
N GLU A 17 41.10 -13.53 38.26
CA GLU A 17 39.88 -12.93 38.84
C GLU A 17 39.89 -11.40 38.74
N LEU A 18 40.34 -10.91 37.57
CA LEU A 18 40.68 -9.50 37.32
C LEU A 18 42.14 -9.25 37.74
N LEU A 19 42.94 -10.32 37.79
CA LEU A 19 44.37 -10.16 37.97
C LEU A 19 45.11 -10.72 36.75
N ARG A 20 44.88 -10.12 35.59
CA ARG A 20 45.63 -10.46 34.39
C ARG A 20 46.22 -9.20 33.79
N ASP A 21 47.36 -9.30 33.13
CA ASP A 21 47.84 -8.12 32.46
C ASP A 21 46.93 -7.87 31.27
N GLU A 22 45.94 -7.01 31.46
CA GLU A 22 45.02 -6.66 30.39
C GLU A 22 44.47 -5.25 30.64
N SER A 23 44.31 -4.48 29.57
CA SER A 23 43.77 -3.13 29.67
C SER A 23 42.94 -2.73 28.44
N LEU A 24 42.02 -1.81 28.66
CA LEU A 24 41.09 -1.39 27.61
C LEU A 24 41.39 0.03 27.17
N TRP A 25 41.42 0.23 25.86
CA TRP A 25 41.76 1.52 25.27
C TRP A 25 40.58 2.05 24.45
N LYS A 26 39.90 3.05 24.99
CA LYS A 26 38.71 3.63 24.38
C LYS A 26 39.08 4.62 23.30
N ALA A 27 38.19 4.79 22.31
CA ALA A 27 38.41 5.73 21.23
C ALA A 27 37.88 7.10 21.58
N CYS A 28 38.51 8.14 21.07
CA CYS A 28 38.15 9.50 21.42
C CYS A 28 37.82 10.34 20.20
N LYS A 29 37.68 11.65 20.42
CA LYS A 29 37.48 12.58 19.31
C LYS A 29 38.71 12.58 18.41
N PRO A 30 38.49 12.51 17.09
CA PRO A 30 39.59 12.47 16.12
C PRO A 30 40.49 13.69 16.23
N THR A 31 41.78 13.45 16.37
CA THR A 31 42.76 14.53 16.44
C THR A 31 43.20 14.99 15.05
N ALA A 32 42.53 14.47 14.02
CA ALA A 32 42.81 14.85 12.64
C ALA A 32 41.98 14.02 11.67
N VAL A 33 41.58 14.64 10.57
CA VAL A 33 40.88 13.91 9.52
C VAL A 33 41.33 14.43 8.16
N TYR A 34 41.54 13.52 7.21
CA TYR A 34 42.15 13.88 5.94
C TYR A 34 42.02 12.79 4.87
N GLU A 35 42.45 13.13 3.66
CA GLU A 35 42.29 12.28 2.48
C GLU A 35 43.44 12.48 1.50
N LYS A 36 43.99 11.41 0.95
CA LYS A 36 43.53 10.06 1.24
C LYS A 36 44.72 9.09 1.33
N ASP A 37 45.42 8.85 0.22
CA ASP A 37 45.17 9.51 -1.05
C ASP A 37 44.73 8.50 -2.10
N GLY A 38 43.53 7.98 -1.92
CA GLY A 38 42.92 7.13 -2.93
C GLY A 38 41.45 7.50 -2.98
N ASP A 39 41.15 8.74 -2.60
CA ASP A 39 39.77 9.20 -2.41
C ASP A 39 39.18 8.43 -1.23
N ILE A 40 40.07 7.91 -0.40
CA ILE A 40 39.69 7.20 0.81
C ILE A 40 40.08 8.02 2.05
N CYS A 41 39.10 8.66 2.67
CA CYS A 41 39.37 9.50 3.84
C CYS A 41 39.98 8.70 4.97
N VAL A 42 40.88 9.34 5.72
CA VAL A 42 41.48 8.66 6.86
C VAL A 42 41.43 9.54 8.11
N THR A 43 40.82 8.99 9.16
CA THR A 43 40.67 9.69 10.42
C THR A 43 41.62 9.11 11.47
N VAL A 44 42.32 9.98 12.17
CA VAL A 44 43.20 9.55 13.24
C VAL A 44 42.59 9.90 14.60
N PRO A 45 41.97 8.90 15.26
CA PRO A 45 41.42 9.07 16.60
C PRO A 45 42.40 8.66 17.69
N PHE A 46 42.44 9.41 18.78
CA PHE A 46 43.23 9.01 19.93
C PHE A 46 42.53 7.88 20.67
N GLN A 47 43.31 6.95 21.20
CA GLN A 47 42.76 5.87 22.01
C GLN A 47 43.48 5.84 23.35
N LYS A 48 42.78 6.21 24.42
CA LYS A 48 43.42 6.26 25.74
C LYS A 48 42.99 5.11 26.63
N GLN A 49 43.95 4.57 27.36
CA GLN A 49 43.71 3.46 28.28
C GLN A 49 42.77 3.86 29.42
N LEU A 50 41.93 2.91 29.84
CA LEU A 50 41.11 3.09 31.02
C LEU A 50 41.76 2.34 32.19
N LEU A 51 41.47 2.80 33.41
CA LEU A 51 42.24 2.38 34.58
C LEU A 51 41.84 1.02 35.13
N ALA A 52 41.59 0.06 34.23
CA ALA A 52 41.34 -1.34 34.60
C ALA A 52 40.01 -1.60 35.32
N ASN A 53 38.90 -1.25 34.64
CA ASN A 53 37.53 -1.61 35.04
C ASN A 53 37.09 -1.20 36.45
N ASP A 54 36.09 -0.31 36.55
CA ASP A 54 35.37 0.23 35.40
C ASP A 54 34.40 1.35 35.82
N MET A 55 34.47 2.51 35.15
CA MET A 55 35.47 2.79 34.12
C MET A 55 35.94 4.23 34.18
N VAL A 56 37.21 4.42 34.52
CA VAL A 56 37.82 5.75 34.50
C VAL A 56 39.05 5.72 33.61
N ALA A 57 39.42 6.89 33.08
CA ALA A 57 40.59 7.00 32.23
C ALA A 57 41.88 6.93 33.03
N ASP A 58 42.87 6.20 32.51
CA ASP A 58 44.20 6.15 33.12
C ASP A 58 45.14 7.10 32.39
N THR A 59 45.60 8.12 33.11
CA THR A 59 46.36 9.21 32.53
C THR A 59 47.87 9.08 32.75
N ALA A 60 48.25 8.16 33.62
CA ALA A 60 49.66 7.84 33.81
C ALA A 60 50.20 7.37 32.46
N VAL A 61 49.37 6.65 31.73
CA VAL A 61 49.70 6.18 30.39
C VAL A 61 49.19 7.18 29.35
N PRO A 62 50.01 7.46 28.34
CA PRO A 62 49.53 8.33 27.26
C PRO A 62 48.45 7.66 26.41
N ARG A 63 47.95 8.39 25.43
CA ARG A 63 46.98 7.87 24.47
C ARG A 63 47.71 7.49 23.18
N GLU A 64 47.16 6.52 22.47
CA GLU A 64 47.77 6.00 21.25
C GLU A 64 46.88 6.27 20.06
N GLU A 65 47.44 6.91 19.05
CA GLU A 65 46.70 7.24 17.86
C GLU A 65 46.78 6.08 16.89
N TYR A 66 45.68 5.82 16.20
CA TYR A 66 45.65 4.87 15.09
C TYR A 66 44.77 5.48 14.01
N THR A 67 44.90 5.02 12.77
CA THR A 67 44.17 5.62 11.66
C THR A 67 42.94 4.81 11.25
N LEU A 68 41.80 5.48 11.23
CA LEU A 68 40.57 4.91 10.71
C LEU A 68 40.35 5.34 9.27
N ILE A 69 40.76 4.51 8.32
CA ILE A 69 40.60 4.83 6.91
C ILE A 69 39.25 4.29 6.40
N ILE A 70 38.47 5.18 5.77
CA ILE A 70 37.14 4.84 5.30
C ILE A 70 37.11 4.86 3.77
N ARG A 71 36.60 3.79 3.18
CA ARG A 71 36.60 3.61 1.74
C ARG A 71 35.18 3.41 1.21
N GLN A 72 34.81 4.23 0.22
CA GLN A 72 33.50 4.13 -0.41
C GLN A 72 33.62 3.32 -1.69
N TYR A 73 32.53 2.68 -2.10
CA TYR A 73 32.55 1.80 -3.26
C TYR A 73 31.42 2.11 -4.23
N ASN A 74 31.64 1.75 -5.49
CA ASN A 74 30.72 2.07 -6.57
C ASN A 74 29.28 1.65 -6.33
N ILE A 75 29.07 0.64 -5.49
CA ILE A 75 27.73 0.09 -5.27
C ILE A 75 27.27 0.21 -3.81
N GLY A 76 27.32 1.41 -3.28
CA GLY A 76 26.75 1.71 -1.97
C GLY A 76 27.34 0.93 -0.79
N ILE A 77 28.64 0.65 -0.85
CA ILE A 77 29.33 -0.03 0.24
C ILE A 77 30.37 0.90 0.88
N THR A 78 30.38 0.92 2.20
CA THR A 78 31.32 1.75 2.96
C THR A 78 32.20 0.85 3.84
N ARG A 79 33.50 0.85 3.56
CA ARG A 79 34.44 -0.02 4.26
C ARG A 79 35.17 0.76 5.35
N LEU A 80 34.80 0.48 6.60
CA LEU A 80 35.53 0.96 7.76
C LEU A 80 36.75 0.09 7.98
N PHE A 81 37.92 0.71 8.12
CA PHE A 81 39.15 -0.05 8.38
C PHE A 81 40.03 0.58 9.45
N LEU A 82 40.67 -0.27 10.24
CA LEU A 82 41.58 0.17 11.30
C LEU A 82 42.59 -0.95 11.61
N GLY A 83 43.78 -0.86 11.02
CA GLY A 83 44.81 -1.86 11.22
C GLY A 83 45.43 -1.80 12.61
N PHE A 84 45.25 -0.66 13.27
CA PHE A 84 45.87 -0.40 14.56
C PHE A 84 47.40 -0.40 14.41
N GLY A 85 48.03 -1.53 14.69
CA GLY A 85 49.46 -1.68 14.45
C GLY A 85 49.83 -1.33 13.02
N GLU A 86 49.85 -2.28 12.08
CA GLU A 86 49.71 -3.72 12.26
C GLU A 86 49.30 -4.32 10.93
N TYR A 87 48.39 -3.63 10.24
CA TYR A 87 47.79 -4.16 9.03
C TYR A 87 47.41 -3.05 8.05
N GLU A 88 46.71 -3.42 6.97
CA GLU A 88 46.18 -2.41 6.05
C GLU A 88 45.33 -3.01 4.93
N ILE A 117 32.06 15.69 7.65
CA ILE A 117 31.28 15.44 6.43
C ILE A 117 32.14 14.85 5.32
N LEU A 118 31.65 13.78 4.69
CA LEU A 118 32.36 13.07 3.64
C LEU A 118 31.49 12.94 2.38
N PHE A 119 32.03 13.41 1.26
CA PHE A 119 31.29 13.55 0.01
C PHE A 119 31.72 12.51 -1.02
N THR A 120 30.83 12.14 -1.92
CA THR A 120 31.16 11.19 -2.98
C THR A 120 31.37 11.86 -4.34
N GLN A 121 32.24 12.86 -4.39
CA GLN A 121 32.58 13.56 -5.64
C GLN A 121 31.33 13.85 -6.48
N ASP A 122 30.27 14.21 -5.78
CA ASP A 122 28.93 14.16 -6.32
C ASP A 122 28.03 14.57 -5.18
N GLY A 123 28.45 14.17 -3.98
CA GLY A 123 27.87 14.53 -2.69
C GLY A 123 26.40 14.86 -2.61
N THR A 124 25.53 13.90 -2.30
CA THR A 124 25.84 12.54 -1.80
C THR A 124 26.91 12.51 -0.70
N LYS A 125 26.44 12.82 0.52
CA LYS A 125 27.22 12.60 1.72
C LYS A 125 27.24 11.10 2.05
N ARG A 126 28.27 10.67 2.75
CA ARG A 126 28.47 9.26 3.05
C ARG A 126 28.83 9.04 4.52
N ALA A 127 29.16 10.13 5.22
CA ALA A 127 29.52 10.04 6.63
C ALA A 127 29.65 11.42 7.26
N VAL A 128 29.57 11.46 8.59
CA VAL A 128 29.72 12.71 9.33
C VAL A 128 30.36 12.43 10.68
N ILE A 129 31.63 12.79 10.81
CA ILE A 129 32.32 12.73 12.09
C ILE A 129 31.90 13.95 12.91
N ASN A 130 31.75 13.79 14.23
CA ASN A 130 31.07 14.81 15.02
C ASN A 130 31.88 16.03 15.45
N VAL A 131 31.38 17.19 15.01
CA VAL A 131 31.81 18.49 15.51
C VAL A 131 31.17 18.67 16.90
N GLU A 132 31.95 18.48 17.96
CA GLU A 132 31.37 18.30 19.30
C GLU A 132 30.77 19.57 19.92
N GLU A 133 31.17 19.83 21.16
CA GLU A 133 30.53 20.87 21.98
C GLU A 133 29.11 20.44 22.33
N PRO A 134 28.97 19.36 23.11
CA PRO A 134 27.68 18.78 23.46
C PRO A 134 26.98 19.53 24.58
N ALA A 135 27.10 20.86 24.57
CA ALA A 135 26.49 21.68 25.61
C ALA A 135 24.97 21.68 25.46
N LEU A 136 24.18 21.73 26.55
CA LEU A 136 24.53 21.65 27.98
C LEU A 136 23.55 22.47 28.80
N ASP A 137 23.95 22.84 30.02
CA ASP A 137 23.20 23.71 30.91
C ASP A 137 23.91 23.74 32.27
N ARG A 138 23.99 22.57 32.90
CA ARG A 138 24.79 22.36 34.11
C ARG A 138 24.10 22.85 35.38
N TRP A 139 23.99 21.95 36.36
CA TRP A 139 23.47 22.30 37.66
C TRP A 139 24.02 21.30 38.67
N SER A 140 25.07 20.61 38.26
CA SER A 140 25.79 19.64 39.07
C SER A 140 26.99 19.17 38.25
N GLU A 141 27.91 18.44 38.86
CA GLU A 141 27.81 18.08 40.25
C GLU A 141 28.10 16.61 40.46
N LEU A 142 27.09 15.88 40.91
CA LEU A 142 27.23 14.48 41.31
C LEU A 142 28.07 13.68 40.33
N LEU A 143 27.83 13.87 39.05
CA LEU A 143 28.57 13.15 38.02
C LEU A 143 29.39 14.09 37.16
N PRO A 144 30.59 13.63 36.76
CA PRO A 144 31.50 14.39 35.90
C PRO A 144 31.12 14.28 34.44
N ASP A 145 31.62 15.19 33.61
CA ASP A 145 31.36 15.12 32.19
C ASP A 145 31.87 13.79 31.66
N PRO A 146 31.13 13.15 30.74
CA PRO A 146 31.63 11.89 30.19
C PRO A 146 32.93 12.07 29.42
N GLN A 147 33.68 11.00 29.26
CA GLN A 147 34.87 11.04 28.41
C GLN A 147 34.45 11.31 26.98
N GLU A 148 35.42 11.66 26.14
CA GLU A 148 35.13 11.95 24.74
C GLU A 148 35.02 10.65 23.97
N THR A 149 34.13 10.63 22.98
CA THR A 149 33.88 9.42 22.21
C THR A 149 33.95 9.71 20.72
N LEU A 150 34.09 8.66 19.93
CA LEU A 150 34.22 8.76 18.48
C LEU A 150 32.86 8.62 17.81
N ASP A 151 32.25 9.75 17.48
CA ASP A 151 30.94 9.77 16.85
C ASP A 151 31.04 9.87 15.33
N ILE A 152 30.54 8.86 14.63
CA ILE A 152 30.49 8.84 13.18
C ILE A 152 29.17 8.22 12.73
N THR A 153 28.54 8.82 11.74
CA THR A 153 27.39 8.22 11.05
C THR A 153 27.81 7.81 9.64
N LEU A 154 27.18 6.77 9.10
CA LEU A 154 27.52 6.28 7.75
C LEU A 154 26.29 6.22 6.86
N TYR A 155 26.41 6.78 5.67
CA TYR A 155 25.33 6.74 4.70
C TYR A 155 25.83 6.16 3.38
N PRO A 156 26.07 4.83 3.35
CA PRO A 156 26.55 4.13 2.16
C PRO A 156 25.81 4.51 0.89
N ASP A 157 24.48 4.49 0.93
CA ASP A 157 23.67 4.86 -0.21
C ASP A 157 23.22 6.31 -0.09
N GLY A 158 23.77 7.02 0.89
CA GLY A 158 23.42 8.40 1.13
C GLY A 158 22.04 8.55 1.72
N LYS A 159 21.40 7.42 2.02
CA LYS A 159 20.04 7.40 2.55
C LYS A 159 19.88 6.42 3.70
N ARG A 160 20.93 5.66 4.01
CA ARG A 160 20.91 4.83 5.22
C ARG A 160 21.02 5.74 6.42
N GLU A 161 21.52 5.19 7.52
CA GLU A 161 21.52 5.91 8.77
C GLU A 161 22.07 5.01 9.84
N ILE A 162 23.16 4.31 9.53
CA ILE A 162 23.80 3.46 10.51
C ILE A 162 25.05 4.17 11.07
N ARG A 163 24.99 4.46 12.37
CA ARG A 163 26.00 5.25 13.08
C ARG A 163 26.58 4.53 14.29
N LEU A 164 27.80 4.90 14.64
CA LEU A 164 28.52 4.26 15.74
C LEU A 164 27.88 4.48 17.11
N ALA A 165 27.92 3.43 17.93
CA ALA A 165 27.36 3.47 19.27
C ALA A 165 28.24 4.27 20.21
N ALA A 166 28.31 5.57 19.97
CA ALA A 166 29.29 6.43 20.64
C ALA A 166 28.77 6.96 21.96
N TYR A 167 27.53 6.64 22.30
CA TYR A 167 26.97 7.12 23.56
C TYR A 167 26.22 6.03 24.31
N ASP A 168 26.67 4.78 24.19
CA ASP A 168 26.02 3.69 24.93
C ASP A 168 26.56 3.60 26.35
N HIS A 169 26.22 4.58 27.17
CA HIS A 169 26.64 4.55 28.57
C HIS A 169 25.60 5.15 29.50
N PHE A 170 25.83 4.93 30.78
CA PHE A 170 25.00 5.49 31.85
C PHE A 170 25.73 6.74 32.35
N SER A 171 26.02 6.78 33.63
CA SER A 171 26.98 7.75 34.11
C SER A 171 28.33 7.36 33.51
N PRO A 172 29.31 8.25 33.61
CA PRO A 172 30.61 7.96 33.00
C PRO A 172 31.28 6.65 33.45
N PRO A 173 30.93 6.11 34.63
CA PRO A 173 31.57 4.85 35.00
C PRO A 173 31.00 3.61 34.33
N ARG A 174 29.85 3.74 33.67
CA ARG A 174 29.11 2.57 33.20
C ARG A 174 28.83 2.58 31.70
N TYR A 175 29.68 1.91 30.93
CA TYR A 175 29.51 1.82 29.48
C TYR A 175 29.11 0.40 29.11
N ASP A 176 28.01 0.27 28.39
CA ASP A 176 27.55 -1.06 27.97
C ASP A 176 27.80 -1.22 26.48
N GLY A 177 28.63 -0.35 25.94
CA GLY A 177 28.96 -0.35 24.53
C GLY A 177 30.07 0.65 24.24
N LEU A 178 30.93 0.28 23.30
CA LEU A 178 32.00 1.16 22.86
C LEU A 178 31.96 1.20 21.34
N PRO A 179 31.98 2.40 20.75
CA PRO A 179 31.92 2.47 19.28
C PRO A 179 33.16 1.85 18.66
N ILE A 180 34.33 2.30 19.08
CA ILE A 180 35.59 1.64 18.73
C ILE A 180 36.46 1.53 19.97
N ALA A 181 37.17 0.41 20.10
CA ALA A 181 38.10 0.23 21.21
C ALA A 181 38.79 -1.11 21.09
N PHE A 182 39.95 -1.23 21.74
CA PHE A 182 40.72 -2.45 21.71
C PHE A 182 41.30 -2.75 23.07
N CYS A 183 41.99 -3.89 23.18
CA CYS A 183 42.57 -4.30 24.46
C CYS A 183 44.02 -4.75 24.32
N LYS A 184 44.75 -4.62 25.41
CA LYS A 184 46.11 -5.12 25.44
C LYS A 184 46.16 -6.29 26.39
N ARG A 185 47.00 -7.27 26.09
CA ARG A 185 47.19 -8.36 27.03
C ARG A 185 48.68 -8.58 27.22
N THR A 186 49.21 -8.00 28.29
CA THR A 186 50.64 -8.06 28.59
C THR A 186 51.45 -7.40 27.47
N GLY A 187 50.96 -6.25 27.00
CA GLY A 187 51.61 -5.52 25.92
C GLY A 187 51.10 -5.93 24.56
N LYS A 188 50.66 -7.19 24.46
CA LYS A 188 50.06 -7.72 23.23
C LYS A 188 48.70 -7.08 22.98
N LYS A 189 48.46 -6.65 21.76
CA LYS A 189 47.22 -5.96 21.43
C LYS A 189 46.19 -6.92 20.88
N GLU A 190 44.93 -6.72 21.22
CA GLU A 190 43.91 -7.71 20.90
C GLU A 190 42.51 -7.24 21.27
N ARG A 191 41.53 -7.97 20.77
CA ARG A 191 40.13 -7.71 21.10
C ARG A 191 39.71 -6.31 20.68
N ALA A 192 39.75 -6.04 19.39
CA ALA A 192 39.25 -4.77 18.88
C ALA A 192 37.75 -4.86 18.79
N THR A 193 37.06 -3.76 19.05
CA THR A 193 35.60 -3.78 19.07
C THR A 193 34.98 -2.65 18.30
N LEU A 194 34.07 -3.02 17.41
CA LEU A 194 33.29 -2.08 16.64
C LEU A 194 31.83 -2.22 17.03
N SER A 195 31.14 -1.10 17.20
CA SER A 195 29.72 -1.11 17.57
C SER A 195 28.89 -0.12 16.76
N PHE A 196 27.69 -0.55 16.39
CA PHE A 196 26.74 0.29 15.70
C PHE A 196 25.54 0.53 16.61
N GLU A 197 24.69 1.48 16.26
CA GLU A 197 23.47 1.72 17.02
C GLU A 197 22.29 0.94 16.42
N SER A 198 21.32 0.60 17.27
CA SER A 198 20.13 -0.09 16.82
C SER A 198 18.91 0.50 17.50
N ARG A 199 17.76 0.44 16.84
CA ARG A 199 16.52 0.89 17.45
C ARG A 199 15.84 -0.29 18.13
N PRO A 200 14.86 -0.01 19.00
CA PRO A 200 14.09 -1.00 19.74
C PRO A 200 13.53 -2.13 18.90
N ASP A 201 13.02 -1.79 17.73
CA ASP A 201 12.30 -2.73 16.89
C ASP A 201 13.18 -3.32 15.80
N GLU A 202 14.48 -3.14 15.89
CA GLU A 202 15.32 -3.66 14.85
C GLU A 202 15.37 -5.18 14.96
N CYS A 203 15.47 -5.83 13.80
CA CYS A 203 15.55 -7.28 13.73
C CYS A 203 16.76 -7.64 12.89
N PHE A 204 17.32 -8.81 13.12
CA PHE A 204 18.54 -9.23 12.45
C PHE A 204 18.38 -10.63 11.90
N ALA A 205 19.31 -11.02 11.03
CA ALA A 205 19.32 -12.37 10.50
C ALA A 205 20.71 -12.67 9.94
N GLY A 206 20.88 -13.87 9.38
CA GLY A 206 22.15 -14.29 8.80
C GLY A 206 23.15 -14.89 9.77
N THR A 207 24.39 -14.44 9.65
CA THR A 207 25.51 -14.90 10.47
C THR A 207 25.84 -16.36 10.18
N GLY A 208 25.36 -16.85 9.05
CA GLY A 208 25.54 -18.23 8.64
C GLY A 208 24.35 -19.12 8.97
N GLU A 209 24.62 -20.41 9.15
CA GLU A 209 23.59 -21.42 9.37
C GLU A 209 23.10 -21.44 10.83
N ARG A 210 22.54 -20.33 11.29
CA ARG A 210 22.23 -20.21 12.71
C ARG A 210 20.87 -20.83 13.01
N PHE A 211 20.87 -21.84 13.89
CA PHE A 211 19.69 -22.63 14.13
C PHE A 211 18.75 -21.98 15.13
N PHE A 212 18.53 -20.68 14.99
CA PHE A 212 17.61 -19.95 15.86
C PHE A 212 16.52 -19.26 15.04
N LYS A 213 15.57 -18.62 15.72
CA LYS A 213 14.43 -17.99 15.05
C LYS A 213 14.86 -16.85 14.12
N MET A 214 13.98 -16.58 13.15
CA MET A 214 14.07 -15.49 12.17
C MET A 214 14.71 -14.20 12.69
N ASP A 215 14.39 -13.84 13.92
CA ASP A 215 14.88 -12.60 14.49
C ASP A 215 15.85 -12.93 15.59
N LEU A 216 17.04 -12.36 15.48
CA LEU A 216 18.13 -12.60 16.41
C LEU A 216 18.45 -11.27 17.09
N SER A 217 17.63 -10.88 18.07
CA SER A 217 17.73 -9.51 18.58
C SER A 217 18.00 -9.48 20.07
N GLY A 218 18.47 -10.60 20.58
CA GLY A 218 19.03 -10.64 21.91
C GLY A 218 20.13 -11.65 21.99
N GLN A 219 20.66 -12.01 20.82
CA GLN A 219 21.67 -13.03 20.77
C GLN A 219 23.10 -12.47 20.62
N THR A 220 23.96 -12.93 21.53
CA THR A 220 25.37 -12.69 21.45
C THR A 220 26.01 -13.96 20.94
N LEU A 221 26.59 -13.85 19.75
CA LEU A 221 27.07 -14.98 19.01
C LEU A 221 28.57 -15.12 19.11
N PHE A 222 29.02 -16.33 19.36
CA PHE A 222 30.43 -16.64 19.24
C PHE A 222 30.73 -17.02 17.79
N LEU A 223 31.16 -16.07 16.99
CA LEU A 223 31.46 -16.39 15.60
C LEU A 223 32.69 -17.27 15.57
N LYS A 224 32.46 -18.56 15.79
CA LYS A 224 33.51 -19.54 15.92
C LYS A 224 32.91 -20.91 15.60
N ASN A 225 33.35 -21.49 14.49
CA ASN A 225 32.81 -22.77 14.04
C ASN A 225 33.04 -23.96 14.98
N GLN A 226 31.97 -24.73 15.18
CA GLN A 226 31.98 -25.89 16.07
C GLN A 226 31.17 -27.08 15.53
N ASP A 227 31.54 -28.29 15.95
CA ASP A 227 30.74 -29.50 15.73
C ASP A 227 29.45 -29.37 16.52
N GLY A 228 28.33 -29.25 15.82
CA GLY A 228 27.07 -28.91 16.45
C GLY A 228 26.51 -29.99 17.32
N GLN A 229 26.82 -31.24 16.97
CA GLN A 229 26.30 -32.42 17.65
C GLN A 229 24.80 -32.27 17.88
N GLY A 230 24.10 -32.02 16.80
CA GLY A 230 22.69 -31.67 16.86
C GLY A 230 22.46 -30.31 16.24
N VAL A 231 21.19 -29.99 16.01
CA VAL A 231 20.80 -28.82 15.23
C VAL A 231 19.85 -27.91 16.02
N ASN A 232 19.85 -28.07 17.36
CA ASN A 232 18.96 -27.33 18.24
C ASN A 232 19.68 -26.58 19.35
N ASN A 233 20.96 -26.32 19.18
CA ASN A 233 21.67 -25.50 20.13
C ASN A 233 22.63 -24.50 19.48
N ARG A 234 23.29 -23.73 20.31
CA ARG A 234 24.16 -22.65 19.89
C ARG A 234 25.46 -23.09 19.24
N ARG A 235 25.86 -24.33 19.43
CA ARG A 235 27.01 -24.81 18.67
C ARG A 235 26.58 -24.78 17.21
N THR A 236 27.41 -24.16 16.38
CA THR A 236 26.99 -23.82 15.03
C THR A 236 28.01 -24.29 14.00
N TYR A 237 27.51 -25.02 13.00
CA TYR A 237 28.40 -25.63 12.03
C TYR A 237 29.02 -24.62 11.09
N LYS A 238 28.28 -23.54 10.80
CA LYS A 238 28.68 -22.55 9.81
C LYS A 238 28.48 -21.12 10.30
N ASN A 239 29.54 -20.55 10.84
CA ASN A 239 29.53 -19.14 11.18
C ASN A 239 29.95 -18.25 10.04
N ILE A 240 29.32 -17.08 9.97
CA ILE A 240 29.62 -16.09 8.95
C ILE A 240 29.60 -14.67 9.57
N PRO A 241 30.69 -13.91 9.40
CA PRO A 241 30.76 -12.57 9.98
C PRO A 241 29.83 -11.56 9.30
N PHE A 242 28.56 -11.95 9.08
CA PHE A 242 27.61 -11.13 8.35
C PHE A 242 26.19 -11.21 8.89
N TYR A 243 25.58 -10.06 9.15
CA TYR A 243 24.17 -10.00 9.52
C TYR A 243 23.38 -9.02 8.65
N LEU A 244 22.08 -9.24 8.58
CA LEU A 244 21.18 -8.30 7.93
C LEU A 244 20.42 -7.51 8.97
N SER A 245 19.83 -6.40 8.55
CA SER A 245 19.09 -5.54 9.46
C SER A 245 17.75 -5.13 8.89
N SER A 246 16.78 -4.92 9.75
CA SER A 246 15.44 -4.59 9.29
C SER A 246 15.44 -3.16 8.82
N ARG A 247 16.44 -2.41 9.27
CA ARG A 247 16.68 -1.08 8.76
C ARG A 247 17.34 -1.13 7.38
N MET A 248 17.48 -2.33 6.85
CA MET A 248 17.75 -2.54 5.44
C MET A 248 19.22 -2.32 5.07
N TYR A 249 20.13 -2.79 5.93
CA TYR A 249 21.55 -2.79 5.58
C TYR A 249 22.18 -4.09 6.00
N GLY A 250 23.39 -4.34 5.48
CA GLY A 250 24.20 -5.46 5.88
C GLY A 250 25.55 -5.02 6.41
N THR A 251 26.21 -5.92 7.14
CA THR A 251 27.58 -5.67 7.56
C THR A 251 28.43 -6.93 7.41
N PHE A 252 29.44 -6.87 6.55
CA PHE A 252 30.40 -7.95 6.48
C PHE A 252 31.64 -7.54 7.26
N TYR A 253 31.93 -8.28 8.32
CA TYR A 253 33.16 -8.10 9.07
C TYR A 253 34.25 -8.95 8.45
N HIS A 254 35.09 -8.34 7.63
CA HIS A 254 36.21 -9.03 7.01
C HIS A 254 37.21 -9.50 8.06
N THR A 255 36.88 -10.59 8.75
CA THR A 255 37.79 -11.21 9.71
C THR A 255 37.77 -12.70 9.56
N CYS A 256 38.75 -13.37 10.13
CA CYS A 256 38.66 -14.80 10.27
C CYS A 256 39.26 -15.19 11.62
N ALA A 257 39.27 -14.23 12.54
CA ALA A 257 39.61 -14.50 13.92
C ALA A 257 38.36 -14.85 14.72
N HIS A 258 38.56 -15.55 15.85
CA HIS A 258 37.49 -15.83 16.80
C HIS A 258 36.80 -14.53 17.20
N SER A 259 35.47 -14.53 17.14
CA SER A 259 34.73 -13.28 17.21
C SER A 259 33.43 -13.39 18.00
N LYS A 260 33.05 -12.29 18.63
CA LYS A 260 31.75 -12.17 19.27
C LYS A 260 30.93 -11.13 18.50
N LEU A 261 29.65 -11.42 18.32
CA LEU A 261 28.75 -10.51 17.64
C LEU A 261 27.42 -10.43 18.36
N SER A 262 27.32 -9.46 19.26
CA SER A 262 26.09 -9.25 19.98
C SER A 262 25.09 -8.49 19.12
N LEU A 263 24.03 -9.18 18.71
CA LEU A 263 22.98 -8.58 17.90
C LEU A 263 21.88 -8.06 18.78
N ALA A 264 22.13 -6.93 19.42
CA ALA A 264 21.29 -6.41 20.49
C ALA A 264 21.17 -7.41 21.65
N GLY A 265 22.19 -8.24 21.81
CA GLY A 265 22.23 -9.19 22.93
C GLY A 265 22.53 -8.62 24.32
N HIS A 266 23.74 -8.11 24.51
CA HIS A 266 24.11 -7.46 25.76
C HIS A 266 23.42 -6.12 25.93
N SER A 267 23.68 -5.21 25.00
CA SER A 267 22.99 -3.94 24.96
C SER A 267 21.80 -4.04 24.02
N THR A 268 20.71 -3.46 24.47
CA THR A 268 19.45 -3.46 23.79
C THR A 268 19.48 -2.34 22.72
N ARG A 269 20.58 -1.59 22.69
CA ARG A 269 20.79 -0.48 21.76
C ARG A 269 21.93 -0.68 20.76
N SER A 270 22.59 -1.83 20.78
CA SER A 270 23.85 -1.97 20.05
C SER A 270 24.00 -3.29 19.29
N VAL A 271 24.41 -3.20 18.03
CA VAL A 271 25.07 -4.31 17.38
C VAL A 271 26.55 -4.16 17.70
N GLN A 272 27.09 -5.09 18.49
CA GLN A 272 28.51 -5.03 18.86
C GLN A 272 29.31 -6.18 18.26
N PHE A 273 30.37 -5.83 17.56
CA PHE A 273 31.30 -6.82 17.08
C PHE A 273 32.59 -6.82 17.92
N LEU A 274 33.13 -8.02 18.10
CA LEU A 274 34.40 -8.23 18.77
C LEU A 274 35.26 -9.19 17.94
N SER A 275 36.53 -8.86 17.79
CA SER A 275 37.50 -9.76 17.19
C SER A 275 38.67 -9.89 18.15
N ASP A 276 39.19 -11.09 18.31
CA ASP A 276 40.41 -11.27 19.06
C ASP A 276 41.58 -10.63 18.36
N GLN A 277 41.46 -10.52 17.05
CA GLN A 277 42.59 -10.19 16.22
C GLN A 277 43.18 -8.79 16.37
N ALA A 278 42.40 -7.83 16.87
CA ALA A 278 42.84 -6.44 16.95
C ALA A 278 43.01 -5.88 15.54
N MET A 279 41.98 -6.08 14.74
CA MET A 279 41.96 -5.58 13.40
C MET A 279 40.51 -5.48 12.96
N LEU A 280 40.09 -4.27 12.62
CA LEU A 280 38.75 -4.03 12.15
C LEU A 280 38.76 -3.73 10.66
N ASP A 281 37.91 -4.46 9.94
CA ASP A 281 37.69 -4.27 8.52
C ASP A 281 36.21 -4.57 8.27
N ALA A 282 35.39 -3.53 8.38
CA ALA A 282 33.94 -3.68 8.31
C ALA A 282 33.37 -3.09 7.02
N PHE A 283 32.71 -3.94 6.24
CA PHE A 283 32.02 -3.49 5.05
C PHE A 283 30.55 -3.26 5.35
N VAL A 284 30.07 -2.06 5.05
CA VAL A 284 28.69 -1.73 5.38
C VAL A 284 27.89 -1.56 4.07
N ILE A 285 27.04 -2.56 3.82
CA ILE A 285 26.22 -2.71 2.61
C ILE A 285 24.80 -2.20 2.72
N ALA A 286 24.47 -1.14 1.97
CA ALA A 286 23.11 -0.62 1.96
C ALA A 286 22.29 -1.32 0.86
N GLY A 287 20.97 -1.15 0.90
CA GLY A 287 20.11 -1.75 -0.10
C GLY A 287 18.66 -1.36 0.06
N ASP A 288 17.92 -1.46 -1.05
CA ASP A 288 16.48 -1.14 -1.07
C ASP A 288 15.68 -2.43 -1.03
N THR A 289 16.35 -3.52 -1.35
CA THR A 289 15.81 -4.84 -1.12
C THR A 289 16.88 -5.62 -0.39
N MET A 290 16.44 -6.62 0.34
CA MET A 290 17.33 -7.51 1.04
C MET A 290 18.22 -8.24 0.02
N GLU A 291 17.69 -8.46 -1.20
CA GLU A 291 18.43 -9.19 -2.23
C GLU A 291 19.58 -8.36 -2.76
N GLU A 292 19.41 -7.05 -2.73
CA GLU A 292 20.47 -6.15 -3.09
C GLU A 292 21.64 -6.34 -2.15
N ILE A 293 21.34 -6.26 -0.85
CA ILE A 293 22.36 -6.40 0.17
C ILE A 293 23.12 -7.73 0.05
N LEU A 294 22.41 -8.83 -0.12
CA LEU A 294 23.06 -10.11 -0.28
C LEU A 294 23.86 -10.16 -1.58
N ARG A 295 23.38 -9.46 -2.59
CA ARG A 295 24.04 -9.48 -3.89
C ARG A 295 25.38 -8.75 -3.84
N GLY A 296 25.42 -7.67 -3.06
CA GLY A 296 26.65 -6.95 -2.82
C GLY A 296 27.61 -7.73 -1.93
N TYR A 297 27.06 -8.58 -1.07
CA TYR A 297 27.92 -9.38 -0.20
C TYR A 297 28.70 -10.33 -1.09
N ARG A 298 28.05 -10.81 -2.14
CA ARG A 298 28.66 -11.76 -3.03
C ARG A 298 29.70 -11.07 -3.89
N ASP A 299 29.35 -9.86 -4.34
CA ASP A 299 30.30 -8.96 -4.99
C ASP A 299 31.62 -8.80 -4.28
N LEU A 300 31.62 -8.96 -2.96
CA LEU A 300 32.81 -8.79 -2.15
C LEU A 300 33.53 -10.10 -1.88
N THR A 301 32.82 -11.21 -1.87
CA THR A 301 33.38 -12.45 -1.34
C THR A 301 33.22 -13.63 -2.30
N GLY A 302 32.59 -13.38 -3.44
CA GLY A 302 32.46 -14.36 -4.51
C GLY A 302 31.04 -14.86 -4.68
N TYR A 303 30.69 -15.25 -5.90
CA TYR A 303 29.38 -15.84 -6.17
C TYR A 303 29.48 -17.35 -6.23
N PRO A 304 28.38 -18.05 -5.93
CA PRO A 304 28.35 -19.51 -6.15
C PRO A 304 28.42 -19.92 -7.63
N SER A 305 29.10 -21.03 -7.88
CA SER A 305 29.04 -21.67 -9.18
C SER A 305 27.72 -22.42 -9.31
N MET A 306 27.41 -22.89 -10.52
CA MET A 306 26.21 -23.67 -10.74
C MET A 306 26.49 -25.14 -10.50
N PRO A 307 25.74 -25.78 -9.59
CA PRO A 307 25.95 -27.21 -9.42
C PRO A 307 25.52 -27.98 -10.65
N PRO A 308 26.15 -29.14 -10.92
CA PRO A 308 25.81 -29.94 -12.12
C PRO A 308 24.35 -30.39 -12.13
N LEU A 309 23.87 -30.87 -13.26
CA LEU A 309 22.50 -31.38 -13.33
C LEU A 309 22.27 -32.61 -12.43
N TRP A 310 23.23 -33.53 -12.39
CA TRP A 310 23.06 -34.75 -11.62
C TRP A 310 22.92 -34.47 -10.13
N SER A 311 23.44 -33.32 -9.68
CA SER A 311 23.39 -32.97 -8.27
C SER A 311 21.96 -32.71 -7.79
N PHE A 312 21.05 -32.46 -8.72
CA PHE A 312 19.70 -32.08 -8.35
C PHE A 312 18.74 -33.27 -8.23
N GLY A 313 19.19 -34.45 -8.63
CA GLY A 313 18.44 -35.67 -8.39
C GLY A 313 18.63 -36.07 -6.94
N VAL A 314 17.84 -37.03 -6.44
CA VAL A 314 17.91 -37.41 -5.02
C VAL A 314 19.18 -38.20 -4.68
N TRP A 315 19.66 -38.03 -3.45
CA TRP A 315 20.85 -38.73 -2.97
C TRP A 315 20.43 -39.71 -1.87
N MET A 316 20.70 -41.00 -2.09
CA MET A 316 20.54 -41.98 -1.03
C MET A 316 21.88 -42.21 -0.36
N SER A 317 21.85 -42.36 0.95
CA SER A 317 23.04 -42.58 1.73
C SER A 317 22.74 -43.11 3.14
N ARG A 318 23.82 -43.38 3.88
CA ARG A 318 23.72 -43.90 5.22
C ARG A 318 25.10 -43.91 5.86
N MET A 319 25.16 -43.71 7.17
CA MET A 319 26.37 -43.98 7.94
C MET A 319 26.25 -45.34 8.66
N THR A 320 26.69 -46.44 8.04
CA THR A 320 27.37 -46.44 6.76
C THR A 320 27.13 -47.73 5.96
N TYR A 321 27.33 -47.65 4.65
CA TYR A 321 27.45 -48.85 3.81
C TYR A 321 28.88 -49.37 3.92
N PHE A 322 29.09 -50.60 3.46
CA PHE A 322 30.42 -51.21 3.47
C PHE A 322 30.71 -51.94 2.17
N SER A 323 29.96 -52.99 1.87
CA SER A 323 30.21 -53.80 0.70
C SER A 323 29.75 -53.12 -0.58
N ALA A 324 30.30 -53.58 -1.70
CA ALA A 324 29.83 -53.11 -3.00
C ALA A 324 28.50 -53.76 -3.34
N ASP A 325 28.37 -55.05 -3.08
CA ASP A 325 27.11 -55.76 -3.35
C ASP A 325 26.01 -55.22 -2.46
N GLU A 326 26.40 -54.62 -1.33
CA GLU A 326 25.45 -53.99 -0.42
C GLU A 326 24.76 -52.84 -1.13
N VAL A 327 25.54 -51.97 -1.74
CA VAL A 327 25.02 -50.83 -2.49
C VAL A 327 24.32 -51.29 -3.77
N ASN A 328 24.97 -52.18 -4.51
CA ASN A 328 24.39 -52.72 -5.75
C ASN A 328 22.96 -53.22 -5.61
N GLU A 329 22.70 -53.97 -4.54
CA GLU A 329 21.37 -54.49 -4.28
C GLU A 329 20.37 -53.36 -4.10
N ILE A 330 20.80 -52.28 -3.46
CA ILE A 330 19.92 -51.14 -3.19
C ILE A 330 19.70 -50.36 -4.47
N CYS A 331 20.79 -50.06 -5.17
CA CYS A 331 20.72 -49.37 -6.45
C CYS A 331 19.77 -50.07 -7.40
N ASP A 332 20.02 -51.36 -7.61
CA ASP A 332 19.26 -52.16 -8.56
C ASP A 332 17.78 -52.23 -8.22
N ARG A 333 17.45 -52.10 -6.94
CA ARG A 333 16.06 -52.25 -6.51
C ARG A 333 15.27 -50.94 -6.58
N MET A 334 15.94 -49.81 -6.37
CA MET A 334 15.25 -48.53 -6.49
C MET A 334 14.77 -48.37 -7.92
N ARG A 335 15.59 -48.80 -8.87
CA ARG A 335 15.22 -48.72 -10.27
C ARG A 335 14.11 -49.72 -10.52
N ALA A 336 14.34 -50.96 -10.12
CA ALA A 336 13.35 -52.02 -10.26
C ALA A 336 12.00 -51.57 -9.74
N GLU A 337 12.02 -50.87 -8.61
CA GLU A 337 10.82 -50.31 -8.01
C GLU A 337 10.49 -48.96 -8.60
N HIS A 338 11.39 -48.42 -9.42
CA HIS A 338 11.20 -47.13 -10.05
C HIS A 338 11.31 -45.98 -9.07
N TYR A 339 12.31 -46.03 -8.20
CA TYR A 339 12.53 -44.92 -7.30
C TYR A 339 13.49 -43.96 -7.96
N PRO A 340 12.98 -42.81 -8.42
CA PRO A 340 13.84 -41.88 -9.17
C PRO A 340 14.95 -41.39 -8.27
N CYS A 341 16.12 -42.01 -8.38
CA CYS A 341 17.23 -41.60 -7.54
C CYS A 341 18.46 -41.38 -8.39
N ASP A 342 19.26 -40.38 -8.03
CA ASP A 342 20.41 -40.00 -8.84
C ASP A 342 21.78 -40.30 -8.22
N VAL A 343 21.87 -40.27 -6.90
CA VAL A 343 23.16 -40.39 -6.25
C VAL A 343 23.15 -41.42 -5.14
N ILE A 344 24.20 -42.22 -5.07
CA ILE A 344 24.47 -43.02 -3.88
C ILE A 344 25.73 -42.49 -3.19
N HIS A 345 25.60 -42.08 -1.93
CA HIS A 345 26.78 -41.67 -1.19
C HIS A 345 27.33 -42.77 -0.28
N LEU A 346 28.65 -42.79 -0.16
CA LEU A 346 29.38 -43.76 0.67
C LEU A 346 30.13 -43.07 1.80
N ASP A 347 29.80 -43.41 3.03
CA ASP A 347 30.23 -42.62 4.17
C ASP A 347 31.44 -43.16 4.90
N THR A 348 31.30 -43.26 6.22
CA THR A 348 32.43 -43.56 7.09
C THR A 348 32.75 -45.03 7.13
N GLY A 349 32.80 -45.69 5.98
CA GLY A 349 32.97 -47.13 6.00
C GLY A 349 33.25 -47.79 4.69
N TRP A 350 34.16 -47.23 3.91
CA TRP A 350 34.60 -47.90 2.70
C TRP A 350 36.12 -48.08 2.75
N PHE A 351 36.68 -48.03 3.95
CA PHE A 351 38.12 -48.20 4.13
C PHE A 351 38.40 -49.56 4.74
N ARG A 352 39.64 -49.80 5.16
CA ARG A 352 39.95 -51.00 5.90
C ARG A 352 39.08 -51.07 7.15
N THR A 353 38.97 -49.94 7.85
CA THR A 353 38.10 -49.87 9.03
C THR A 353 37.31 -48.55 9.03
N ASP A 354 36.01 -48.68 9.32
CA ASP A 354 35.01 -47.61 9.23
C ASP A 354 35.51 -46.18 9.32
N TRP A 355 35.39 -45.54 10.48
CA TRP A 355 35.71 -44.13 10.53
C TRP A 355 37.23 -43.86 10.45
N LEU A 356 37.97 -44.63 9.64
CA LEU A 356 39.42 -44.42 9.50
C LEU A 356 39.85 -44.00 8.09
N CYS A 357 39.66 -42.72 7.77
CA CYS A 357 39.91 -42.22 6.42
C CYS A 357 41.33 -42.44 5.95
N GLU A 358 41.49 -42.54 4.64
CA GLU A 358 42.78 -42.76 3.98
C GLU A 358 42.60 -43.11 2.51
N TRP A 359 41.58 -42.56 1.87
CA TRP A 359 41.29 -42.84 0.47
C TRP A 359 41.29 -44.35 0.19
N LYS A 360 42.49 -44.92 0.04
CA LYS A 360 42.70 -46.36 -0.12
C LYS A 360 41.53 -47.06 -0.81
N PHE A 361 40.47 -47.32 -0.03
CA PHE A 361 39.22 -47.90 -0.54
C PHE A 361 39.13 -49.42 -0.29
N ASN A 362 39.15 -49.83 0.97
CA ASN A 362 38.68 -51.15 1.43
C ASN A 362 39.14 -52.43 0.70
N GLU A 363 38.32 -53.46 0.82
CA GLU A 363 38.62 -54.78 0.24
C GLU A 363 37.34 -55.27 -0.36
N GLU A 364 36.72 -54.36 -1.12
CA GLU A 364 35.54 -54.60 -1.95
C GLU A 364 35.96 -54.59 -3.43
N ARG A 365 37.27 -54.73 -3.66
CA ARG A 365 37.76 -54.85 -5.03
C ARG A 365 37.31 -53.63 -5.83
N PHE A 366 37.22 -53.77 -7.16
CA PHE A 366 36.76 -52.70 -8.07
C PHE A 366 35.63 -51.83 -7.55
N PRO A 367 35.48 -50.60 -8.11
CA PRO A 367 34.29 -49.76 -7.92
C PRO A 367 33.06 -50.30 -8.67
N ALA A 427 45.11 -36.79 15.60
CA ALA A 427 46.01 -37.51 14.72
C ALA A 427 46.94 -36.56 13.97
N GLY A 428 46.38 -35.44 13.52
CA GLY A 428 47.11 -34.47 12.72
C GLY A 428 46.18 -33.84 11.70
N THR A 429 46.21 -32.52 11.59
CA THR A 429 45.43 -31.82 10.58
C THR A 429 46.29 -31.55 9.35
N ILE A 430 45.64 -31.45 8.19
CA ILE A 430 46.33 -31.12 6.95
C ILE A 430 46.57 -29.62 6.89
N ASP A 431 47.75 -29.22 6.41
CA ASP A 431 48.11 -27.81 6.42
C ASP A 431 47.82 -27.13 5.09
N PHE A 432 46.60 -26.66 4.93
CA PHE A 432 46.19 -25.99 3.69
C PHE A 432 46.84 -24.61 3.54
N THR A 433 47.64 -24.21 4.52
CA THR A 433 48.47 -23.02 4.39
C THR A 433 49.85 -23.42 3.88
N TYR A 434 50.00 -24.68 3.51
CA TYR A 434 51.25 -25.23 3.03
C TYR A 434 51.10 -25.61 1.56
N PRO A 435 51.30 -24.62 0.65
CA PRO A 435 50.94 -24.80 -0.75
C PRO A 435 51.72 -25.93 -1.40
N LYS A 436 51.41 -27.14 -0.96
CA LYS A 436 52.22 -28.33 -1.21
C LYS A 436 51.51 -29.50 -0.56
N ALA A 437 51.24 -29.34 0.72
CA ALA A 437 50.32 -30.21 1.43
C ALA A 437 48.95 -30.11 0.78
N THR A 438 48.67 -28.93 0.21
CA THR A 438 47.43 -28.70 -0.50
C THR A 438 47.43 -29.48 -1.79
N GLU A 439 48.59 -29.56 -2.42
CA GLU A 439 48.73 -30.37 -3.62
C GLU A 439 48.71 -31.85 -3.25
N TRP A 440 49.13 -32.17 -2.04
CA TRP A 440 49.11 -33.54 -1.58
C TRP A 440 47.69 -34.00 -1.29
N TYR A 441 46.93 -33.17 -0.58
CA TYR A 441 45.53 -33.48 -0.31
C TYR A 441 44.75 -33.45 -1.60
N LYS A 442 45.10 -32.52 -2.49
CA LYS A 442 44.58 -32.52 -3.84
C LYS A 442 44.97 -33.79 -4.55
N GLY A 443 46.10 -34.36 -4.13
CA GLY A 443 46.59 -35.59 -4.69
C GLY A 443 45.72 -36.78 -4.29
N LEU A 444 45.31 -36.78 -3.04
CA LEU A 444 44.50 -37.86 -2.52
C LEU A 444 43.16 -37.91 -3.23
N LEU A 445 42.54 -36.75 -3.36
CA LEU A 445 41.25 -36.65 -4.01
C LEU A 445 41.34 -37.03 -5.48
N LYS A 446 42.54 -36.87 -6.06
CA LYS A 446 42.75 -37.07 -7.48
C LYS A 446 42.58 -38.53 -7.91
N GLN A 447 42.97 -39.46 -7.04
CA GLN A 447 42.82 -40.89 -7.31
C GLN A 447 41.35 -41.27 -7.29
N LEU A 448 40.66 -40.80 -6.27
CA LEU A 448 39.25 -41.06 -6.07
C LEU A 448 38.41 -40.52 -7.22
N LEU A 449 38.81 -39.37 -7.74
CA LEU A 449 38.07 -38.71 -8.81
C LEU A 449 38.31 -39.36 -10.15
N ASP A 450 39.51 -39.90 -10.34
CA ASP A 450 39.84 -40.58 -11.58
C ASP A 450 39.01 -41.85 -11.74
N MET A 451 38.59 -42.43 -10.62
CA MET A 451 37.85 -43.70 -10.65
C MET A 451 36.44 -43.54 -11.21
N GLY A 452 35.74 -42.49 -10.82
CA GLY A 452 34.38 -42.27 -11.29
C GLY A 452 33.52 -41.49 -10.32
N VAL A 453 34.05 -41.30 -9.12
CA VAL A 453 33.36 -40.53 -8.11
C VAL A 453 33.25 -39.11 -8.63
N THR A 454 32.12 -38.47 -8.38
CA THR A 454 31.82 -37.18 -8.98
C THR A 454 31.66 -36.06 -7.95
N CYS A 455 31.64 -36.42 -6.66
CA CYS A 455 31.59 -35.43 -5.58
C CYS A 455 32.29 -35.96 -4.32
N ILE A 456 32.75 -35.04 -3.48
CA ILE A 456 33.46 -35.39 -2.25
C ILE A 456 32.82 -34.73 -1.04
N LYS A 457 32.65 -35.51 0.01
CA LYS A 457 32.04 -35.00 1.23
C LYS A 457 33.13 -34.46 2.14
N THR A 458 33.18 -33.14 2.22
CA THR A 458 34.24 -32.45 2.93
C THR A 458 33.72 -32.17 4.34
N ASP A 459 33.62 -33.27 5.08
CA ASP A 459 33.12 -33.27 6.43
C ASP A 459 34.11 -32.56 7.33
N PHE A 460 33.63 -32.09 8.47
CA PHE A 460 34.51 -31.47 9.45
C PHE A 460 35.19 -30.22 8.88
N GLY A 461 36.18 -29.71 9.63
CA GLY A 461 36.84 -28.47 9.28
C GLY A 461 36.38 -27.30 10.15
N GLU A 462 35.61 -27.60 11.19
CA GLU A 462 35.22 -26.59 12.17
C GLU A 462 36.34 -26.41 13.17
N ASN A 463 37.08 -27.49 13.40
CA ASN A 463 38.19 -27.48 14.34
C ASN A 463 39.48 -27.91 13.68
N ILE A 464 40.58 -27.43 14.25
CA ILE A 464 41.91 -27.78 13.79
C ILE A 464 42.75 -28.05 15.02
N HIS A 465 43.90 -28.67 14.83
CA HIS A 465 44.79 -28.86 15.95
C HIS A 465 45.35 -27.51 16.33
N MET A 466 44.73 -26.89 17.33
CA MET A 466 45.12 -25.55 17.74
C MET A 466 46.49 -25.52 18.39
N ASP A 467 47.01 -26.68 18.75
CA ASP A 467 48.33 -26.78 19.37
C ASP A 467 49.35 -27.29 18.37
N ALA A 468 49.37 -26.68 17.21
CA ALA A 468 50.31 -27.05 16.16
C ALA A 468 50.85 -25.82 15.48
N VAL A 469 51.86 -26.00 14.64
CA VAL A 469 52.43 -24.90 13.86
C VAL A 469 52.24 -25.13 12.38
N TYR A 470 51.51 -24.22 11.74
CA TYR A 470 51.23 -24.29 10.31
C TYR A 470 52.16 -23.33 9.56
N LYS A 471 52.40 -23.63 8.28
CA LYS A 471 53.35 -22.86 7.47
C LYS A 471 52.81 -21.49 7.08
N GLY A 472 51.72 -21.07 7.71
CA GLY A 472 51.19 -19.73 7.50
C GLY A 472 50.63 -19.17 8.80
N MET A 473 49.41 -18.65 8.78
CA MET A 473 48.86 -17.95 9.93
C MET A 473 48.90 -18.77 11.22
N LYS A 474 48.91 -18.06 12.34
CA LYS A 474 48.86 -18.69 13.66
C LYS A 474 47.52 -19.40 13.82
N PRO A 475 47.50 -20.47 14.61
CA PRO A 475 46.31 -21.30 14.77
C PRO A 475 45.05 -20.48 15.09
N GLU A 476 45.20 -19.48 15.94
CA GLU A 476 44.08 -18.61 16.34
C GLU A 476 43.40 -17.86 15.20
N LEU A 477 44.00 -17.89 14.01
CA LEU A 477 43.47 -17.19 12.84
C LEU A 477 43.09 -18.15 11.73
N LEU A 478 43.86 -19.23 11.56
CA LEU A 478 43.59 -20.16 10.50
C LEU A 478 42.32 -20.96 10.72
N ASN A 479 41.90 -21.10 11.98
CA ASN A 479 40.84 -22.03 12.34
C ASN A 479 39.55 -21.76 11.56
N ASN A 480 39.08 -20.53 11.57
CA ASN A 480 37.80 -20.24 10.94
C ASN A 480 37.93 -20.17 9.42
N LEU A 481 39.05 -19.64 8.97
CA LEU A 481 39.33 -19.55 7.55
C LEU A 481 39.46 -20.93 6.91
N TYR A 482 39.68 -21.93 7.74
CA TYR A 482 39.99 -23.27 7.26
C TYR A 482 38.91 -23.87 6.35
N ALA A 483 37.64 -23.62 6.65
CA ALA A 483 36.57 -24.21 5.85
C ALA A 483 36.63 -23.70 4.43
N LEU A 484 37.16 -22.49 4.27
CA LEU A 484 37.33 -21.90 2.96
C LEU A 484 38.43 -22.61 2.19
N LEU A 485 39.60 -22.70 2.81
CA LEU A 485 40.76 -23.32 2.19
C LEU A 485 40.46 -24.78 1.92
N TYR A 486 39.92 -25.43 2.94
CA TYR A 486 39.57 -26.84 2.90
C TYR A 486 38.65 -27.16 1.73
N GLN A 487 37.54 -26.42 1.65
CA GLN A 487 36.56 -26.69 0.61
C GLN A 487 36.98 -26.13 -0.74
N LYS A 488 37.88 -25.15 -0.76
CA LYS A 488 38.41 -24.64 -2.01
C LYS A 488 39.23 -25.70 -2.73
N ALA A 489 40.07 -26.41 -1.98
CA ALA A 489 40.96 -27.40 -2.55
C ALA A 489 40.20 -28.55 -3.20
N ALA A 490 39.22 -29.11 -2.50
CA ALA A 490 38.48 -30.24 -3.00
C ALA A 490 37.51 -29.83 -4.12
N TYR A 491 37.17 -28.56 -4.14
CA TYR A 491 36.32 -28.02 -5.20
C TYR A 491 37.13 -27.86 -6.46
N GLU A 492 38.26 -27.17 -6.32
CA GLU A 492 39.19 -26.95 -7.40
C GLU A 492 39.57 -28.22 -8.09
N ILE A 493 40.05 -29.18 -7.30
CA ILE A 493 40.54 -30.44 -7.84
C ILE A 493 39.40 -31.17 -8.51
N THR A 494 38.23 -31.15 -7.87
CA THR A 494 37.05 -31.83 -8.41
C THR A 494 36.72 -31.30 -9.81
N LYS A 495 36.78 -29.98 -9.99
CA LYS A 495 36.48 -29.37 -11.27
C LYS A 495 37.54 -29.72 -12.32
N GLU A 496 38.79 -29.85 -11.89
CA GLU A 496 39.89 -30.15 -12.80
C GLU A 496 39.70 -31.51 -13.45
N VAL A 497 39.14 -32.45 -12.70
CA VAL A 497 38.93 -33.82 -13.20
C VAL A 497 37.49 -33.98 -13.72
N THR A 498 36.53 -33.65 -12.88
CA THR A 498 35.12 -33.76 -13.23
C THR A 498 34.73 -32.83 -14.37
N GLY A 499 35.17 -31.58 -14.26
CA GLY A 499 34.69 -30.52 -15.12
C GLY A 499 33.53 -29.80 -14.45
N ASP A 500 33.30 -30.15 -13.19
CA ASP A 500 32.20 -29.62 -12.40
C ASP A 500 32.68 -29.19 -11.03
N GLY A 501 32.35 -27.97 -10.63
CA GLY A 501 32.64 -27.52 -9.28
C GLY A 501 31.57 -27.96 -8.29
N ILE A 502 31.83 -29.06 -7.59
CA ILE A 502 30.87 -29.58 -6.61
C ILE A 502 31.56 -30.17 -5.38
N VAL A 503 31.03 -29.83 -4.22
CA VAL A 503 31.59 -30.27 -2.94
C VAL A 503 30.43 -30.43 -1.98
N TRP A 504 30.52 -31.44 -1.13
CA TRP A 504 29.53 -31.63 -0.08
C TRP A 504 30.19 -31.28 1.25
N ALA A 505 29.84 -30.11 1.78
CA ALA A 505 30.60 -29.52 2.89
C ALA A 505 29.76 -29.23 4.13
N ARG A 506 30.35 -29.40 5.31
CA ARG A 506 29.62 -29.22 6.56
C ARG A 506 30.04 -27.99 7.37
N ALA A 507 31.22 -27.46 7.07
CA ALA A 507 31.70 -26.26 7.74
C ALA A 507 31.65 -25.11 6.76
N ALA A 508 31.63 -23.88 7.27
CA ALA A 508 31.69 -22.71 6.42
C ALA A 508 32.17 -21.47 7.14
N TRP A 509 32.71 -20.57 6.36
CA TRP A 509 33.11 -19.25 6.81
C TRP A 509 32.85 -18.33 5.63
N ALA A 510 33.06 -17.02 5.82
CA ALA A 510 32.89 -16.08 4.73
C ALA A 510 33.79 -16.46 3.57
N GLY A 511 33.18 -16.61 2.39
CA GLY A 511 33.88 -17.00 1.19
C GLY A 511 33.53 -18.40 0.69
N CYS A 512 32.90 -19.19 1.55
CA CYS A 512 32.57 -20.58 1.23
C CYS A 512 31.36 -20.72 0.29
N GLN A 513 30.68 -19.62 -0.01
CA GLN A 513 29.51 -19.69 -0.87
C GLN A 513 29.90 -19.86 -2.34
N ARG A 514 31.18 -19.68 -2.64
CA ARG A 514 31.67 -19.87 -4.00
C ARG A 514 31.52 -21.31 -4.40
N TYR A 515 31.55 -22.19 -3.40
CA TYR A 515 31.68 -23.62 -3.65
C TYR A 515 30.46 -24.43 -3.19
N PRO A 516 29.45 -24.58 -4.07
CA PRO A 516 28.24 -25.34 -3.72
C PRO A 516 28.51 -26.84 -3.49
N LEU A 517 27.85 -27.52 -2.54
CA LEU A 517 26.86 -26.98 -1.61
C LEU A 517 27.18 -27.39 -0.16
N HIS A 518 26.24 -27.11 0.76
CA HIS A 518 26.49 -27.20 2.20
C HIS A 518 25.28 -27.75 2.98
N TRP A 519 25.46 -28.85 3.71
CA TRP A 519 24.28 -29.55 4.26
C TRP A 519 24.13 -29.36 5.75
N GLY A 520 22.87 -29.49 6.18
CA GLY A 520 22.39 -29.08 7.48
C GLY A 520 22.97 -29.72 8.72
N GLY A 521 23.95 -30.60 8.55
CA GLY A 521 24.62 -31.20 9.68
C GLY A 521 23.95 -32.46 10.18
N ASP A 522 24.11 -32.70 11.48
CA ASP A 522 23.53 -33.87 12.13
C ASP A 522 22.29 -33.50 12.90
N SER A 523 21.16 -33.37 12.21
CA SER A 523 19.94 -33.04 12.90
C SER A 523 19.32 -34.27 13.52
N CYS A 524 18.48 -34.06 14.53
CA CYS A 524 17.73 -35.13 15.14
C CYS A 524 16.50 -35.42 14.29
N SER A 525 16.25 -36.69 14.01
CA SER A 525 15.02 -37.08 13.36
C SER A 525 13.82 -36.84 14.27
N SER A 526 13.46 -35.58 14.43
CA SER A 526 12.31 -35.17 15.22
C SER A 526 11.81 -33.83 14.68
N TRP A 527 10.67 -33.38 15.19
CA TRP A 527 10.10 -32.13 14.71
C TRP A 527 11.02 -30.98 15.11
N ASP A 528 11.90 -31.22 16.08
CA ASP A 528 12.82 -30.17 16.52
C ASP A 528 13.99 -30.07 15.58
N GLY A 529 14.42 -31.20 15.05
CA GLY A 529 15.46 -31.19 14.03
C GLY A 529 14.91 -30.63 12.74
N MET A 530 13.66 -30.93 12.42
CA MET A 530 13.09 -30.41 11.18
C MET A 530 13.05 -28.88 11.25
N ALA A 531 12.49 -28.34 12.32
CA ALA A 531 12.28 -26.90 12.43
C ALA A 531 13.60 -26.19 12.67
N GLY A 532 14.43 -26.81 13.49
CA GLY A 532 15.74 -26.30 13.80
C GLY A 532 16.59 -26.25 12.54
N SER A 533 16.50 -27.30 11.74
CA SER A 533 17.25 -27.35 10.51
C SER A 533 16.78 -26.23 9.59
N LEU A 534 15.47 -26.01 9.52
CA LEU A 534 14.95 -25.03 8.57
C LEU A 534 15.43 -23.64 8.94
N LYS A 535 15.40 -23.32 10.24
CA LYS A 535 15.99 -22.07 10.73
C LYS A 535 17.37 -21.87 10.15
N GLY A 536 18.15 -22.94 10.18
CA GLY A 536 19.52 -22.92 9.72
C GLY A 536 19.62 -22.51 8.28
N GLY A 537 18.85 -23.18 7.42
CA GLY A 537 18.91 -22.93 5.99
C GLY A 537 18.48 -21.51 5.66
N LEU A 538 17.58 -20.98 6.46
CA LEU A 538 17.06 -19.64 6.23
C LEU A 538 18.09 -18.55 6.54
N HIS A 539 18.79 -18.69 7.66
CA HIS A 539 19.82 -17.74 8.03
C HIS A 539 21.01 -17.93 7.12
N PHE A 540 21.10 -19.13 6.56
CA PHE A 540 22.17 -19.49 5.66
C PHE A 540 21.94 -18.87 4.28
N GLY A 541 20.68 -18.78 3.88
CA GLY A 541 20.34 -18.17 2.61
C GLY A 541 20.53 -16.69 2.75
N LEU A 542 20.43 -16.22 3.98
CA LEU A 542 20.54 -14.80 4.28
C LEU A 542 21.97 -14.47 4.66
N SER A 543 22.87 -15.42 4.37
CA SER A 543 24.28 -15.22 4.62
C SER A 543 25.10 -15.50 3.37
N GLY A 544 24.49 -15.27 2.21
CA GLY A 544 25.21 -15.21 0.96
C GLY A 544 25.36 -16.54 0.24
N PHE A 545 24.75 -17.58 0.79
CA PHE A 545 24.75 -18.89 0.15
C PHE A 545 23.50 -19.08 -0.72
N ALA A 546 23.62 -19.96 -1.71
CA ALA A 546 22.53 -20.31 -2.60
C ALA A 546 22.02 -21.75 -2.38
N PHE A 547 22.96 -22.67 -2.26
CA PHE A 547 22.64 -24.10 -2.22
C PHE A 547 22.86 -24.69 -0.84
N TRP A 548 21.75 -25.08 -0.22
CA TRP A 548 21.76 -25.68 1.12
C TRP A 548 20.90 -26.94 1.18
N SER A 549 21.33 -27.90 1.99
CA SER A 549 20.64 -29.17 2.10
C SER A 549 20.48 -29.59 3.55
N HIS A 550 20.01 -30.81 3.75
CA HIS A 550 19.80 -31.35 5.09
C HIS A 550 19.55 -32.84 5.01
N ASP A 551 19.97 -33.57 6.04
CA ASP A 551 19.84 -35.01 6.04
C ASP A 551 18.40 -35.37 6.28
N VAL A 552 17.89 -36.25 5.44
CA VAL A 552 16.48 -36.61 5.45
C VAL A 552 16.29 -38.04 5.94
N PRO A 553 15.35 -38.26 6.86
CA PRO A 553 14.59 -37.26 7.62
C PRO A 553 15.21 -36.99 8.99
N GLY A 554 16.20 -36.09 9.03
CA GLY A 554 16.98 -35.88 10.24
C GLY A 554 18.08 -36.92 10.21
N PHE A 555 19.20 -36.61 10.86
CA PHE A 555 20.39 -37.46 10.81
C PHE A 555 20.30 -38.67 11.76
N HIS A 556 19.96 -38.39 13.01
CA HIS A 556 19.97 -39.36 14.09
C HIS A 556 18.66 -39.37 14.87
N THR A 557 18.24 -40.57 15.27
CA THR A 557 17.05 -40.77 16.07
C THR A 557 17.33 -40.68 17.57
N LEU A 558 16.28 -40.48 18.37
CA LEU A 558 16.39 -40.47 19.83
C LEU A 558 15.34 -41.36 20.49
N PRO A 559 15.70 -41.97 21.63
CA PRO A 559 17.01 -42.06 22.27
C PRO A 559 17.69 -43.33 21.85
N ASN A 560 19.01 -43.30 21.69
CA ASN A 560 19.80 -44.34 21.03
C ASN A 560 20.07 -43.88 19.62
N PHE A 561 21.16 -43.13 19.49
CA PHE A 561 21.70 -42.60 18.25
C PHE A 561 21.53 -43.53 17.05
N MET A 562 21.83 -44.80 17.24
CA MET A 562 22.05 -45.72 16.13
C MET A 562 20.97 -46.77 15.94
N ASN A 563 20.03 -46.88 16.89
CA ASN A 563 19.20 -48.07 16.96
C ASN A 563 17.70 -47.84 17.15
N SER A 564 17.30 -46.57 17.29
CA SER A 564 15.89 -46.26 17.39
C SER A 564 15.22 -46.32 16.04
N ILE A 565 13.93 -46.02 16.03
CA ILE A 565 13.11 -46.04 14.83
C ILE A 565 12.86 -44.61 14.38
N VAL A 566 12.86 -44.37 13.07
CA VAL A 566 12.79 -43.00 12.53
C VAL A 566 11.41 -42.37 12.74
N ALA A 567 10.37 -43.17 12.43
CA ALA A 567 8.95 -42.77 12.47
C ALA A 567 8.48 -42.22 11.13
N GLU A 568 7.66 -43.00 10.44
CA GLU A 568 7.11 -42.64 9.14
C GLU A 568 6.54 -41.23 9.11
N ASP A 569 5.87 -40.90 10.21
CA ASP A 569 5.33 -39.59 10.47
C ASP A 569 6.31 -38.48 10.05
N VAL A 570 7.44 -38.47 10.75
CA VAL A 570 8.54 -37.57 10.49
C VAL A 570 9.15 -37.76 9.09
N TYR A 571 9.23 -39.01 8.64
CA TYR A 571 9.87 -39.32 7.38
C TYR A 571 9.17 -38.57 6.24
N MET A 572 7.88 -38.80 6.11
CA MET A 572 7.10 -38.29 5.00
C MET A 572 7.08 -36.76 4.95
N ARG A 573 7.09 -36.13 6.13
CA ARG A 573 6.95 -34.69 6.23
C ARG A 573 8.29 -33.99 6.02
N TRP A 574 9.38 -34.74 6.18
CA TRP A 574 10.71 -34.27 5.83
C TRP A 574 10.99 -34.50 4.36
N THR A 575 10.49 -35.61 3.83
CA THR A 575 10.69 -35.93 2.43
C THR A 575 10.10 -34.78 1.61
N GLN A 576 8.95 -34.30 2.05
CA GLN A 576 8.23 -33.23 1.38
C GLN A 576 9.05 -31.97 1.43
N PHE A 577 9.44 -31.61 2.65
CA PHE A 577 10.26 -30.45 2.92
C PHE A 577 11.53 -30.56 2.10
N GLY A 578 12.06 -31.78 2.03
CA GLY A 578 13.29 -32.03 1.32
C GLY A 578 13.21 -31.78 -0.17
N VAL A 579 12.13 -32.24 -0.79
CA VAL A 579 11.95 -32.09 -2.23
C VAL A 579 12.02 -30.62 -2.59
N PHE A 580 11.41 -29.77 -1.77
CA PHE A 580 11.35 -28.34 -2.06
C PHE A 580 12.50 -27.60 -1.41
N THR A 581 13.68 -28.21 -1.49
CA THR A 581 14.93 -27.59 -1.07
C THR A 581 15.99 -27.83 -2.16
N SER A 582 17.01 -26.98 -2.19
CA SER A 582 18.01 -26.96 -3.25
C SER A 582 18.56 -28.35 -3.56
N HIS A 583 18.79 -29.14 -2.52
CA HIS A 583 19.32 -30.48 -2.68
C HIS A 583 18.66 -31.42 -1.69
N ILE A 584 18.45 -32.67 -2.10
CA ILE A 584 17.77 -33.66 -1.28
C ILE A 584 18.63 -34.90 -1.10
N ARG A 585 18.84 -35.25 0.16
CA ARG A 585 19.72 -36.34 0.51
C ARG A 585 19.21 -37.14 1.72
N TYR A 586 19.08 -38.45 1.52
CA TYR A 586 18.66 -39.39 2.55
C TYR A 586 19.87 -39.97 3.22
N HIS A 587 20.05 -39.67 4.49
CA HIS A 587 21.26 -40.07 5.19
C HIS A 587 21.11 -40.15 6.70
N GLY A 588 21.72 -41.16 7.29
CA GLY A 588 21.82 -41.20 8.74
C GLY A 588 22.12 -42.52 9.38
N THR A 589 22.06 -42.48 10.70
CA THR A 589 22.41 -43.57 11.62
C THR A 589 21.78 -44.94 11.33
N ASN A 590 20.73 -44.96 10.52
CA ASN A 590 19.97 -46.18 10.30
C ASN A 590 19.32 -46.16 8.92
N LYS A 591 18.86 -47.33 8.46
CA LYS A 591 18.36 -47.51 7.09
C LYS A 591 17.52 -46.35 6.60
N ARG A 592 17.78 -45.93 5.36
CA ARG A 592 17.09 -44.78 4.79
C ARG A 592 16.19 -45.17 3.62
N GLU A 593 16.32 -46.39 3.15
CA GLU A 593 15.65 -46.79 1.92
C GLU A 593 14.17 -46.98 2.17
N PRO A 594 13.35 -46.47 1.24
CA PRO A 594 11.88 -46.39 1.36
C PRO A 594 11.21 -47.71 1.75
N TRP A 595 11.69 -48.82 1.20
CA TRP A 595 11.06 -50.12 1.43
C TRP A 595 11.11 -50.52 2.91
N HIS A 596 11.89 -49.80 3.70
CA HIS A 596 11.94 -50.03 5.14
C HIS A 596 10.85 -49.23 5.85
N TYR A 597 10.11 -48.45 5.09
CA TYR A 597 8.99 -47.68 5.62
C TYR A 597 7.78 -47.86 4.71
N PRO A 598 7.17 -49.05 4.73
CA PRO A 598 5.96 -49.36 3.96
C PRO A 598 4.84 -48.39 4.29
N ALA A 599 3.76 -48.41 3.53
CA ALA A 599 2.62 -47.53 3.76
C ALA A 599 2.95 -46.06 3.52
N ILE A 600 4.23 -45.73 3.51
CA ILE A 600 4.69 -44.39 3.16
C ILE A 600 5.51 -44.52 1.88
N ALA A 601 6.15 -45.68 1.72
CA ALA A 601 7.04 -45.93 0.60
C ALA A 601 6.35 -45.68 -0.74
N PRO A 602 5.05 -46.00 -0.85
CA PRO A 602 4.44 -45.68 -2.14
C PRO A 602 4.46 -44.18 -2.37
N LEU A 603 4.13 -43.43 -1.34
CA LEU A 603 3.98 -41.98 -1.47
C LEU A 603 5.34 -41.32 -1.67
N VAL A 604 6.30 -41.77 -0.88
CA VAL A 604 7.69 -41.33 -1.02
C VAL A 604 8.17 -41.45 -2.47
N LYS A 605 7.70 -42.49 -3.16
CA LYS A 605 8.06 -42.70 -4.55
C LYS A 605 7.40 -41.66 -5.45
N LYS A 606 6.15 -41.35 -5.13
CA LYS A 606 5.38 -40.37 -5.88
C LYS A 606 5.93 -38.99 -5.63
N TRP A 607 6.64 -38.84 -4.52
CA TRP A 607 7.20 -37.56 -4.12
C TRP A 607 8.62 -37.43 -4.62
N TRP A 608 9.21 -38.53 -5.08
CA TRP A 608 10.49 -38.47 -5.78
C TRP A 608 10.22 -38.21 -7.25
N LYS A 609 9.06 -38.67 -7.71
CA LYS A 609 8.67 -38.44 -9.08
C LYS A 609 8.37 -36.95 -9.26
N LEU A 610 7.82 -36.32 -8.23
CA LEU A 610 7.53 -34.89 -8.25
C LEU A 610 8.84 -34.09 -8.34
N ARG A 611 9.84 -34.52 -7.58
CA ARG A 611 11.13 -33.84 -7.51
C ARG A 611 11.76 -33.73 -8.89
N TYR A 612 11.55 -34.76 -9.70
CA TYR A 612 12.07 -34.79 -11.05
C TYR A 612 11.19 -33.96 -12.00
N SER A 613 9.90 -33.89 -11.68
CA SER A 613 8.97 -33.05 -12.43
C SER A 613 9.25 -31.57 -12.18
N LEU A 614 10.15 -31.27 -11.25
CA LEU A 614 10.38 -29.90 -10.83
C LEU A 614 11.84 -29.48 -10.99
N ILE A 615 12.70 -30.40 -11.43
CA ILE A 615 14.13 -30.14 -11.64
C ILE A 615 14.33 -28.91 -12.51
N PRO A 616 13.61 -28.82 -13.65
CA PRO A 616 13.77 -27.67 -14.53
C PRO A 616 13.55 -26.35 -13.81
N TYR A 617 12.47 -26.25 -13.04
CA TYR A 617 12.18 -25.06 -12.29
C TYR A 617 13.28 -24.75 -11.30
N ILE A 618 13.84 -25.79 -10.69
CA ILE A 618 14.91 -25.61 -9.72
C ILE A 618 16.16 -25.06 -10.41
N ILE A 619 16.48 -25.62 -11.57
CA ILE A 619 17.61 -25.15 -12.37
C ILE A 619 17.50 -23.71 -12.82
N GLU A 620 16.35 -23.32 -13.35
CA GLU A 620 16.18 -21.97 -13.86
C GLU A 620 16.29 -20.95 -12.74
N GLN A 621 15.82 -21.30 -11.55
CA GLN A 621 15.88 -20.40 -10.41
C GLN A 621 17.30 -20.29 -9.91
N SER A 622 18.01 -21.42 -9.91
CA SER A 622 19.38 -21.47 -9.46
C SER A 622 20.31 -20.78 -10.44
N LYS A 623 20.01 -20.90 -11.72
CA LYS A 623 20.78 -20.22 -12.76
C LYS A 623 20.68 -18.71 -12.60
N LEU A 624 19.61 -18.26 -11.97
CA LEU A 624 19.44 -16.86 -11.61
C LEU A 624 20.11 -16.58 -10.28
N ALA A 625 20.20 -17.60 -9.44
CA ALA A 625 20.77 -17.45 -8.10
C ALA A 625 22.27 -17.29 -8.17
N VAL A 626 22.91 -18.12 -8.99
CA VAL A 626 24.36 -18.08 -9.19
C VAL A 626 24.86 -16.74 -9.73
N GLU A 627 23.93 -15.91 -10.19
CA GLU A 627 24.26 -14.64 -10.80
C GLU A 627 23.83 -13.45 -9.94
N SER A 628 23.32 -13.74 -8.75
CA SER A 628 22.72 -12.70 -7.93
C SER A 628 22.83 -12.97 -6.43
N GLY A 629 22.11 -12.19 -5.64
CA GLY A 629 22.11 -12.33 -4.20
C GLY A 629 21.06 -13.29 -3.67
N TRP A 630 20.26 -13.86 -4.55
CA TRP A 630 19.19 -14.77 -4.13
C TRP A 630 19.72 -16.14 -3.69
N PRO A 631 19.04 -16.77 -2.72
CA PRO A 631 19.16 -18.21 -2.46
C PRO A 631 17.98 -19.02 -3.01
N LEU A 632 18.11 -20.34 -3.08
CA LEU A 632 16.96 -21.20 -3.40
C LEU A 632 15.95 -21.25 -2.24
N LEU A 633 16.46 -21.47 -1.03
CA LEU A 633 15.62 -21.43 0.16
C LEU A 633 15.64 -20.02 0.74
N GLN A 634 14.50 -19.35 0.70
CA GLN A 634 14.42 -17.91 0.96
C GLN A 634 13.44 -17.55 2.06
N ALA A 635 13.90 -16.80 3.05
CA ALA A 635 13.01 -16.28 4.08
C ALA A 635 11.98 -15.33 3.46
N LEU A 636 10.81 -15.25 4.09
CA LEU A 636 9.76 -14.39 3.57
C LEU A 636 10.11 -12.92 3.52
N ILE A 637 11.13 -12.48 4.26
CA ILE A 637 11.50 -11.07 4.28
C ILE A 637 12.24 -10.66 3.00
N LEU A 638 12.82 -11.64 2.32
CA LEU A 638 13.44 -11.40 1.02
C LEU A 638 12.40 -10.96 -0.01
N HIS A 639 11.13 -11.18 0.31
CA HIS A 639 10.06 -10.77 -0.58
C HIS A 639 9.17 -9.77 0.12
N HIS A 640 9.14 -9.85 1.45
CA HIS A 640 8.27 -8.99 2.26
C HIS A 640 8.99 -8.43 3.46
N PRO A 641 9.85 -7.44 3.24
CA PRO A 641 10.63 -6.89 4.35
C PRO A 641 9.89 -5.82 5.13
N GLU A 642 8.77 -5.33 4.62
CA GLU A 642 8.04 -4.26 5.30
C GLU A 642 6.83 -4.83 6.02
N ASP A 643 6.77 -6.15 6.13
CA ASP A 643 5.72 -6.83 6.87
C ASP A 643 6.35 -7.41 8.12
N LYS A 644 5.93 -6.89 9.28
CA LYS A 644 6.61 -7.21 10.51
C LYS A 644 6.49 -8.68 10.88
N LEU A 645 5.36 -9.27 10.53
CA LEU A 645 5.14 -10.67 10.81
C LEU A 645 6.23 -11.53 10.17
N CYS A 646 6.56 -11.22 8.93
CA CYS A 646 7.50 -12.01 8.15
C CYS A 646 8.92 -12.06 8.74
N TRP A 647 9.28 -11.04 9.52
CA TRP A 647 10.58 -11.01 10.16
C TRP A 647 10.58 -11.95 11.37
N HIS A 648 9.44 -12.61 11.58
CA HIS A 648 9.28 -13.54 12.70
C HIS A 648 8.73 -14.90 12.27
N ILE A 649 8.75 -15.19 10.98
CA ILE A 649 8.30 -16.47 10.48
C ILE A 649 9.48 -17.31 10.00
N ASP A 650 9.80 -18.37 10.75
CA ASP A 650 10.86 -19.28 10.37
C ASP A 650 10.31 -20.68 10.06
N ASP A 651 9.00 -20.76 9.80
CA ASP A 651 8.32 -22.03 9.56
C ASP A 651 7.78 -22.07 8.12
N GLU A 652 7.90 -20.95 7.41
CA GLU A 652 7.50 -20.85 6.01
C GLU A 652 8.63 -20.26 5.17
N TYR A 653 8.58 -20.46 3.85
CA TYR A 653 9.65 -19.92 3.00
C TYR A 653 9.34 -19.99 1.52
N TYR A 654 10.12 -19.23 0.75
CA TYR A 654 10.07 -19.33 -0.70
C TYR A 654 11.09 -20.34 -1.19
N PHE A 655 10.63 -21.26 -2.02
CA PHE A 655 11.51 -22.13 -2.78
C PHE A 655 11.57 -21.60 -4.19
N GLY A 656 12.73 -21.11 -4.61
CA GLY A 656 12.80 -20.35 -5.83
C GLY A 656 11.99 -19.09 -5.62
N ASN A 657 11.47 -18.54 -6.70
CA ASN A 657 10.80 -17.25 -6.66
C ASN A 657 9.28 -17.36 -6.65
N ASP A 658 8.76 -18.52 -7.06
CA ASP A 658 7.32 -18.66 -7.29
C ASP A 658 6.62 -19.62 -6.34
N PHE A 659 7.36 -20.22 -5.40
CA PHE A 659 6.80 -21.25 -4.53
C PHE A 659 6.88 -20.91 -3.04
N LEU A 660 5.71 -20.82 -2.41
CA LEU A 660 5.60 -20.63 -0.97
C LEU A 660 5.44 -21.97 -0.28
N VAL A 661 6.33 -22.24 0.68
CA VAL A 661 6.35 -23.51 1.40
C VAL A 661 6.13 -23.31 2.88
N ALA A 662 5.08 -23.92 3.41
CA ALA A 662 4.79 -23.90 4.83
C ALA A 662 4.63 -25.33 5.35
N PRO A 663 5.75 -26.02 5.64
CA PRO A 663 5.73 -27.46 5.95
C PRO A 663 5.01 -27.86 7.24
N VAL A 664 4.43 -29.05 7.24
CA VAL A 664 3.81 -29.62 8.43
C VAL A 664 4.89 -30.30 9.28
N MET A 665 5.14 -29.78 10.46
CA MET A 665 6.21 -30.33 11.29
C MET A 665 5.54 -30.85 12.59
N ASN A 666 4.43 -31.57 12.37
CA ASN A 666 3.52 -32.05 13.41
C ASN A 666 3.18 -33.53 13.25
N SER A 667 2.82 -34.16 14.36
CA SER A 667 2.20 -35.48 14.31
C SER A 667 0.70 -35.33 14.23
N GLU A 668 0.18 -34.22 14.73
CA GLU A 668 -1.27 -33.95 14.68
C GLU A 668 -1.76 -33.58 13.29
N ASN A 669 -0.82 -33.36 12.37
CA ASN A 669 -1.16 -33.12 10.95
C ASN A 669 -2.01 -31.88 10.70
N ARG A 670 -1.90 -30.90 11.59
CA ARG A 670 -2.62 -29.65 11.46
C ARG A 670 -1.66 -28.50 11.72
N ARG A 671 -1.88 -27.37 11.05
CA ARG A 671 -1.05 -26.18 11.29
C ARG A 671 -1.69 -24.88 10.82
N ASP A 672 -1.05 -23.77 11.20
CA ASP A 672 -1.41 -22.44 10.74
C ASP A 672 -0.47 -21.98 9.63
N ILE A 673 -1.02 -21.32 8.63
CA ILE A 673 -0.22 -20.77 7.53
C ILE A 673 -0.54 -19.31 7.29
N TYR A 674 0.51 -18.49 7.31
CA TYR A 674 0.39 -17.10 6.93
C TYR A 674 0.65 -16.92 5.43
N LEU A 675 -0.38 -16.59 4.68
CA LEU A 675 -0.19 -16.08 3.31
C LEU A 675 0.24 -14.63 3.38
N PRO A 676 1.40 -14.29 2.79
CA PRO A 676 1.76 -12.87 2.70
C PRO A 676 1.00 -12.22 1.54
N GLU A 677 1.23 -10.94 1.28
CA GLU A 677 0.50 -10.23 0.23
C GLU A 677 0.62 -10.93 -1.13
N GLY A 678 -0.52 -11.14 -1.77
CA GLY A 678 -0.54 -11.79 -3.06
C GLY A 678 -1.86 -12.47 -3.28
N GLN A 679 -2.09 -12.87 -4.52
CA GLN A 679 -3.16 -13.78 -4.87
C GLN A 679 -2.49 -15.13 -4.94
N TRP A 680 -2.97 -16.08 -4.15
CA TRP A 680 -2.25 -17.32 -3.96
C TRP A 680 -3.01 -18.54 -4.46
N VAL A 681 -2.27 -19.48 -5.01
CA VAL A 681 -2.84 -20.69 -5.59
C VAL A 681 -2.15 -21.92 -5.05
N ASN A 682 -2.93 -22.77 -4.38
CA ASN A 682 -2.45 -24.06 -3.92
C ASN A 682 -1.89 -24.88 -5.08
N PHE A 683 -0.69 -25.43 -4.91
CA PHE A 683 -0.01 -26.06 -6.02
C PHE A 683 -0.56 -27.44 -6.36
N PHE A 684 -1.24 -28.07 -5.42
CA PHE A 684 -1.78 -29.42 -5.61
C PHE A 684 -3.29 -29.38 -5.77
N THR A 685 -3.92 -28.40 -5.15
CA THR A 685 -5.35 -28.20 -5.25
C THR A 685 -5.67 -26.79 -5.66
N GLY A 686 -5.29 -26.41 -6.87
CA GLY A 686 -5.44 -25.06 -7.39
C GLY A 686 -6.59 -24.25 -6.85
N GLU A 687 -6.52 -23.96 -5.56
CA GLU A 687 -7.56 -23.23 -4.86
C GLU A 687 -7.13 -21.77 -4.72
N ARG A 688 -7.90 -20.84 -5.28
CA ARG A 688 -7.51 -19.44 -5.24
C ARG A 688 -7.65 -18.83 -3.83
N LEU A 689 -6.52 -18.57 -3.20
CA LEU A 689 -6.49 -18.07 -1.83
C LEU A 689 -6.35 -16.55 -1.74
N GLN A 690 -7.27 -15.96 -1.00
CA GLN A 690 -7.53 -14.52 -0.97
C GLN A 690 -6.30 -13.61 -0.94
N GLY A 691 -5.54 -13.61 0.16
CA GLY A 691 -4.55 -12.57 0.30
C GLY A 691 -3.44 -12.68 1.33
N GLY A 692 -3.34 -11.64 2.15
CA GLY A 692 -2.26 -11.52 3.12
C GLY A 692 -2.79 -11.79 4.50
N ARG A 693 -3.19 -13.04 4.73
CA ARG A 693 -3.92 -13.41 5.92
C ARG A 693 -3.48 -14.76 6.47
N TRP A 694 -4.01 -15.11 7.62
CA TRP A 694 -3.71 -16.38 8.25
C TRP A 694 -4.68 -17.48 7.82
N LEU A 695 -4.13 -18.68 7.58
CA LEU A 695 -4.93 -19.88 7.38
C LEU A 695 -4.85 -20.68 8.67
N LYS A 696 -5.92 -20.63 9.47
CA LYS A 696 -5.88 -21.15 10.83
C LYS A 696 -6.29 -22.62 10.96
N GLU A 697 -5.51 -23.37 11.75
CA GLU A 697 -5.79 -24.76 12.09
C GLU A 697 -6.13 -25.63 10.88
N VAL A 698 -5.47 -25.28 9.77
CA VAL A 698 -5.53 -26.05 8.54
C VAL A 698 -5.09 -27.50 8.71
N TYR A 699 -5.96 -28.43 8.33
CA TYR A 699 -5.58 -29.83 8.31
C TYR A 699 -4.94 -30.13 6.99
N VAL A 700 -3.75 -30.68 7.08
CA VAL A 700 -3.01 -31.12 5.91
C VAL A 700 -2.95 -32.64 5.96
N PRO A 701 -3.46 -33.33 4.93
CA PRO A 701 -3.26 -34.77 4.96
C PRO A 701 -1.80 -35.15 4.82
N LEU A 702 -1.46 -36.38 5.19
CA LEU A 702 -0.07 -36.81 5.24
C LEU A 702 0.55 -36.85 3.85
N GLU A 703 -0.29 -37.01 2.83
CA GLU A 703 0.18 -37.13 1.46
C GLU A 703 0.60 -35.80 0.85
N GLU A 704 0.28 -34.72 1.54
CA GLU A 704 0.29 -33.39 0.95
C GLU A 704 1.04 -32.40 1.84
N MET A 705 1.70 -31.43 1.24
CA MET A 705 2.32 -30.30 1.96
C MET A 705 1.64 -29.01 1.48
N PRO A 706 1.52 -28.00 2.34
CA PRO A 706 1.07 -26.67 1.87
C PRO A 706 2.07 -26.00 0.92
N VAL A 707 1.68 -25.88 -0.35
CA VAL A 707 2.52 -25.25 -1.36
C VAL A 707 1.69 -24.31 -2.20
N TYR A 708 2.17 -23.08 -2.39
CA TYR A 708 1.40 -22.07 -3.12
C TYR A 708 2.22 -21.39 -4.20
N VAL A 709 1.55 -21.08 -5.31
CA VAL A 709 2.14 -20.31 -6.38
C VAL A 709 1.34 -19.05 -6.61
N ARG A 710 1.98 -18.04 -7.20
CA ARG A 710 1.30 -16.80 -7.46
C ARG A 710 0.27 -16.99 -8.58
N GLU A 711 -0.91 -16.41 -8.43
CA GLU A 711 -1.90 -16.43 -9.49
C GLU A 711 -1.24 -15.80 -10.72
N ASN A 712 -1.31 -16.54 -11.82
CA ASN A 712 -0.43 -16.39 -12.99
C ASN A 712 0.72 -17.37 -12.88
N ALA A 713 1.95 -16.84 -12.82
CA ALA A 713 3.14 -17.67 -12.74
C ALA A 713 3.23 -18.67 -13.89
N VAL A 714 4.36 -19.37 -13.95
CA VAL A 714 4.65 -20.28 -15.05
C VAL A 714 5.91 -21.04 -14.65
N ILE A 715 5.75 -22.33 -14.42
CA ILE A 715 6.76 -23.10 -13.72
C ILE A 715 7.14 -24.33 -14.54
N PRO A 716 8.42 -24.44 -14.91
CA PRO A 716 8.86 -25.58 -15.71
C PRO A 716 8.61 -26.94 -15.07
N ILE A 717 8.58 -27.97 -15.89
CA ILE A 717 8.48 -29.34 -15.40
C ILE A 717 8.84 -30.35 -16.50
N TYR A 718 9.34 -31.51 -16.09
CA TYR A 718 9.65 -32.58 -17.03
C TYR A 718 8.46 -33.53 -17.10
N PRO A 719 7.67 -33.46 -18.20
CA PRO A 719 6.41 -34.20 -18.19
C PRO A 719 6.56 -35.73 -18.31
N GLU A 720 7.77 -36.25 -18.21
CA GLU A 720 7.95 -37.68 -18.45
C GLU A 720 8.87 -38.32 -17.42
N GLU A 721 8.49 -39.50 -16.93
CA GLU A 721 9.28 -40.19 -15.90
C GLU A 721 10.68 -40.49 -16.40
N VAL A 722 11.61 -40.71 -15.47
CA VAL A 722 13.00 -40.98 -15.83
C VAL A 722 13.78 -41.44 -14.60
N LEU B 24 -46.04 11.20 -21.25
CA LEU B 24 -45.07 10.91 -20.19
C LEU B 24 -45.72 10.41 -18.90
N TRP B 25 -45.27 9.26 -18.43
CA TRP B 25 -45.74 8.71 -17.16
C TRP B 25 -44.54 8.37 -16.26
N LYS B 26 -44.45 9.05 -15.13
CA LYS B 26 -43.30 8.86 -14.23
C LYS B 26 -43.56 7.78 -13.20
N ALA B 27 -42.49 7.22 -12.65
CA ALA B 27 -42.60 6.23 -11.59
C ALA B 27 -42.88 6.93 -10.28
N CYS B 28 -43.74 6.32 -9.47
CA CYS B 28 -44.03 6.86 -8.15
C CYS B 28 -43.63 5.88 -7.07
N LYS B 29 -43.79 6.31 -5.83
CA LYS B 29 -43.50 5.47 -4.68
C LYS B 29 -44.31 4.19 -4.75
N PRO B 30 -43.61 3.04 -4.77
CA PRO B 30 -44.19 1.70 -4.93
C PRO B 30 -45.49 1.52 -4.16
N THR B 31 -46.57 2.05 -4.73
CA THR B 31 -47.88 2.06 -4.07
C THR B 31 -48.25 0.66 -3.57
N ALA B 32 -47.75 0.34 -2.40
CA ALA B 32 -48.04 -0.91 -1.73
C ALA B 32 -47.46 -2.11 -2.47
N VAL B 33 -47.45 -3.24 -1.79
CA VAL B 33 -47.12 -4.52 -2.40
C VAL B 33 -45.65 -4.68 -2.72
N TYR B 34 -45.07 -5.74 -2.15
CA TYR B 34 -43.76 -6.25 -2.54
C TYR B 34 -43.77 -7.75 -2.35
N GLU B 35 -44.31 -8.46 -3.34
CA GLU B 35 -44.46 -9.90 -3.24
C GLU B 35 -43.17 -10.65 -3.59
N LYS B 36 -43.24 -11.98 -3.58
CA LYS B 36 -42.11 -12.82 -3.96
C LYS B 36 -42.58 -14.06 -4.73
N ASP B 37 -42.23 -14.13 -6.00
CA ASP B 37 -42.53 -15.32 -6.80
C ASP B 37 -41.34 -16.28 -6.77
N GLY B 38 -41.39 -17.31 -7.62
CA GLY B 38 -40.34 -18.30 -7.69
C GLY B 38 -38.96 -17.69 -7.93
N ASP B 39 -38.34 -17.25 -6.84
CA ASP B 39 -37.01 -16.62 -6.88
C ASP B 39 -37.07 -15.22 -7.52
N ILE B 40 -38.10 -14.47 -7.17
CA ILE B 40 -38.34 -13.16 -7.78
C ILE B 40 -39.12 -12.26 -6.84
N CYS B 41 -38.78 -10.97 -6.83
CA CYS B 41 -39.39 -10.01 -5.92
C CYS B 41 -40.14 -8.93 -6.67
N VAL B 42 -41.37 -9.23 -7.05
CA VAL B 42 -42.18 -8.29 -7.82
C VAL B 42 -42.63 -7.13 -6.96
N THR B 43 -42.38 -5.91 -7.43
CA THR B 43 -42.84 -4.72 -6.75
C THR B 43 -43.66 -3.87 -7.71
N VAL B 44 -44.71 -3.23 -7.19
CA VAL B 44 -45.64 -2.49 -8.03
C VAL B 44 -45.62 -0.99 -7.74
N PRO B 45 -45.09 -0.20 -8.69
CA PRO B 45 -45.13 1.26 -8.60
C PRO B 45 -46.31 1.80 -9.40
N PHE B 46 -46.91 2.88 -8.92
CA PHE B 46 -48.08 3.44 -9.58
C PHE B 46 -47.71 4.58 -10.52
N GLN B 47 -47.06 4.25 -11.64
CA GLN B 47 -46.67 5.24 -12.64
C GLN B 47 -47.85 6.10 -13.09
N LYS B 48 -47.86 7.36 -12.69
CA LYS B 48 -48.96 8.26 -13.02
C LYS B 48 -48.50 9.52 -13.74
N GLN B 49 -49.28 10.59 -13.52
CA GLN B 49 -48.92 11.94 -13.93
C GLN B 49 -49.01 12.13 -15.43
N LEU B 50 -48.62 13.33 -15.86
CA LEU B 50 -48.68 13.75 -17.25
C LEU B 50 -48.43 15.25 -17.33
N LEU B 51 -49.27 15.95 -18.09
CA LEU B 51 -49.16 17.39 -18.28
C LEU B 51 -47.80 17.74 -18.89
N ALA B 52 -47.39 18.99 -18.69
CA ALA B 52 -46.11 19.49 -19.22
C ALA B 52 -46.20 19.71 -20.72
N ASN B 53 -45.39 20.61 -21.28
CA ASN B 53 -44.51 21.55 -20.56
C ASN B 53 -43.41 20.86 -19.74
N ASP B 54 -43.27 21.30 -18.48
CA ASP B 54 -42.43 20.65 -17.49
C ASP B 54 -42.42 21.46 -16.19
N MET B 55 -42.88 20.84 -15.10
CA MET B 55 -43.49 19.51 -15.17
C MET B 55 -44.42 19.27 -13.99
N VAL B 56 -45.49 18.52 -14.21
CA VAL B 56 -46.45 18.18 -13.17
C VAL B 56 -46.92 16.74 -13.29
N ALA B 57 -48.12 16.46 -12.78
CA ALA B 57 -48.72 15.15 -12.86
C ALA B 57 -49.99 15.21 -13.71
N ASP B 58 -51.07 14.63 -13.20
CA ASP B 58 -52.35 14.65 -13.92
C ASP B 58 -53.44 14.04 -13.05
N THR B 59 -54.10 14.88 -12.26
CA THR B 59 -55.16 14.40 -11.37
C THR B 59 -56.40 14.01 -12.17
N ALA B 60 -56.51 14.56 -13.37
CA ALA B 60 -57.64 14.26 -14.24
C ALA B 60 -57.66 12.78 -14.63
N VAL B 61 -56.49 12.26 -15.01
CA VAL B 61 -56.38 10.84 -15.36
C VAL B 61 -55.85 10.03 -14.16
N PRO B 62 -56.09 8.72 -14.18
CA PRO B 62 -55.70 7.85 -13.06
C PRO B 62 -54.25 7.37 -13.14
N ARG B 63 -53.69 7.00 -12.00
CA ARG B 63 -52.38 6.37 -11.96
C ARG B 63 -52.46 4.96 -12.55
N GLU B 64 -51.60 4.67 -13.51
CA GLU B 64 -51.52 3.33 -14.08
C GLU B 64 -50.42 2.55 -13.37
N GLU B 65 -50.75 1.36 -12.89
CA GLU B 65 -49.83 0.59 -12.08
C GLU B 65 -49.25 -0.57 -12.89
N TYR B 66 -47.95 -0.83 -12.69
CA TYR B 66 -47.26 -1.93 -13.32
C TYR B 66 -46.34 -2.60 -12.30
N THR B 67 -45.68 -3.68 -12.73
CA THR B 67 -44.84 -4.46 -11.84
C THR B 67 -43.37 -4.22 -12.12
N LEU B 68 -42.52 -4.59 -11.16
CA LEU B 68 -41.07 -4.51 -11.34
C LEU B 68 -40.40 -5.74 -10.74
N ILE B 69 -40.36 -6.83 -11.50
CA ILE B 69 -39.70 -8.04 -11.07
C ILE B 69 -38.20 -7.79 -10.86
N ILE B 70 -37.65 -8.33 -9.78
CA ILE B 70 -36.24 -8.19 -9.46
C ILE B 70 -35.61 -9.56 -9.22
N ARG B 71 -34.93 -10.06 -10.24
CA ARG B 71 -34.22 -11.33 -10.14
C ARG B 71 -32.88 -11.13 -9.46
N GLN B 72 -32.35 -12.21 -8.88
CA GLN B 72 -30.99 -12.24 -8.34
C GLN B 72 -30.28 -13.46 -8.91
N TYR B 73 -28.98 -13.32 -9.16
CA TYR B 73 -28.17 -14.41 -9.67
C TYR B 73 -26.96 -14.68 -8.77
N ASN B 74 -26.53 -15.94 -8.73
CA ASN B 74 -25.48 -16.35 -7.82
C ASN B 74 -24.19 -15.55 -8.01
N ILE B 75 -23.87 -15.22 -9.26
CA ILE B 75 -22.64 -14.46 -9.55
C ILE B 75 -22.87 -12.95 -9.46
N GLY B 76 -23.58 -12.53 -8.41
CA GLY B 76 -23.76 -11.12 -8.10
C GLY B 76 -24.32 -10.29 -9.24
N ILE B 77 -25.54 -10.62 -9.65
CA ILE B 77 -26.23 -9.88 -10.70
C ILE B 77 -27.71 -9.77 -10.38
N THR B 78 -28.27 -8.58 -10.53
CA THR B 78 -29.70 -8.39 -10.35
C THR B 78 -30.30 -7.81 -11.62
N ARG B 79 -31.34 -8.47 -12.12
CA ARG B 79 -32.08 -8.02 -13.29
C ARG B 79 -33.29 -7.21 -12.85
N LEU B 80 -33.38 -5.98 -13.35
CA LEU B 80 -34.55 -5.13 -13.17
C LEU B 80 -35.41 -5.18 -14.43
N PHE B 81 -36.58 -5.81 -14.34
CA PHE B 81 -37.50 -5.88 -15.47
C PHE B 81 -38.82 -5.19 -15.14
N LEU B 82 -39.32 -4.39 -16.07
CA LEU B 82 -40.56 -3.66 -15.86
C LEU B 82 -41.14 -3.23 -17.21
N GLN B 97 -34.03 -12.66 -26.11
CA GLN B 97 -33.59 -13.17 -27.41
C GLN B 97 -32.13 -13.54 -27.37
N PHE B 98 -31.25 -12.53 -27.34
CA PHE B 98 -29.82 -12.75 -27.45
C PHE B 98 -29.18 -12.99 -26.09
N SER B 99 -29.98 -13.47 -25.15
CA SER B 99 -29.45 -14.05 -23.93
C SER B 99 -28.95 -15.44 -24.29
N GLU B 100 -27.68 -15.72 -23.96
CA GLU B 100 -27.10 -17.05 -24.13
C GLU B 100 -26.38 -17.46 -22.85
N ARG B 101 -27.15 -17.71 -21.80
CA ARG B 101 -26.59 -17.95 -20.47
C ARG B 101 -25.63 -19.13 -20.46
N ILE B 102 -24.71 -19.15 -19.50
CA ILE B 102 -23.63 -20.12 -19.51
C ILE B 102 -23.10 -20.50 -18.14
N ARG B 103 -23.30 -21.77 -17.79
CA ARG B 103 -22.63 -22.41 -16.66
C ARG B 103 -22.90 -21.76 -15.32
N ARG B 104 -22.16 -20.69 -15.02
CA ARG B 104 -22.19 -20.08 -13.70
C ARG B 104 -23.54 -19.46 -13.35
N VAL B 105 -24.21 -18.89 -14.36
CA VAL B 105 -25.47 -18.20 -14.14
C VAL B 105 -26.54 -19.14 -13.61
N PRO B 106 -27.18 -18.75 -12.51
CA PRO B 106 -28.24 -19.52 -11.85
C PRO B 106 -29.14 -18.61 -11.03
N LEU B 107 -30.44 -18.64 -11.32
CA LEU B 107 -31.40 -17.85 -10.57
C LEU B 107 -31.41 -18.31 -9.11
N SER B 108 -30.73 -17.53 -8.26
CA SER B 108 -30.77 -17.78 -6.83
C SER B 108 -32.00 -17.08 -6.26
N VAL B 109 -32.67 -17.75 -5.33
CA VAL B 109 -33.88 -17.20 -4.73
C VAL B 109 -33.56 -16.12 -3.72
N GLU B 110 -34.47 -15.16 -3.59
CA GLU B 110 -34.26 -14.02 -2.70
C GLU B 110 -35.57 -13.57 -2.05
N LYS B 111 -35.51 -13.34 -0.75
CA LYS B 111 -36.69 -12.99 0.03
C LYS B 111 -36.77 -11.48 0.26
N GLN B 112 -37.45 -11.07 1.33
CA GLN B 112 -37.60 -9.66 1.67
C GLN B 112 -38.00 -9.44 3.13
N GLY B 113 -37.29 -8.54 3.80
CA GLY B 113 -37.53 -8.29 5.23
C GLY B 113 -38.74 -7.38 5.43
N GLY B 114 -38.86 -6.37 4.57
CA GLY B 114 -40.00 -5.47 4.59
C GLY B 114 -40.03 -4.65 5.88
N LYS B 115 -38.91 -4.57 6.57
CA LYS B 115 -38.82 -3.85 7.83
C LYS B 115 -38.87 -2.34 7.63
N TRP B 116 -40.09 -1.80 7.62
CA TRP B 116 -40.30 -0.38 7.37
C TRP B 116 -39.76 0.01 6.00
N ILE B 117 -38.45 0.18 5.91
CA ILE B 117 -37.76 0.34 4.62
C ILE B 117 -37.48 -1.04 4.06
N LEU B 118 -38.03 -1.36 2.90
CA LEU B 118 -38.13 -2.75 2.46
C LEU B 118 -36.84 -3.35 1.90
N PHE B 119 -36.12 -4.07 2.76
CA PHE B 119 -34.88 -4.75 2.39
C PHE B 119 -35.14 -5.92 1.47
N THR B 120 -34.07 -6.58 1.07
CA THR B 120 -34.13 -7.75 0.20
C THR B 120 -32.91 -8.62 0.44
N GLN B 121 -33.11 -9.73 1.14
CA GLN B 121 -32.00 -10.54 1.62
C GLN B 121 -31.71 -11.75 0.75
N ASP B 122 -30.78 -12.58 1.23
CA ASP B 122 -30.37 -13.80 0.55
C ASP B 122 -30.00 -13.57 -0.91
N GLY B 123 -28.75 -13.22 -1.21
CA GLY B 123 -27.69 -13.04 -0.23
C GLY B 123 -27.82 -11.73 0.55
N THR B 124 -28.04 -11.86 1.86
CA THR B 124 -28.24 -10.70 2.73
C THR B 124 -27.16 -9.63 2.51
N LYS B 125 -27.46 -8.51 1.84
CA LYS B 125 -28.73 -8.19 1.20
C LYS B 125 -28.46 -7.76 -0.24
N ARG B 126 -29.52 -7.63 -1.04
CA ARG B 126 -29.37 -7.40 -2.48
C ARG B 126 -30.05 -6.13 -2.96
N ALA B 127 -30.91 -5.55 -2.14
CA ALA B 127 -31.59 -4.32 -2.52
C ALA B 127 -32.45 -3.76 -1.39
N VAL B 128 -32.90 -2.52 -1.59
CA VAL B 128 -33.74 -1.85 -0.61
C VAL B 128 -34.64 -0.82 -1.29
N ILE B 129 -35.94 -1.11 -1.30
CA ILE B 129 -36.94 -0.19 -1.83
C ILE B 129 -37.37 0.77 -0.73
N ASN B 130 -36.81 1.96 -0.73
CA ASN B 130 -37.14 2.98 0.27
C ASN B 130 -38.36 3.82 -0.10
N VAL B 131 -39.33 3.84 0.80
CA VAL B 131 -40.59 4.53 0.57
C VAL B 131 -41.08 5.17 1.88
N GLU B 132 -40.15 5.78 2.62
CA GLU B 132 -40.45 6.27 3.96
C GLU B 132 -40.78 7.76 3.99
N GLU B 133 -40.52 8.35 5.15
CA GLU B 133 -40.78 9.76 5.42
C GLU B 133 -39.60 10.62 4.97
N PRO B 134 -39.85 11.91 4.79
CA PRO B 134 -38.79 12.88 4.48
C PRO B 134 -38.25 13.51 5.75
N ALA B 135 -36.93 13.47 5.94
CA ALA B 135 -36.33 14.19 7.06
C ALA B 135 -36.50 15.69 6.86
N LEU B 136 -37.70 16.20 7.09
CA LEU B 136 -38.00 17.58 6.73
C LEU B 136 -38.29 18.50 7.92
N ASP B 137 -37.83 19.73 7.82
CA ASP B 137 -38.20 20.78 8.76
C ASP B 137 -39.01 21.86 8.04
N ARG B 138 -40.31 21.90 8.32
CA ARG B 138 -41.21 22.81 7.61
C ARG B 138 -40.73 24.26 7.65
N TRP B 139 -41.03 25.00 6.58
CA TRP B 139 -40.59 26.38 6.43
C TRP B 139 -41.13 26.92 5.12
N SER B 140 -42.28 27.59 5.19
CA SER B 140 -42.96 28.09 4.00
C SER B 140 -42.06 29.03 3.19
N GLU B 141 -41.94 28.74 1.91
CA GLU B 141 -42.64 27.62 1.31
C GLU B 141 -43.29 28.01 -0.01
N LEU B 142 -42.55 28.76 -0.83
CA LEU B 142 -43.05 29.25 -2.10
C LEU B 142 -43.11 28.15 -3.15
N LEU B 143 -42.48 27.02 -2.86
CA LEU B 143 -42.51 25.86 -3.75
C LEU B 143 -43.27 24.71 -3.12
N PRO B 144 -44.20 24.10 -3.87
CA PRO B 144 -44.88 22.90 -3.41
C PRO B 144 -43.92 21.73 -3.23
N ASP B 145 -44.36 20.67 -2.56
CA ASP B 145 -43.50 19.52 -2.34
C ASP B 145 -43.38 18.70 -3.63
N PRO B 146 -42.28 17.95 -3.76
CA PRO B 146 -42.09 17.10 -4.94
C PRO B 146 -43.01 15.89 -4.94
N GLN B 147 -43.33 15.38 -6.12
CA GLN B 147 -44.08 14.14 -6.24
C GLN B 147 -43.19 12.98 -5.86
N GLU B 148 -43.82 11.88 -5.45
CA GLU B 148 -43.10 10.69 -5.02
C GLU B 148 -42.37 10.03 -6.19
N THR B 149 -41.25 9.38 -5.88
CA THR B 149 -40.43 8.73 -6.90
C THR B 149 -40.12 7.30 -6.47
N LEU B 150 -39.62 6.51 -7.41
CA LEU B 150 -39.26 5.13 -7.15
C LEU B 150 -37.83 5.03 -6.67
N ASP B 151 -37.65 4.98 -5.35
CA ASP B 151 -36.33 4.94 -4.74
C ASP B 151 -35.95 3.51 -4.40
N ILE B 152 -35.00 2.97 -5.15
CA ILE B 152 -34.43 1.67 -4.86
C ILE B 152 -32.92 1.72 -5.00
N THR B 153 -32.22 1.10 -4.06
CA THR B 153 -30.78 0.92 -4.17
C THR B 153 -30.48 -0.57 -4.33
N LEU B 154 -29.62 -0.89 -5.28
CA LEU B 154 -29.28 -2.27 -5.58
C LEU B 154 -27.91 -2.61 -5.01
N TYR B 155 -27.71 -3.88 -4.67
CA TYR B 155 -26.43 -4.36 -4.15
C TYR B 155 -26.16 -5.74 -4.71
N PRO B 156 -25.94 -5.82 -6.03
CA PRO B 156 -25.75 -7.10 -6.74
C PRO B 156 -24.79 -8.04 -6.04
N ASP B 157 -23.63 -7.55 -5.61
CA ASP B 157 -22.63 -8.35 -4.93
C ASP B 157 -22.70 -8.16 -3.43
N GLY B 158 -23.75 -7.49 -2.97
CA GLY B 158 -23.96 -7.31 -1.55
C GLY B 158 -23.09 -6.23 -0.95
N LYS B 159 -22.40 -5.45 -1.78
CA LYS B 159 -21.57 -4.36 -1.27
C LYS B 159 -21.11 -3.41 -2.37
N ARG B 160 -21.94 -3.22 -3.38
CA ARG B 160 -21.59 -2.39 -4.53
C ARG B 160 -22.32 -1.06 -4.45
N GLU B 161 -23.63 -1.13 -4.25
CA GLU B 161 -24.47 0.06 -4.11
C GLU B 161 -24.55 0.85 -5.39
N ILE B 162 -25.45 0.41 -6.26
CA ILE B 162 -25.80 1.13 -7.47
C ILE B 162 -27.30 1.39 -7.36
N ARG B 163 -27.68 2.66 -7.30
CA ARG B 163 -29.06 3.07 -6.98
C ARG B 163 -29.73 3.90 -8.06
N LEU B 164 -31.05 3.78 -8.17
CA LEU B 164 -31.85 4.55 -9.12
C LEU B 164 -31.71 6.06 -8.88
N ALA B 165 -31.77 6.84 -9.96
CA ALA B 165 -31.66 8.29 -9.86
C ALA B 165 -33.02 8.93 -9.57
N ALA B 166 -33.46 8.82 -8.32
CA ALA B 166 -34.84 9.11 -7.95
C ALA B 166 -35.04 10.56 -7.51
N TYR B 167 -33.94 11.29 -7.32
CA TYR B 167 -34.03 12.68 -6.86
C TYR B 167 -33.16 13.61 -7.70
N ASP B 168 -33.14 13.37 -9.01
CA ASP B 168 -32.37 14.22 -9.92
C ASP B 168 -33.25 15.38 -10.38
N HIS B 169 -33.53 16.31 -9.47
CA HIS B 169 -34.38 17.45 -9.80
C HIS B 169 -34.06 18.68 -8.97
N PHE B 170 -34.63 19.79 -9.42
CA PHE B 170 -34.50 21.09 -8.76
C PHE B 170 -35.76 21.25 -7.89
N SER B 171 -36.43 22.38 -8.02
CA SER B 171 -37.80 22.47 -7.54
C SER B 171 -38.62 21.48 -8.36
N PRO B 172 -39.83 21.14 -7.89
CA PRO B 172 -40.66 20.15 -8.59
C PRO B 172 -40.77 20.35 -10.11
N PRO B 173 -40.88 21.60 -10.60
CA PRO B 173 -41.05 21.70 -12.05
C PRO B 173 -39.84 21.31 -12.89
N ARG B 174 -38.65 21.26 -12.29
CA ARG B 174 -37.41 21.03 -13.03
C ARG B 174 -36.76 19.70 -12.69
N TYR B 175 -37.04 18.68 -13.51
CA TYR B 175 -36.48 17.35 -13.33
C TYR B 175 -35.44 17.07 -14.41
N ASP B 176 -34.23 16.71 -14.00
CA ASP B 176 -33.17 16.42 -14.96
C ASP B 176 -32.86 14.92 -15.05
N GLY B 177 -33.63 14.12 -14.31
CA GLY B 177 -33.49 12.69 -14.34
C GLY B 177 -34.70 12.01 -13.76
N LEU B 178 -35.04 10.83 -14.28
CA LEU B 178 -36.10 10.01 -13.75
C LEU B 178 -35.58 8.61 -13.52
N PRO B 179 -35.82 8.05 -12.32
CA PRO B 179 -35.29 6.72 -12.02
C PRO B 179 -35.93 5.66 -12.89
N ILE B 180 -37.24 5.76 -13.07
CA ILE B 180 -37.98 4.94 -14.03
C ILE B 180 -39.18 5.73 -14.56
N ALA B 181 -39.44 5.62 -15.86
CA ALA B 181 -40.57 6.30 -16.47
C ALA B 181 -40.76 5.86 -17.90
N PHE B 182 -41.95 6.14 -18.44
CA PHE B 182 -42.27 5.76 -19.81
C PHE B 182 -43.19 6.78 -20.47
N CYS B 183 -43.24 6.77 -21.80
CA CYS B 183 -44.05 7.70 -22.57
C CYS B 183 -45.20 7.06 -23.36
N LYS B 184 -46.08 7.89 -23.87
CA LYS B 184 -47.28 7.43 -24.54
C LYS B 184 -47.56 8.31 -25.75
N ARG B 185 -47.43 7.76 -26.94
CA ARG B 185 -47.67 8.53 -28.15
C ARG B 185 -48.90 8.05 -28.88
N THR B 186 -49.88 8.95 -29.04
CA THR B 186 -51.14 8.64 -29.74
C THR B 186 -51.92 7.49 -29.11
N GLY B 187 -51.59 7.17 -27.86
CA GLY B 187 -52.22 6.06 -27.16
C GLY B 187 -51.23 4.92 -26.94
N LYS B 188 -50.40 4.67 -27.95
CA LYS B 188 -49.39 3.61 -27.85
C LYS B 188 -48.25 4.02 -26.93
N LYS B 189 -47.89 3.15 -26.00
CA LYS B 189 -46.83 3.45 -25.05
C LYS B 189 -45.46 3.25 -25.68
N GLU B 190 -44.51 4.08 -25.28
CA GLU B 190 -43.17 4.05 -25.84
C GLU B 190 -42.19 4.82 -24.95
N ARG B 191 -40.91 4.70 -25.26
CA ARG B 191 -39.87 5.48 -24.56
C ARG B 191 -39.81 5.19 -23.07
N ALA B 192 -39.49 3.94 -22.69
CA ALA B 192 -39.24 3.64 -21.28
C ALA B 192 -37.83 4.10 -20.94
N THR B 193 -37.69 4.77 -19.80
CA THR B 193 -36.38 5.27 -19.39
C THR B 193 -36.00 4.72 -18.02
N LEU B 194 -34.77 4.23 -17.91
CA LEU B 194 -34.20 3.76 -16.65
C LEU B 194 -32.94 4.55 -16.39
N SER B 195 -32.80 5.09 -15.19
CA SER B 195 -31.59 5.83 -14.86
C SER B 195 -31.07 5.50 -13.46
N PHE B 196 -29.76 5.59 -13.33
CA PHE B 196 -29.05 5.34 -12.09
C PHE B 196 -28.33 6.60 -11.68
N GLU B 197 -27.74 6.60 -10.49
CA GLU B 197 -26.98 7.73 -10.00
C GLU B 197 -25.51 7.61 -10.36
N SER B 198 -24.86 8.77 -10.46
CA SER B 198 -23.43 8.86 -10.76
C SER B 198 -22.71 9.75 -9.78
N ARG B 199 -21.56 9.32 -9.31
CA ARG B 199 -20.73 10.17 -8.46
C ARG B 199 -19.90 11.10 -9.36
N PRO B 200 -19.56 12.30 -8.86
CA PRO B 200 -18.84 13.30 -9.67
C PRO B 200 -17.57 12.76 -10.31
N ASP B 201 -16.96 11.79 -9.65
CA ASP B 201 -15.66 11.26 -10.01
C ASP B 201 -15.78 10.06 -10.94
N GLU B 202 -17.02 9.74 -11.32
CA GLU B 202 -17.28 8.48 -12.03
C GLU B 202 -16.78 8.57 -13.45
N CYS B 203 -16.27 7.45 -13.95
CA CYS B 203 -15.83 7.34 -15.33
C CYS B 203 -16.40 6.07 -15.94
N PHE B 204 -16.78 6.16 -17.21
CA PHE B 204 -17.38 5.03 -17.89
C PHE B 204 -16.60 4.61 -19.11
N ALA B 205 -16.87 3.39 -19.56
CA ALA B 205 -16.24 2.84 -20.75
C ALA B 205 -17.16 1.79 -21.34
N GLY B 206 -16.73 1.18 -22.44
CA GLY B 206 -17.52 0.16 -23.11
C GLY B 206 -18.45 0.76 -24.14
N THR B 207 -19.71 0.31 -24.13
CA THR B 207 -20.73 0.73 -25.09
C THR B 207 -20.40 0.25 -26.51
N GLY B 208 -19.44 -0.64 -26.62
CA GLY B 208 -19.01 -1.16 -27.90
C GLY B 208 -17.84 -0.40 -28.47
N GLU B 209 -17.72 -0.43 -29.79
CA GLU B 209 -16.59 0.19 -30.48
C GLU B 209 -16.73 1.71 -30.58
N ARG B 210 -16.77 2.38 -29.43
CA ARG B 210 -16.93 3.82 -29.39
C ARG B 210 -15.58 4.50 -29.60
N PHE B 211 -15.48 5.34 -30.63
CA PHE B 211 -14.21 5.96 -30.98
C PHE B 211 -13.95 7.24 -30.20
N PHE B 212 -14.16 7.18 -28.88
CA PHE B 212 -13.90 8.33 -28.03
C PHE B 212 -12.97 7.93 -26.88
N LYS B 213 -12.55 8.92 -26.10
CA LYS B 213 -11.54 8.70 -25.06
C LYS B 213 -11.96 7.67 -24.01
N MET B 214 -10.96 7.19 -23.28
CA MET B 214 -11.11 6.15 -22.24
C MET B 214 -12.27 6.42 -21.29
N ASP B 215 -12.44 7.68 -20.94
CA ASP B 215 -13.51 8.10 -20.06
C ASP B 215 -14.64 8.67 -20.91
N LEU B 216 -15.85 8.15 -20.70
CA LEU B 216 -16.99 8.54 -21.50
C LEU B 216 -18.02 9.31 -20.69
N SER B 217 -17.62 9.81 -19.55
CA SER B 217 -18.46 10.76 -18.83
C SER B 217 -18.69 11.98 -19.74
N GLY B 218 -19.88 12.55 -19.66
CA GLY B 218 -20.22 13.70 -20.48
C GLY B 218 -20.85 13.35 -21.82
N GLN B 219 -20.83 12.07 -22.18
CA GLN B 219 -21.36 11.61 -23.46
C GLN B 219 -22.81 11.13 -23.40
N THR B 220 -23.58 11.44 -24.43
CA THR B 220 -24.94 10.90 -24.59
C THR B 220 -25.01 10.18 -25.92
N LEU B 221 -25.07 8.86 -25.85
CA LEU B 221 -24.90 8.03 -27.02
C LEU B 221 -26.23 7.64 -27.61
N PHE B 222 -26.28 7.59 -28.94
CA PHE B 222 -27.43 7.07 -29.63
C PHE B 222 -27.16 5.62 -29.95
N LEU B 223 -27.63 4.73 -29.10
CA LEU B 223 -27.40 3.31 -29.29
C LEU B 223 -28.10 2.84 -30.56
N LYS B 224 -27.51 3.14 -31.70
CA LYS B 224 -28.02 2.68 -32.99
C LYS B 224 -26.90 2.62 -34.02
N ASN B 225 -26.64 1.43 -34.55
CA ASN B 225 -25.56 1.22 -35.50
C ASN B 225 -25.70 2.09 -36.76
N GLN B 226 -24.63 2.78 -37.10
CA GLN B 226 -24.59 3.60 -38.31
C GLN B 226 -23.32 3.30 -39.09
N ASP B 227 -23.33 3.54 -40.38
CA ASP B 227 -22.11 3.50 -41.16
C ASP B 227 -21.24 4.64 -40.67
N GLY B 228 -20.26 4.29 -39.84
CA GLY B 228 -19.35 5.26 -39.26
C GLY B 228 -18.80 6.25 -40.26
N GLN B 229 -18.44 5.75 -41.45
CA GLN B 229 -17.79 6.55 -42.47
C GLN B 229 -16.67 7.35 -41.86
N GLY B 230 -15.94 6.70 -40.96
CA GLY B 230 -14.92 7.37 -40.19
C GLY B 230 -14.76 6.77 -38.80
N VAL B 231 -13.52 6.77 -38.33
CA VAL B 231 -13.19 6.28 -37.01
C VAL B 231 -13.11 7.47 -36.04
N ASN B 232 -13.64 8.62 -36.49
CA ASN B 232 -13.41 9.90 -35.82
C ASN B 232 -14.66 10.76 -35.58
N ASN B 233 -15.83 10.14 -35.60
CA ASN B 233 -17.06 10.86 -35.28
C ASN B 233 -18.07 10.00 -34.52
N ARG B 234 -19.18 10.60 -34.13
CA ARG B 234 -20.11 9.95 -33.19
C ARG B 234 -20.85 8.78 -33.81
N ARG B 235 -20.83 8.66 -35.14
CA ARG B 235 -21.40 7.47 -35.76
C ARG B 235 -20.48 6.29 -35.49
N THR B 236 -21.06 5.20 -34.99
CA THR B 236 -20.28 4.02 -34.62
C THR B 236 -20.87 2.75 -35.22
N TYR B 237 -20.00 1.96 -35.82
CA TYR B 237 -20.41 0.74 -36.50
C TYR B 237 -20.98 -0.27 -35.52
N LYS B 238 -20.47 -0.24 -34.29
CA LYS B 238 -20.74 -1.29 -33.30
C LYS B 238 -21.19 -0.71 -31.95
N ASN B 239 -22.50 -0.61 -31.78
CA ASN B 239 -23.09 -0.20 -30.50
C ASN B 239 -23.42 -1.44 -29.67
N ILE B 240 -23.17 -1.34 -28.37
CA ILE B 240 -23.45 -2.43 -27.45
C ILE B 240 -24.12 -1.84 -26.20
N PRO B 241 -25.34 -2.30 -25.90
CA PRO B 241 -26.09 -1.68 -24.79
C PRO B 241 -25.50 -2.04 -23.42
N PHE B 242 -24.22 -1.73 -23.23
CA PHE B 242 -23.50 -2.13 -22.04
C PHE B 242 -22.33 -1.18 -21.75
N TYR B 243 -22.22 -0.73 -20.50
CA TYR B 243 -21.11 0.11 -20.08
C TYR B 243 -20.46 -0.38 -18.78
N LEU B 244 -19.28 0.14 -18.48
CA LEU B 244 -18.59 -0.12 -17.23
C LEU B 244 -18.47 1.16 -16.41
N SER B 245 -18.31 1.01 -15.11
CA SER B 245 -18.18 2.15 -14.22
C SER B 245 -16.97 2.06 -13.31
N SER B 246 -16.41 3.21 -12.98
CA SER B 246 -15.29 3.33 -12.07
C SER B 246 -15.62 2.70 -10.74
N ARG B 247 -16.88 2.82 -10.34
CA ARG B 247 -17.34 2.25 -9.08
C ARG B 247 -17.49 0.74 -9.16
N MET B 248 -17.06 0.17 -10.29
CA MET B 248 -16.84 -1.27 -10.43
C MET B 248 -18.12 -2.07 -10.62
N TYR B 249 -19.02 -1.55 -11.44
CA TYR B 249 -20.16 -2.34 -11.89
C TYR B 249 -20.35 -2.17 -13.39
N GLY B 250 -21.04 -3.13 -13.98
CA GLY B 250 -21.43 -3.05 -15.37
C GLY B 250 -22.93 -2.98 -15.42
N THR B 251 -23.47 -2.62 -16.58
CA THR B 251 -24.91 -2.60 -16.76
C THR B 251 -25.26 -2.95 -18.20
N PHE B 252 -25.76 -4.16 -18.41
CA PHE B 252 -26.22 -4.59 -19.72
C PHE B 252 -27.73 -4.42 -19.88
N TYR B 253 -28.12 -3.49 -20.75
CA TYR B 253 -29.52 -3.26 -21.07
C TYR B 253 -29.99 -4.24 -22.14
N HIS B 254 -30.74 -5.26 -21.75
CA HIS B 254 -31.21 -6.27 -22.68
C HIS B 254 -32.31 -5.70 -23.56
N THR B 255 -31.90 -4.97 -24.60
CA THR B 255 -32.82 -4.45 -25.60
C THR B 255 -32.20 -4.54 -26.99
N CYS B 256 -33.03 -4.39 -28.01
CA CYS B 256 -32.54 -4.27 -29.37
C CYS B 256 -33.32 -3.15 -30.07
N ALA B 257 -33.98 -2.32 -29.27
CA ALA B 257 -34.65 -1.13 -29.79
C ALA B 257 -33.65 0.00 -29.96
N HIS B 258 -34.01 0.99 -30.77
CA HIS B 258 -33.23 2.21 -30.84
C HIS B 258 -33.25 2.86 -29.46
N SER B 259 -32.06 3.25 -28.99
CA SER B 259 -31.88 3.60 -27.59
C SER B 259 -30.83 4.69 -27.42
N LYS B 260 -30.85 5.35 -26.26
CA LYS B 260 -29.80 6.31 -25.94
C LYS B 260 -29.35 6.20 -24.50
N LEU B 261 -28.06 6.48 -24.27
CA LEU B 261 -27.45 6.29 -22.97
C LEU B 261 -26.63 7.51 -22.57
N SER B 262 -27.21 8.34 -21.72
CA SER B 262 -26.53 9.53 -21.25
C SER B 262 -25.59 9.18 -20.10
N LEU B 263 -24.35 8.85 -20.45
CA LEU B 263 -23.33 8.57 -19.46
C LEU B 263 -22.85 9.84 -18.76
N ALA B 264 -23.67 10.38 -17.88
CA ALA B 264 -23.41 11.66 -17.22
C ALA B 264 -23.32 12.80 -18.24
N GLY B 265 -23.99 12.62 -19.37
CA GLY B 265 -23.98 13.60 -20.45
C GLY B 265 -24.97 14.73 -20.28
N HIS B 266 -26.24 14.39 -20.10
CA HIS B 266 -27.26 15.38 -19.81
C HIS B 266 -27.12 15.87 -18.37
N SER B 267 -27.51 15.02 -17.42
CA SER B 267 -27.28 15.29 -16.01
C SER B 267 -25.93 14.71 -15.61
N THR B 268 -25.11 15.50 -14.95
CA THR B 268 -23.76 15.07 -14.59
C THR B 268 -23.76 14.15 -13.37
N ARG B 269 -24.95 13.85 -12.85
CA ARG B 269 -25.08 13.02 -11.66
C ARG B 269 -26.00 11.85 -11.94
N SER B 270 -25.93 11.30 -13.14
CA SER B 270 -26.96 10.39 -13.59
C SER B 270 -26.58 9.63 -14.85
N VAL B 271 -26.64 8.30 -14.77
CA VAL B 271 -26.60 7.44 -15.95
C VAL B 271 -28.02 7.19 -16.43
N GLN B 272 -28.44 7.88 -17.48
CA GLN B 272 -29.81 7.73 -17.98
C GLN B 272 -29.87 6.89 -19.26
N PHE B 273 -30.64 5.81 -19.21
CA PHE B 273 -30.90 5.00 -20.38
C PHE B 273 -32.32 5.24 -20.90
N LEU B 274 -32.49 5.09 -22.20
CA LEU B 274 -33.78 5.22 -22.85
C LEU B 274 -33.93 4.15 -23.91
N SER B 275 -35.16 3.68 -24.09
CA SER B 275 -35.50 2.74 -25.16
C SER B 275 -36.80 3.22 -25.80
N ASP B 276 -36.98 2.94 -27.08
CA ASP B 276 -38.25 3.22 -27.74
C ASP B 276 -39.26 2.13 -27.44
N GLN B 277 -38.75 0.96 -27.05
CA GLN B 277 -39.55 -0.24 -26.89
C GLN B 277 -40.60 -0.14 -25.79
N ALA B 278 -40.38 0.78 -24.85
CA ALA B 278 -41.20 0.86 -23.65
C ALA B 278 -41.12 -0.43 -22.82
N MET B 279 -39.95 -1.07 -22.86
CA MET B 279 -39.69 -2.29 -22.12
C MET B 279 -38.25 -2.26 -21.67
N LEU B 280 -38.01 -2.32 -20.36
CA LEU B 280 -36.63 -2.26 -19.86
C LEU B 280 -36.28 -3.50 -19.06
N ASP B 281 -35.24 -4.17 -19.51
CA ASP B 281 -34.72 -5.37 -18.90
C ASP B 281 -33.21 -5.18 -18.72
N ALA B 282 -32.82 -4.65 -17.55
CA ALA B 282 -31.43 -4.27 -17.27
C ALA B 282 -30.76 -5.18 -16.25
N PHE B 283 -29.65 -5.80 -16.63
CA PHE B 283 -28.82 -6.53 -15.69
C PHE B 283 -27.74 -5.62 -15.13
N VAL B 284 -27.63 -5.58 -13.80
CA VAL B 284 -26.55 -4.84 -13.16
C VAL B 284 -25.52 -5.85 -12.67
N ILE B 285 -24.33 -5.78 -13.27
CA ILE B 285 -23.28 -6.75 -13.05
C ILE B 285 -22.18 -6.20 -12.13
N ALA B 286 -22.15 -6.66 -10.89
CA ALA B 286 -21.14 -6.23 -9.94
C ALA B 286 -19.90 -7.10 -10.04
N GLY B 287 -18.79 -6.61 -9.49
CA GLY B 287 -17.54 -7.35 -9.55
C GLY B 287 -16.44 -6.69 -8.76
N ASP B 288 -15.44 -7.48 -8.40
CA ASP B 288 -14.30 -6.98 -7.61
C ASP B 288 -13.13 -6.66 -8.50
N THR B 289 -13.19 -7.12 -9.75
CA THR B 289 -12.25 -6.71 -10.78
C THR B 289 -13.05 -6.34 -12.00
N MET B 290 -12.38 -5.69 -12.94
CA MET B 290 -13.02 -5.23 -14.15
C MET B 290 -13.27 -6.39 -15.12
N GLU B 291 -12.40 -7.39 -15.06
CA GLU B 291 -12.58 -8.60 -15.87
C GLU B 291 -13.67 -9.49 -15.27
N GLU B 292 -13.91 -9.38 -13.97
CA GLU B 292 -15.00 -10.11 -13.35
C GLU B 292 -16.32 -9.64 -13.95
N ILE B 293 -16.51 -8.33 -14.00
CA ILE B 293 -17.72 -7.74 -14.58
C ILE B 293 -17.91 -8.19 -16.04
N LEU B 294 -16.82 -8.19 -16.81
CA LEU B 294 -16.90 -8.57 -18.21
C LEU B 294 -17.22 -10.05 -18.35
N ARG B 295 -16.75 -10.85 -17.40
CA ARG B 295 -17.04 -12.29 -17.38
C ARG B 295 -18.52 -12.53 -17.11
N GLY B 296 -19.13 -11.66 -16.32
CA GLY B 296 -20.54 -11.78 -15.99
C GLY B 296 -21.42 -11.46 -17.19
N TYR B 297 -21.03 -10.44 -17.95
CA TYR B 297 -21.77 -10.06 -19.15
C TYR B 297 -21.70 -11.16 -20.19
N ARG B 298 -20.57 -11.85 -20.26
CA ARG B 298 -20.42 -12.94 -21.21
C ARG B 298 -21.27 -14.12 -20.79
N ASP B 299 -21.35 -14.31 -19.48
CA ASP B 299 -22.15 -15.38 -18.91
C ASP B 299 -23.61 -15.20 -19.26
N LEU B 300 -24.01 -13.96 -19.56
CA LEU B 300 -25.38 -13.65 -19.90
C LEU B 300 -25.67 -13.71 -21.39
N THR B 301 -24.65 -13.39 -22.20
CA THR B 301 -24.86 -13.07 -23.61
C THR B 301 -23.97 -13.91 -24.51
N GLY B 302 -23.11 -14.72 -23.91
CA GLY B 302 -22.32 -15.67 -24.66
C GLY B 302 -20.84 -15.36 -24.68
N TYR B 303 -20.04 -16.42 -24.74
CA TYR B 303 -18.60 -16.31 -24.83
C TYR B 303 -18.11 -16.38 -26.28
N PRO B 304 -17.01 -15.67 -26.59
CA PRO B 304 -16.43 -15.83 -27.93
C PRO B 304 -15.87 -17.22 -28.15
N SER B 305 -15.97 -17.71 -29.38
CA SER B 305 -15.34 -18.99 -29.73
C SER B 305 -13.86 -18.73 -30.04
N MET B 306 -13.06 -19.78 -30.03
CA MET B 306 -11.65 -19.64 -30.34
C MET B 306 -11.44 -19.72 -31.85
N PRO B 307 -10.82 -18.68 -32.45
CA PRO B 307 -10.61 -18.72 -33.90
C PRO B 307 -9.44 -19.62 -34.29
N PRO B 308 -9.38 -20.04 -35.57
CA PRO B 308 -8.30 -20.92 -36.06
C PRO B 308 -6.92 -20.29 -36.04
N LEU B 309 -5.89 -21.10 -36.24
CA LEU B 309 -4.51 -20.62 -36.23
C LEU B 309 -4.23 -19.67 -37.39
N TRP B 310 -4.52 -20.12 -38.60
CA TRP B 310 -4.25 -19.35 -39.80
C TRP B 310 -4.81 -17.93 -39.76
N SER B 311 -5.81 -17.71 -38.92
CA SER B 311 -6.43 -16.39 -38.81
C SER B 311 -5.48 -15.44 -38.09
N PHE B 312 -4.58 -15.99 -37.29
CA PHE B 312 -3.63 -15.18 -36.53
C PHE B 312 -2.39 -14.84 -37.33
N GLY B 313 -2.35 -15.31 -38.57
CA GLY B 313 -1.32 -14.90 -39.50
C GLY B 313 -1.71 -13.54 -40.06
N VAL B 314 -0.86 -12.98 -40.92
CA VAL B 314 -1.15 -11.68 -41.54
C VAL B 314 -2.02 -11.79 -42.79
N TRP B 315 -2.97 -10.85 -42.90
CA TRP B 315 -3.90 -10.78 -44.02
C TRP B 315 -3.56 -9.60 -44.93
N MET B 316 -3.31 -9.90 -46.20
CA MET B 316 -3.16 -8.88 -47.23
C MET B 316 -4.50 -8.75 -47.96
N SER B 317 -4.81 -7.55 -48.42
CA SER B 317 -6.12 -7.25 -49.01
C SER B 317 -6.15 -5.85 -49.57
N ARG B 318 -7.24 -5.53 -50.27
CA ARG B 318 -7.43 -4.21 -50.86
C ARG B 318 -8.87 -4.07 -51.32
N MET B 319 -9.33 -2.83 -51.50
CA MET B 319 -10.57 -2.55 -52.22
C MET B 319 -10.23 -1.95 -53.58
N THR B 320 -10.06 -2.77 -54.62
CA THR B 320 -10.20 -4.22 -54.54
C THR B 320 -9.31 -4.90 -55.57
N TYR B 321 -9.04 -6.19 -55.34
CA TYR B 321 -8.22 -6.99 -56.23
C TYR B 321 -9.02 -7.45 -57.45
N PHE B 322 -8.83 -6.75 -58.56
CA PHE B 322 -9.48 -7.12 -59.82
C PHE B 322 -8.62 -8.15 -60.57
N SER B 323 -9.20 -9.32 -60.82
CA SER B 323 -8.51 -10.38 -61.54
C SER B 323 -7.81 -11.33 -60.60
N ALA B 324 -7.87 -12.63 -60.93
CA ALA B 324 -7.20 -13.65 -60.13
C ALA B 324 -5.72 -13.71 -60.47
N ASP B 325 -5.36 -13.21 -61.64
CA ASP B 325 -3.96 -13.09 -62.03
C ASP B 325 -3.24 -12.14 -61.10
N GLU B 326 -3.97 -11.15 -60.61
CA GLU B 326 -3.41 -10.13 -59.74
C GLU B 326 -2.94 -10.73 -58.42
N VAL B 327 -3.85 -11.38 -57.71
CA VAL B 327 -3.53 -12.05 -56.46
C VAL B 327 -2.51 -13.16 -56.68
N ASN B 328 -2.59 -13.80 -57.84
CA ASN B 328 -1.70 -14.88 -58.19
C ASN B 328 -0.24 -14.42 -58.32
N GLU B 329 -0.05 -13.11 -58.49
CA GLU B 329 1.29 -12.53 -58.52
C GLU B 329 1.64 -11.97 -57.14
N ILE B 330 0.66 -11.37 -56.48
CA ILE B 330 0.85 -10.76 -55.18
C ILE B 330 1.21 -11.82 -54.12
N CYS B 331 0.48 -12.93 -54.13
CA CYS B 331 0.76 -14.04 -53.24
C CYS B 331 2.11 -14.64 -53.58
N ASP B 332 2.36 -14.76 -54.89
CA ASP B 332 3.62 -15.31 -55.39
C ASP B 332 4.79 -14.47 -54.87
N ARG B 333 4.64 -13.16 -54.94
CA ARG B 333 5.68 -12.23 -54.55
C ARG B 333 6.06 -12.35 -53.08
N MET B 334 5.06 -12.21 -52.21
CA MET B 334 5.28 -12.24 -50.77
C MET B 334 6.02 -13.50 -50.34
N ARG B 335 5.45 -14.66 -50.65
CA ARG B 335 6.05 -15.92 -50.22
C ARG B 335 7.45 -16.09 -50.81
N ALA B 336 7.60 -15.76 -52.09
CA ALA B 336 8.89 -15.86 -52.75
C ALA B 336 9.89 -14.89 -52.10
N GLU B 337 9.39 -13.72 -51.73
CA GLU B 337 10.24 -12.70 -51.13
C GLU B 337 10.25 -12.82 -49.61
N HIS B 338 9.82 -13.99 -49.12
CA HIS B 338 9.87 -14.32 -47.70
C HIS B 338 9.12 -13.36 -46.80
N TYR B 339 8.01 -12.84 -47.30
CA TYR B 339 7.09 -12.10 -46.47
C TYR B 339 6.08 -13.09 -45.92
N PRO B 340 6.08 -13.31 -44.59
CA PRO B 340 5.10 -14.18 -43.95
C PRO B 340 3.70 -13.69 -44.22
N CYS B 341 2.79 -14.54 -44.70
CA CYS B 341 1.43 -14.11 -45.01
C CYS B 341 0.52 -15.33 -45.14
N ASP B 342 -0.66 -15.26 -44.53
CA ASP B 342 -1.49 -16.46 -44.37
C ASP B 342 -2.89 -16.36 -44.97
N VAL B 343 -3.29 -15.17 -45.39
CA VAL B 343 -4.63 -14.98 -45.94
C VAL B 343 -4.67 -13.83 -46.91
N ILE B 344 -5.34 -14.02 -48.04
CA ILE B 344 -5.61 -12.90 -48.92
C ILE B 344 -7.11 -12.71 -49.04
N HIS B 345 -7.54 -11.47 -48.84
CA HIS B 345 -8.95 -11.14 -48.94
C HIS B 345 -9.30 -10.61 -50.33
N LEU B 346 -10.40 -11.12 -50.87
CA LEU B 346 -10.95 -10.63 -52.12
C LEU B 346 -12.17 -9.75 -51.80
N ASP B 347 -12.02 -8.44 -51.98
CA ASP B 347 -13.05 -7.52 -51.54
C ASP B 347 -14.14 -7.31 -52.58
N THR B 348 -14.51 -6.05 -52.81
CA THR B 348 -15.64 -5.71 -53.68
C THR B 348 -15.50 -6.19 -55.13
N GLY B 349 -15.49 -7.50 -55.32
CA GLY B 349 -15.56 -8.07 -56.65
C GLY B 349 -14.24 -8.11 -57.38
N TRP B 350 -13.80 -9.29 -57.85
CA TRP B 350 -14.44 -10.60 -57.64
C TRP B 350 -15.70 -10.80 -58.50
N PHE B 351 -16.81 -10.18 -58.12
CA PHE B 351 -18.03 -10.30 -58.91
C PHE B 351 -17.82 -9.75 -60.31
N ARG B 352 -18.75 -10.05 -61.22
CA ARG B 352 -18.69 -9.56 -62.60
C ARG B 352 -18.84 -8.04 -62.66
N THR B 353 -18.88 -7.41 -61.50
CA THR B 353 -18.99 -5.96 -61.38
C THR B 353 -19.04 -5.53 -59.92
N ASP B 354 -18.07 -4.71 -59.50
CA ASP B 354 -18.12 -4.10 -58.18
C ASP B 354 -19.26 -3.09 -58.14
N TRP B 355 -19.57 -2.57 -56.96
CA TRP B 355 -18.95 -3.05 -55.74
C TRP B 355 -19.75 -4.27 -55.31
N ALA B 427 -32.83 -1.20 -52.19
CA ALA B 427 -32.34 -2.38 -52.90
C ALA B 427 -33.09 -3.64 -52.44
N GLY B 428 -32.86 -4.03 -51.19
CA GLY B 428 -33.55 -5.15 -50.57
C GLY B 428 -32.63 -5.90 -49.62
N THR B 429 -32.91 -5.83 -48.32
CA THR B 429 -32.11 -6.54 -47.32
C THR B 429 -32.73 -7.89 -47.05
N ILE B 430 -31.90 -8.91 -46.90
CA ILE B 430 -32.41 -10.24 -46.68
C ILE B 430 -32.94 -10.32 -45.25
N ASP B 431 -34.11 -10.93 -45.10
CA ASP B 431 -34.74 -11.04 -43.78
C ASP B 431 -34.25 -12.26 -43.03
N PHE B 432 -33.43 -12.03 -42.00
CA PHE B 432 -32.92 -13.13 -41.19
C PHE B 432 -33.90 -13.53 -40.09
N THR B 433 -35.10 -12.93 -40.14
CA THR B 433 -36.20 -13.35 -39.28
C THR B 433 -37.15 -14.24 -40.09
N TYR B 434 -36.60 -14.81 -41.16
CA TYR B 434 -37.35 -15.71 -42.04
C TYR B 434 -36.53 -16.98 -42.17
N PRO B 435 -36.88 -18.04 -41.42
CA PRO B 435 -36.03 -19.24 -41.37
C PRO B 435 -35.72 -19.83 -42.74
N LYS B 436 -36.58 -19.58 -43.73
CA LYS B 436 -36.32 -20.02 -45.09
C LYS B 436 -35.24 -19.15 -45.71
N ALA B 437 -35.33 -17.86 -45.42
CA ALA B 437 -34.42 -16.87 -45.98
C ALA B 437 -32.99 -17.06 -45.51
N THR B 438 -32.84 -17.49 -44.26
CA THR B 438 -31.52 -17.63 -43.68
C THR B 438 -30.85 -18.88 -44.20
N GLU B 439 -31.64 -19.94 -44.37
CA GLU B 439 -31.08 -21.21 -44.84
C GLU B 439 -30.67 -21.08 -46.30
N TRP B 440 -31.29 -20.14 -47.01
CA TRP B 440 -30.89 -19.82 -48.37
C TRP B 440 -29.54 -19.10 -48.36
N TYR B 441 -29.48 -18.01 -47.60
CA TYR B 441 -28.24 -17.27 -47.39
C TYR B 441 -27.11 -18.20 -46.99
N LYS B 442 -27.39 -19.09 -46.03
CA LYS B 442 -26.45 -20.12 -45.65
C LYS B 442 -26.03 -20.95 -46.85
N GLY B 443 -27.02 -21.31 -47.67
CA GLY B 443 -26.76 -22.03 -48.90
C GLY B 443 -26.01 -21.15 -49.86
N LEU B 444 -26.28 -19.85 -49.79
CA LEU B 444 -25.60 -18.88 -50.63
C LEU B 444 -24.13 -18.88 -50.24
N LEU B 445 -23.85 -19.07 -48.96
CA LEU B 445 -22.49 -19.08 -48.47
C LEU B 445 -21.87 -20.47 -48.61
N LYS B 446 -22.69 -21.49 -48.47
CA LYS B 446 -22.20 -22.86 -48.50
C LYS B 446 -21.53 -23.19 -49.82
N GLN B 447 -22.05 -22.61 -50.91
CA GLN B 447 -21.52 -22.86 -52.24
C GLN B 447 -20.09 -22.34 -52.39
N LEU B 448 -19.80 -21.22 -51.74
CA LEU B 448 -18.50 -20.57 -51.83
C LEU B 448 -17.54 -21.15 -50.81
N LEU B 449 -18.10 -21.57 -49.68
CA LEU B 449 -17.31 -22.17 -48.62
C LEU B 449 -16.77 -23.54 -49.03
N ASP B 450 -17.38 -24.13 -50.06
CA ASP B 450 -17.03 -25.48 -50.48
C ASP B 450 -15.89 -25.47 -51.51
N MET B 451 -15.66 -24.32 -52.13
CA MET B 451 -14.54 -24.18 -53.06
C MET B 451 -13.23 -24.10 -52.29
N GLY B 452 -13.32 -23.77 -51.00
CA GLY B 452 -12.16 -23.72 -50.15
C GLY B 452 -12.06 -22.46 -49.32
N VAL B 453 -12.88 -21.47 -49.66
CA VAL B 453 -12.94 -20.22 -48.89
C VAL B 453 -13.23 -20.55 -47.44
N THR B 454 -12.45 -19.95 -46.55
CA THR B 454 -12.49 -20.28 -45.13
C THR B 454 -13.06 -19.16 -44.27
N CYS B 455 -12.99 -17.92 -44.75
CA CYS B 455 -13.62 -16.80 -44.06
C CYS B 455 -14.56 -16.02 -44.97
N ILE B 456 -15.49 -15.31 -44.36
CA ILE B 456 -16.46 -14.49 -45.08
C ILE B 456 -16.57 -13.14 -44.41
N LYS B 457 -16.38 -12.07 -45.18
CA LYS B 457 -16.48 -10.73 -44.65
C LYS B 457 -17.93 -10.28 -44.60
N THR B 458 -18.52 -10.31 -43.40
CA THR B 458 -19.90 -9.88 -43.22
C THR B 458 -19.92 -8.37 -43.06
N ASP B 459 -19.74 -7.69 -44.19
CA ASP B 459 -19.74 -6.24 -44.22
C ASP B 459 -21.15 -5.70 -43.99
N PHE B 460 -21.24 -4.44 -43.61
CA PHE B 460 -22.52 -3.77 -43.39
C PHE B 460 -23.39 -4.49 -42.36
N GLY B 461 -24.65 -4.09 -42.27
CA GLY B 461 -25.57 -4.65 -41.31
C GLY B 461 -25.93 -3.65 -40.22
N GLU B 462 -25.41 -2.44 -40.33
CA GLU B 462 -25.77 -1.37 -39.42
C GLU B 462 -27.19 -0.94 -39.74
N ASN B 463 -27.51 -1.00 -41.03
CA ASN B 463 -28.79 -0.51 -41.53
C ASN B 463 -29.48 -1.56 -42.38
N ILE B 464 -30.79 -1.69 -42.17
CA ILE B 464 -31.63 -2.49 -43.04
C ILE B 464 -32.67 -1.55 -43.63
N HIS B 465 -33.54 -2.05 -44.48
CA HIS B 465 -34.63 -1.24 -44.99
C HIS B 465 -35.69 -1.10 -43.91
N MET B 466 -35.94 0.14 -43.50
CA MET B 466 -36.83 0.41 -42.39
C MET B 466 -38.29 0.54 -42.85
N ASP B 467 -38.46 0.85 -44.13
CA ASP B 467 -39.79 0.98 -44.72
C ASP B 467 -40.29 -0.36 -45.23
N ALA B 468 -39.36 -1.24 -45.54
CA ALA B 468 -39.71 -2.57 -46.02
C ALA B 468 -40.23 -3.44 -44.89
N VAL B 469 -41.43 -3.97 -45.05
CA VAL B 469 -42.01 -4.90 -44.08
C VAL B 469 -41.27 -6.23 -44.10
N TYR B 470 -40.96 -6.76 -42.92
CA TYR B 470 -40.30 -8.05 -42.79
C TYR B 470 -41.31 -9.14 -42.41
N LYS B 471 -40.78 -10.30 -42.00
CA LYS B 471 -41.62 -11.38 -41.47
C LYS B 471 -41.74 -11.26 -39.95
N GLY B 472 -40.77 -11.83 -39.23
CA GLY B 472 -40.78 -11.77 -37.78
C GLY B 472 -40.09 -10.50 -37.30
N MET B 473 -40.67 -9.86 -36.27
CA MET B 473 -40.08 -8.69 -35.65
C MET B 473 -40.26 -7.44 -36.50
N LYS B 474 -40.54 -6.32 -35.85
CA LYS B 474 -40.79 -5.05 -36.55
C LYS B 474 -39.48 -4.39 -36.95
N PRO B 475 -39.54 -3.57 -37.98
CA PRO B 475 -38.35 -2.93 -38.53
C PRO B 475 -37.58 -2.17 -37.45
N GLU B 476 -38.33 -1.49 -36.57
CA GLU B 476 -37.73 -0.67 -35.53
C GLU B 476 -37.08 -1.48 -34.41
N LEU B 477 -37.03 -2.82 -34.57
CA LEU B 477 -36.42 -3.69 -33.58
C LEU B 477 -35.39 -4.62 -34.19
N LEU B 478 -35.64 -5.08 -35.42
CA LEU B 478 -34.72 -6.00 -36.06
C LEU B 478 -33.40 -5.32 -36.42
N ASN B 479 -33.47 -4.00 -36.62
CA ASN B 479 -32.33 -3.24 -37.09
C ASN B 479 -31.06 -3.46 -36.26
N ASN B 480 -31.10 -3.09 -35.00
CA ASN B 480 -29.93 -3.24 -34.14
C ASN B 480 -29.58 -4.70 -33.94
N LEU B 481 -30.60 -5.52 -33.80
CA LEU B 481 -30.44 -6.96 -33.62
C LEU B 481 -29.85 -7.63 -34.87
N TYR B 482 -30.05 -7.00 -36.03
CA TYR B 482 -29.68 -7.58 -37.33
C TYR B 482 -28.27 -8.14 -37.37
N ALA B 483 -27.30 -7.39 -36.85
CA ALA B 483 -25.90 -7.80 -36.85
C ALA B 483 -25.69 -9.15 -36.17
N LEU B 484 -26.43 -9.40 -35.09
CA LEU B 484 -26.33 -10.67 -34.38
C LEU B 484 -26.83 -11.82 -35.24
N LEU B 485 -28.02 -11.65 -35.81
CA LEU B 485 -28.63 -12.66 -36.66
C LEU B 485 -27.80 -12.86 -37.91
N TYR B 486 -27.42 -11.74 -38.50
CA TYR B 486 -26.71 -11.71 -39.77
C TYR B 486 -25.39 -12.47 -39.68
N GLN B 487 -24.63 -12.23 -38.62
CA GLN B 487 -23.33 -12.88 -38.48
C GLN B 487 -23.43 -14.30 -37.95
N LYS B 488 -24.41 -14.55 -37.09
CA LYS B 488 -24.67 -15.89 -36.60
C LYS B 488 -24.77 -16.85 -37.77
N ALA B 489 -25.67 -16.55 -38.70
CA ALA B 489 -25.89 -17.38 -39.88
C ALA B 489 -24.60 -17.66 -40.63
N ALA B 490 -23.85 -16.60 -40.95
CA ALA B 490 -22.59 -16.74 -41.68
C ALA B 490 -21.56 -17.52 -40.87
N TYR B 491 -21.54 -17.31 -39.56
CA TYR B 491 -20.61 -18.00 -38.69
C TYR B 491 -20.98 -19.48 -38.61
N GLU B 492 -22.27 -19.73 -38.47
CA GLU B 492 -22.80 -21.09 -38.36
C GLU B 492 -22.46 -21.93 -39.58
N ILE B 493 -22.78 -21.42 -40.76
CA ILE B 493 -22.54 -22.18 -41.98
C ILE B 493 -21.05 -22.35 -42.20
N THR B 494 -20.27 -21.35 -41.82
CA THR B 494 -18.82 -21.41 -41.95
C THR B 494 -18.25 -22.57 -41.15
N LYS B 495 -18.53 -22.61 -39.85
CA LYS B 495 -18.01 -23.71 -39.03
C LYS B 495 -18.69 -25.01 -39.41
N GLU B 496 -19.89 -24.90 -39.95
CA GLU B 496 -20.64 -26.08 -40.38
C GLU B 496 -19.88 -26.82 -41.47
N VAL B 497 -19.39 -26.08 -42.44
CA VAL B 497 -18.66 -26.67 -43.56
C VAL B 497 -17.14 -26.68 -43.33
N THR B 498 -16.63 -25.63 -42.70
CA THR B 498 -15.20 -25.47 -42.49
C THR B 498 -14.74 -26.31 -41.32
N GLY B 499 -15.50 -26.26 -40.24
CA GLY B 499 -15.11 -26.84 -38.98
C GLY B 499 -14.52 -25.79 -38.06
N ASP B 500 -14.35 -24.60 -38.60
CA ASP B 500 -13.88 -23.46 -37.82
C ASP B 500 -14.91 -22.35 -37.92
N GLY B 501 -15.31 -21.80 -36.78
CA GLY B 501 -16.21 -20.67 -36.76
C GLY B 501 -15.46 -19.35 -36.83
N ILE B 502 -15.59 -18.67 -37.96
CA ILE B 502 -14.99 -17.35 -38.12
C ILE B 502 -15.71 -16.52 -39.15
N VAL B 503 -15.88 -15.25 -38.82
CA VAL B 503 -16.38 -14.26 -39.77
C VAL B 503 -15.51 -13.02 -39.69
N TRP B 504 -15.67 -12.12 -40.65
CA TRP B 504 -15.04 -10.80 -40.57
C TRP B 504 -16.16 -9.76 -40.64
N ALA B 505 -16.61 -9.31 -39.47
CA ALA B 505 -17.83 -8.51 -39.36
C ALA B 505 -17.54 -7.03 -39.08
N ARG B 506 -18.43 -6.15 -39.54
CA ARG B 506 -18.29 -4.71 -39.33
C ARG B 506 -19.34 -4.16 -38.38
N ALA B 507 -20.54 -4.73 -38.43
CA ALA B 507 -21.59 -4.37 -37.49
C ALA B 507 -21.45 -5.20 -36.22
N ALA B 508 -22.21 -4.85 -35.19
CA ALA B 508 -22.22 -5.60 -33.96
C ALA B 508 -23.34 -5.11 -33.04
N TRP B 509 -23.89 -6.06 -32.28
CA TRP B 509 -24.85 -5.77 -31.23
C TRP B 509 -24.51 -6.71 -30.07
N ALA B 510 -25.31 -6.69 -29.00
CA ALA B 510 -25.08 -7.56 -27.85
C ALA B 510 -25.20 -9.03 -28.22
N GLY B 511 -24.18 -9.81 -27.88
CA GLY B 511 -24.13 -11.22 -28.22
C GLY B 511 -23.35 -11.52 -29.49
N CYS B 512 -22.80 -10.49 -30.12
CA CYS B 512 -21.99 -10.66 -31.33
C CYS B 512 -20.58 -11.13 -31.01
N GLN B 513 -20.20 -11.05 -29.74
CA GLN B 513 -18.89 -11.49 -29.32
C GLN B 513 -18.72 -12.99 -29.49
N ARG B 514 -19.83 -13.69 -29.58
CA ARG B 514 -19.83 -15.14 -29.77
C ARG B 514 -19.02 -15.54 -31.00
N TYR B 515 -19.06 -14.67 -32.01
CA TYR B 515 -18.53 -15.00 -33.34
C TYR B 515 -17.34 -14.14 -33.75
N PRO B 516 -16.10 -14.67 -33.59
CA PRO B 516 -14.91 -13.93 -34.00
C PRO B 516 -14.82 -13.73 -35.51
N LEU B 517 -14.47 -12.56 -36.04
CA LEU B 517 -14.09 -11.39 -35.26
C LEU B 517 -14.65 -10.12 -35.91
N HIS B 518 -14.15 -8.98 -35.48
CA HIS B 518 -14.67 -7.69 -35.91
C HIS B 518 -13.52 -6.71 -36.14
N TRP B 519 -13.65 -5.87 -37.15
CA TRP B 519 -12.59 -4.91 -37.47
C TRP B 519 -13.11 -3.48 -37.47
N GLY B 520 -12.17 -2.53 -37.38
CA GLY B 520 -12.46 -1.15 -37.05
C GLY B 520 -13.07 -0.27 -38.14
N GLY B 521 -13.50 -0.88 -39.22
CA GLY B 521 -14.24 -0.16 -40.25
C GLY B 521 -13.33 0.61 -41.20
N ASP B 522 -13.86 1.72 -41.71
CA ASP B 522 -13.15 2.51 -42.72
C ASP B 522 -12.44 3.70 -42.08
N SER B 523 -11.28 3.43 -41.48
CA SER B 523 -10.53 4.46 -40.80
C SER B 523 -9.63 5.23 -41.76
N CYS B 524 -9.24 6.43 -41.35
CA CYS B 524 -8.37 7.27 -42.16
C CYS B 524 -6.90 6.88 -41.95
N SER B 525 -6.14 6.82 -43.04
CA SER B 525 -4.71 6.61 -42.94
C SER B 525 -4.06 7.87 -42.37
N SER B 526 -4.24 8.07 -41.07
CA SER B 526 -3.64 9.19 -40.37
C SER B 526 -3.53 8.91 -38.87
N TRP B 527 -2.88 9.80 -38.15
CA TRP B 527 -2.74 9.63 -36.71
C TRP B 527 -4.11 9.77 -36.07
N ASP B 528 -4.98 10.54 -36.70
CA ASP B 528 -6.34 10.70 -36.19
C ASP B 528 -7.11 9.40 -36.37
N GLY B 529 -6.78 8.66 -37.42
CA GLY B 529 -7.42 7.39 -37.68
C GLY B 529 -6.79 6.28 -36.85
N MET B 530 -5.47 6.32 -36.72
CA MET B 530 -4.76 5.35 -35.90
C MET B 530 -5.21 5.43 -34.43
N ALA B 531 -5.25 6.65 -33.90
CA ALA B 531 -5.61 6.84 -32.49
C ALA B 531 -7.10 6.60 -32.27
N GLY B 532 -7.92 7.10 -33.19
CA GLY B 532 -9.36 6.92 -33.14
C GLY B 532 -9.73 5.44 -33.19
N SER B 533 -9.03 4.70 -34.01
CA SER B 533 -9.17 3.25 -34.08
C SER B 533 -8.88 2.63 -32.71
N LEU B 534 -7.79 3.08 -32.08
CA LEU B 534 -7.36 2.50 -30.81
C LEU B 534 -8.39 2.70 -29.71
N LYS B 535 -8.95 3.91 -29.65
CA LYS B 535 -10.01 4.20 -28.69
C LYS B 535 -11.15 3.21 -28.82
N GLY B 536 -11.66 3.05 -30.04
CA GLY B 536 -12.75 2.13 -30.29
C GLY B 536 -12.40 0.72 -29.90
N GLY B 537 -11.19 0.27 -30.25
CA GLY B 537 -10.74 -1.07 -29.93
C GLY B 537 -10.73 -1.31 -28.44
N LEU B 538 -10.35 -0.28 -27.69
CA LEU B 538 -10.31 -0.36 -26.24
C LEU B 538 -11.72 -0.51 -25.66
N HIS B 539 -12.62 0.39 -26.02
CA HIS B 539 -14.00 0.33 -25.54
C HIS B 539 -14.71 -0.91 -26.02
N PHE B 540 -14.27 -1.42 -27.15
CA PHE B 540 -14.86 -2.61 -27.73
C PHE B 540 -14.49 -3.84 -26.90
N GLY B 541 -13.26 -3.86 -26.39
CA GLY B 541 -12.79 -4.96 -25.56
C GLY B 541 -13.41 -4.90 -24.17
N LEU B 542 -13.86 -3.70 -23.80
CA LEU B 542 -14.57 -3.50 -22.54
C LEU B 542 -16.06 -3.60 -22.75
N SER B 543 -16.45 -4.37 -23.77
CA SER B 543 -17.85 -4.53 -24.11
C SER B 543 -18.14 -5.98 -24.43
N GLY B 544 -17.31 -6.88 -23.90
CA GLY B 544 -17.58 -8.30 -23.97
C GLY B 544 -16.95 -9.02 -25.14
N PHE B 545 -16.14 -8.31 -25.91
CA PHE B 545 -15.45 -8.89 -27.06
C PHE B 545 -14.02 -9.27 -26.71
N ALA B 546 -13.48 -10.24 -27.45
CA ALA B 546 -12.12 -10.71 -27.26
C ALA B 546 -11.22 -10.32 -28.44
N PHE B 547 -11.75 -10.51 -29.65
CA PHE B 547 -10.96 -10.37 -30.87
C PHE B 547 -11.41 -9.17 -31.71
N TRP B 548 -10.47 -8.26 -31.97
CA TRP B 548 -10.76 -7.04 -32.68
C TRP B 548 -9.58 -6.72 -33.60
N SER B 549 -9.90 -6.26 -34.82
CA SER B 549 -8.89 -5.95 -35.82
C SER B 549 -9.08 -4.54 -36.35
N HIS B 550 -8.26 -4.17 -37.32
CA HIS B 550 -8.30 -2.84 -37.89
C HIS B 550 -7.49 -2.83 -39.18
N ASP B 551 -7.87 -1.96 -40.11
CA ASP B 551 -7.23 -1.91 -41.42
C ASP B 551 -5.88 -1.21 -41.29
N VAL B 552 -4.82 -1.88 -41.75
CA VAL B 552 -3.48 -1.33 -41.68
C VAL B 552 -3.00 -0.85 -43.04
N PRO B 553 -2.52 0.40 -43.14
CA PRO B 553 -2.49 1.48 -42.14
C PRO B 553 -3.64 2.45 -42.36
N GLY B 554 -4.85 2.03 -41.99
CA GLY B 554 -6.04 2.84 -42.18
C GLY B 554 -6.65 2.50 -43.53
N PHE B 555 -7.97 2.69 -43.65
CA PHE B 555 -8.67 2.33 -44.88
C PHE B 555 -8.39 3.32 -46.00
N HIS B 556 -8.84 4.57 -45.81
CA HIS B 556 -8.75 5.58 -46.86
C HIS B 556 -7.69 6.64 -46.53
N THR B 557 -7.43 7.50 -47.51
CA THR B 557 -6.47 8.58 -47.38
C THR B 557 -7.14 9.92 -47.64
N LEU B 558 -6.48 11.00 -47.26
CA LEU B 558 -6.92 12.33 -47.59
C LEU B 558 -5.79 13.12 -48.26
N PRO B 559 -6.15 14.15 -49.04
CA PRO B 559 -7.52 14.59 -49.30
C PRO B 559 -8.26 13.71 -50.31
N ASN B 560 -7.55 13.22 -51.32
CA ASN B 560 -8.18 12.35 -52.30
C ASN B 560 -8.39 10.96 -51.72
N PHE B 561 -9.66 10.55 -51.67
CA PHE B 561 -10.08 9.33 -50.99
C PHE B 561 -9.42 8.06 -51.52
N MET B 562 -9.26 8.00 -52.84
CA MET B 562 -8.91 6.76 -53.50
C MET B 562 -7.51 6.74 -54.10
N ASN B 563 -6.91 7.91 -54.28
CA ASN B 563 -5.61 8.00 -54.96
C ASN B 563 -4.65 9.00 -54.34
N SER B 564 -4.39 8.86 -53.04
CA SER B 564 -3.38 9.67 -52.37
C SER B 564 -2.26 8.76 -51.90
N ILE B 565 -1.31 9.34 -51.19
CA ILE B 565 -0.16 8.60 -50.70
C ILE B 565 -0.38 8.22 -49.24
N VAL B 566 -0.21 6.94 -48.94
CA VAL B 566 -0.43 6.44 -47.58
C VAL B 566 0.57 7.06 -46.61
N ALA B 567 1.77 7.35 -47.12
CA ALA B 567 2.89 7.89 -46.35
C ALA B 567 3.49 6.84 -45.43
N GLU B 568 4.73 6.45 -45.75
CA GLU B 568 5.47 5.40 -45.05
C GLU B 568 5.50 5.64 -43.55
N ASP B 569 5.51 6.92 -43.19
CA ASP B 569 5.44 7.36 -41.81
C ASP B 569 4.31 6.65 -41.04
N VAL B 570 3.08 6.95 -41.43
CA VAL B 570 1.89 6.32 -40.89
C VAL B 570 1.95 4.80 -41.05
N TYR B 571 2.43 4.35 -42.20
CA TYR B 571 2.44 2.92 -42.52
C TYR B 571 3.17 2.12 -41.45
N MET B 572 4.45 2.42 -41.24
CA MET B 572 5.32 1.67 -40.34
C MET B 572 4.80 1.60 -38.90
N ARG B 573 4.19 2.69 -38.42
CA ARG B 573 3.73 2.75 -37.03
C ARG B 573 2.41 2.01 -36.80
N TRP B 574 1.59 1.94 -37.84
CA TRP B 574 0.31 1.26 -37.75
C TRP B 574 0.53 -0.24 -37.90
N THR B 575 1.52 -0.64 -38.68
CA THR B 575 1.85 -2.06 -38.83
C THR B 575 2.31 -2.59 -37.49
N GLN B 576 3.06 -1.78 -36.76
CA GLN B 576 3.50 -2.13 -35.42
C GLN B 576 2.28 -2.35 -34.53
N PHE B 577 1.34 -1.41 -34.63
CA PHE B 577 0.10 -1.44 -33.87
C PHE B 577 -0.69 -2.70 -34.23
N GLY B 578 -0.74 -2.99 -35.53
CA GLY B 578 -1.42 -4.17 -36.03
C GLY B 578 -0.79 -5.47 -35.57
N VAL B 579 0.53 -5.46 -35.41
CA VAL B 579 1.27 -6.64 -34.98
C VAL B 579 0.83 -6.97 -33.56
N PHE B 580 0.65 -5.95 -32.73
CA PHE B 580 0.24 -6.14 -31.33
C PHE B 580 -1.26 -5.93 -31.15
N THR B 581 -2.03 -6.49 -32.08
CA THR B 581 -3.47 -6.62 -31.92
C THR B 581 -3.89 -8.06 -32.19
N SER B 582 -5.12 -8.38 -31.83
CA SER B 582 -5.64 -9.73 -31.95
C SER B 582 -5.43 -10.28 -33.36
N HIS B 583 -5.81 -9.50 -34.36
CA HIS B 583 -5.70 -9.91 -35.74
C HIS B 583 -5.16 -8.75 -36.56
N ILE B 584 -4.30 -9.05 -37.53
CA ILE B 584 -3.71 -8.03 -38.40
C ILE B 584 -4.14 -8.20 -39.85
N ARG B 585 -4.53 -7.10 -40.47
CA ARG B 585 -5.07 -7.11 -41.81
C ARG B 585 -4.73 -5.84 -42.58
N TYR B 586 -4.07 -6.02 -43.72
CA TYR B 586 -3.74 -4.91 -44.60
C TYR B 586 -4.83 -4.73 -45.65
N HIS B 587 -5.49 -3.59 -45.62
CA HIS B 587 -6.61 -3.34 -46.52
C HIS B 587 -6.89 -1.84 -46.66
N GLY B 588 -7.24 -1.41 -47.86
CA GLY B 588 -7.54 0.00 -48.08
C GLY B 588 -7.80 0.38 -49.52
N THR B 589 -7.97 1.69 -49.73
CA THR B 589 -8.37 2.26 -51.01
C THR B 589 -7.23 2.36 -52.00
N ASN B 590 -6.03 1.94 -51.57
CA ASN B 590 -4.84 1.96 -52.41
C ASN B 590 -4.10 0.63 -52.29
N LYS B 591 -3.00 0.47 -53.03
CA LYS B 591 -2.14 -0.68 -52.85
C LYS B 591 -1.70 -0.75 -51.39
N ARG B 592 -1.43 -1.95 -50.91
CA ARG B 592 -1.11 -2.14 -49.51
C ARG B 592 0.10 -3.07 -49.36
N GLU B 593 0.58 -3.59 -50.49
CA GLU B 593 1.73 -4.48 -50.49
C GLU B 593 2.99 -3.73 -50.10
N PRO B 594 3.87 -4.38 -49.33
CA PRO B 594 5.04 -3.77 -48.67
C PRO B 594 6.12 -3.29 -49.65
N TRP B 595 6.10 -3.79 -50.87
CA TRP B 595 7.12 -3.43 -51.86
C TRP B 595 6.82 -2.10 -52.54
N HIS B 596 5.67 -1.52 -52.24
CA HIS B 596 5.33 -0.21 -52.77
C HIS B 596 5.79 0.88 -51.82
N TYR B 597 6.76 0.50 -50.98
CA TYR B 597 7.41 1.41 -50.04
C TYR B 597 8.85 0.95 -49.88
N PRO B 598 9.72 1.26 -50.86
CA PRO B 598 11.12 0.84 -50.92
C PRO B 598 11.80 0.68 -49.56
N ALA B 599 11.45 1.55 -48.62
CA ALA B 599 11.95 1.50 -47.24
C ALA B 599 11.24 2.61 -46.49
N ILE B 600 10.46 2.32 -45.45
CA ILE B 600 10.35 1.02 -44.76
C ILE B 600 9.90 -0.18 -45.57
N ALA B 601 10.47 -1.32 -45.20
CA ALA B 601 10.52 -2.58 -45.96
C ALA B 601 11.97 -2.75 -46.36
N PRO B 602 12.63 -3.82 -45.88
CA PRO B 602 12.14 -4.96 -45.12
C PRO B 602 12.03 -4.70 -43.63
N LEU B 603 11.78 -3.45 -43.24
CA LEU B 603 11.39 -3.19 -41.86
C LEU B 603 10.06 -3.89 -41.63
N VAL B 604 9.13 -3.66 -42.55
CA VAL B 604 7.84 -4.33 -42.57
C VAL B 604 8.01 -5.85 -42.57
N LYS B 605 9.11 -6.30 -43.15
CA LYS B 605 9.40 -7.72 -43.24
C LYS B 605 9.80 -8.29 -41.88
N LYS B 606 10.59 -7.54 -41.11
CA LYS B 606 11.04 -7.99 -39.80
C LYS B 606 9.86 -8.03 -38.85
N TRP B 607 8.89 -7.16 -39.10
CA TRP B 607 7.76 -6.99 -38.20
C TRP B 607 6.67 -8.00 -38.51
N TRP B 608 6.71 -8.55 -39.71
CA TRP B 608 5.88 -9.70 -40.02
C TRP B 608 6.50 -10.94 -39.43
N LYS B 609 7.83 -11.01 -39.48
CA LYS B 609 8.53 -12.12 -38.87
C LYS B 609 8.28 -12.13 -37.36
N LEU B 610 8.27 -10.94 -36.75
CA LEU B 610 7.95 -10.80 -35.34
C LEU B 610 6.55 -11.29 -35.00
N ARG B 611 5.61 -11.03 -35.90
CA ARG B 611 4.22 -11.42 -35.71
C ARG B 611 4.08 -12.92 -35.57
N TYR B 612 4.75 -13.66 -36.43
CA TYR B 612 4.74 -15.11 -36.34
C TYR B 612 5.59 -15.57 -35.13
N SER B 613 6.59 -14.77 -34.77
CA SER B 613 7.43 -15.07 -33.61
C SER B 613 6.68 -14.80 -32.31
N LEU B 614 5.41 -14.42 -32.42
CA LEU B 614 4.58 -14.15 -31.25
C LEU B 614 3.20 -14.81 -31.37
N ILE B 615 2.97 -15.55 -32.45
CA ILE B 615 1.68 -16.20 -32.66
C ILE B 615 1.35 -17.15 -31.50
N PRO B 616 2.33 -17.95 -31.05
CA PRO B 616 2.03 -18.82 -29.89
C PRO B 616 1.55 -18.07 -28.65
N TYR B 617 2.15 -16.93 -28.36
CA TYR B 617 1.71 -16.09 -27.24
C TYR B 617 0.28 -15.63 -27.42
N ILE B 618 -0.08 -15.23 -28.64
CA ILE B 618 -1.40 -14.68 -28.91
C ILE B 618 -2.48 -15.73 -28.70
N ILE B 619 -2.18 -16.98 -29.06
CA ILE B 619 -3.12 -18.08 -28.88
C ILE B 619 -3.25 -18.45 -27.41
N GLU B 620 -2.12 -18.54 -26.72
CA GLU B 620 -2.10 -18.77 -25.29
C GLU B 620 -3.06 -17.82 -24.59
N GLN B 621 -2.94 -16.54 -24.90
CA GLN B 621 -3.76 -15.51 -24.29
C GLN B 621 -5.18 -15.57 -24.79
N SER B 622 -5.33 -15.83 -26.08
CA SER B 622 -6.64 -15.90 -26.70
C SER B 622 -7.43 -17.05 -26.11
N LYS B 623 -6.76 -18.16 -25.84
CA LYS B 623 -7.42 -19.33 -25.31
C LYS B 623 -7.94 -19.07 -23.90
N LEU B 624 -7.24 -18.19 -23.17
CA LEU B 624 -7.67 -17.75 -21.86
C LEU B 624 -8.75 -16.68 -21.99
N ALA B 625 -8.78 -16.00 -23.13
CA ALA B 625 -9.73 -14.93 -23.36
C ALA B 625 -11.11 -15.51 -23.63
N VAL B 626 -11.15 -16.49 -24.53
CA VAL B 626 -12.39 -17.14 -24.92
C VAL B 626 -13.06 -17.91 -23.77
N GLU B 627 -12.32 -18.12 -22.68
CA GLU B 627 -12.84 -18.81 -21.51
C GLU B 627 -13.10 -17.86 -20.34
N SER B 628 -12.82 -16.58 -20.55
CA SER B 628 -12.86 -15.59 -19.48
C SER B 628 -13.70 -14.37 -19.84
N GLY B 629 -13.40 -13.24 -19.20
CA GLY B 629 -13.99 -11.97 -19.56
C GLY B 629 -12.96 -11.05 -20.18
N TRP B 630 -11.73 -11.55 -20.33
CA TRP B 630 -10.64 -10.77 -20.90
C TRP B 630 -10.80 -10.53 -22.39
N PRO B 631 -10.42 -9.33 -22.86
CA PRO B 631 -10.10 -9.13 -24.27
C PRO B 631 -8.61 -9.33 -24.53
N LEU B 632 -8.19 -9.35 -25.79
CA LEU B 632 -6.77 -9.37 -26.11
C LEU B 632 -6.16 -7.98 -26.05
N LEU B 633 -6.85 -7.00 -26.63
CA LEU B 633 -6.47 -5.61 -26.49
C LEU B 633 -7.16 -5.07 -25.24
N GLN B 634 -6.37 -4.68 -24.25
CA GLN B 634 -6.88 -4.42 -22.92
C GLN B 634 -6.60 -3.01 -22.43
N ALA B 635 -7.66 -2.30 -22.07
CA ALA B 635 -7.53 -1.00 -21.40
C ALA B 635 -6.80 -1.19 -20.08
N LEU B 636 -5.97 -0.22 -19.72
CA LEU B 636 -5.11 -0.34 -18.55
C LEU B 636 -5.91 -0.48 -17.26
N ILE B 637 -7.18 -0.10 -17.30
CA ILE B 637 -8.03 -0.20 -16.12
C ILE B 637 -8.36 -1.66 -15.81
N LEU B 638 -8.25 -2.51 -16.82
CA LEU B 638 -8.47 -3.93 -16.64
C LEU B 638 -7.42 -4.49 -15.69
N HIS B 639 -6.28 -3.82 -15.66
CA HIS B 639 -5.16 -4.23 -14.82
C HIS B 639 -4.96 -3.26 -13.68
N HIS B 640 -5.39 -2.01 -13.88
CA HIS B 640 -5.13 -0.94 -12.92
C HIS B 640 -6.38 -0.08 -12.72
N PRO B 641 -7.45 -0.68 -12.19
CA PRO B 641 -8.73 0.02 -12.02
C PRO B 641 -8.70 1.11 -10.96
N GLU B 642 -7.67 1.16 -10.12
CA GLU B 642 -7.61 2.11 -9.02
C GLU B 642 -6.64 3.26 -9.27
N ASP B 643 -6.24 3.43 -10.53
CA ASP B 643 -5.35 4.50 -10.93
C ASP B 643 -6.09 5.50 -11.80
N LYS B 644 -6.28 6.72 -11.28
CA LYS B 644 -7.13 7.69 -11.95
C LYS B 644 -6.60 8.01 -13.35
N LEU B 645 -5.29 7.85 -13.52
CA LEU B 645 -4.66 8.22 -14.77
C LEU B 645 -5.00 7.22 -15.88
N CYS B 646 -4.97 5.93 -15.52
CA CYS B 646 -5.25 4.85 -16.47
C CYS B 646 -6.65 4.95 -17.04
N TRP B 647 -7.55 5.51 -16.25
CA TRP B 647 -8.92 5.73 -16.68
C TRP B 647 -9.01 6.83 -17.74
N HIS B 648 -7.88 7.50 -18.01
CA HIS B 648 -7.82 8.54 -19.02
C HIS B 648 -6.66 8.31 -20.02
N ILE B 649 -6.14 7.09 -20.07
CA ILE B 649 -5.13 6.68 -21.03
C ILE B 649 -5.74 5.81 -22.12
N ASP B 650 -5.78 6.31 -23.34
CA ASP B 650 -6.34 5.57 -24.48
C ASP B 650 -5.34 5.44 -25.62
N ASP B 651 -4.08 5.76 -25.32
CA ASP B 651 -2.98 5.65 -26.28
C ASP B 651 -2.00 4.55 -25.89
N GLU B 652 -2.29 3.86 -24.79
CA GLU B 652 -1.51 2.70 -24.36
C GLU B 652 -2.46 1.56 -24.09
N TYR B 653 -1.95 0.33 -24.09
CA TYR B 653 -2.80 -0.82 -23.78
C TYR B 653 -2.01 -2.07 -23.43
N TYR B 654 -2.69 -3.04 -22.83
CA TYR B 654 -2.12 -4.35 -22.62
C TYR B 654 -2.43 -5.26 -23.80
N PHE B 655 -1.47 -6.08 -24.20
CA PHE B 655 -1.68 -7.06 -25.26
C PHE B 655 -1.55 -8.43 -24.64
N GLY B 656 -2.68 -9.06 -24.39
CA GLY B 656 -2.70 -10.22 -23.54
C GLY B 656 -2.35 -9.74 -22.14
N ASN B 657 -1.72 -10.62 -21.36
CA ASN B 657 -1.46 -10.33 -19.96
C ASN B 657 -0.07 -9.76 -19.69
N ASP B 658 0.87 -9.99 -20.60
CA ASP B 658 2.27 -9.72 -20.31
C ASP B 658 2.90 -8.55 -21.06
N PHE B 659 2.14 -7.94 -21.99
CA PHE B 659 2.67 -6.87 -22.84
C PHE B 659 1.97 -5.54 -22.65
N LEU B 660 2.76 -4.48 -22.46
CA LEU B 660 2.26 -3.12 -22.40
C LEU B 660 2.73 -2.37 -23.63
N VAL B 661 1.79 -1.89 -24.43
CA VAL B 661 2.08 -1.25 -25.70
C VAL B 661 1.67 0.21 -25.71
N ALA B 662 2.60 1.08 -26.11
CA ALA B 662 2.36 2.51 -26.22
C ALA B 662 2.80 2.98 -27.60
N PRO B 663 1.99 2.70 -28.63
CA PRO B 663 2.42 2.94 -30.02
C PRO B 663 2.74 4.41 -30.29
N VAL B 664 3.59 4.64 -31.30
CA VAL B 664 3.95 5.99 -31.71
C VAL B 664 3.03 6.42 -32.85
N MET B 665 2.14 7.37 -32.56
CA MET B 665 1.18 7.84 -33.56
C MET B 665 1.48 9.31 -33.87
N ASN B 666 2.75 9.59 -34.10
CA ASN B 666 3.25 10.97 -34.09
C ASN B 666 3.68 11.51 -35.44
N SER B 667 4.75 10.93 -36.00
CA SER B 667 5.47 11.44 -37.18
C SER B 667 6.79 12.12 -36.78
N GLU B 668 6.88 12.59 -35.53
CA GLU B 668 8.15 13.12 -35.02
C GLU B 668 8.86 12.05 -34.18
N ASN B 669 8.28 10.86 -34.12
CA ASN B 669 8.94 9.71 -33.51
C ASN B 669 9.30 9.92 -32.06
N ARG B 670 8.50 10.68 -31.34
CA ARG B 670 8.75 10.91 -29.93
C ARG B 670 7.42 10.98 -29.19
N ARG B 671 7.34 10.31 -28.04
CA ARG B 671 6.11 10.36 -27.24
C ARG B 671 6.34 10.01 -25.77
N ASP B 672 5.35 10.36 -24.95
CA ASP B 672 5.39 10.07 -23.53
C ASP B 672 4.75 8.72 -23.24
N ILE B 673 5.24 8.05 -22.20
CA ILE B 673 4.74 6.74 -21.82
C ILE B 673 4.55 6.68 -20.32
N TYR B 674 3.33 6.38 -19.90
CA TYR B 674 3.06 6.13 -18.49
C TYR B 674 3.17 4.65 -18.20
N LEU B 675 4.15 4.27 -17.41
CA LEU B 675 4.25 2.90 -16.91
C LEU B 675 3.33 2.72 -15.71
N PRO B 676 2.33 1.82 -15.80
CA PRO B 676 1.54 1.56 -14.61
C PRO B 676 2.36 0.85 -13.54
N GLU B 677 1.80 0.73 -12.35
CA GLU B 677 2.51 0.12 -11.23
C GLU B 677 3.10 -1.23 -11.63
N GLY B 678 4.41 -1.38 -11.44
CA GLY B 678 5.10 -2.62 -11.76
C GLY B 678 6.56 -2.39 -12.05
N GLN B 679 7.29 -3.48 -12.26
CA GLN B 679 8.69 -3.45 -12.64
C GLN B 679 8.77 -3.90 -14.09
N TRP B 680 9.07 -2.96 -14.97
CA TRP B 680 8.95 -3.21 -16.40
C TRP B 680 10.30 -3.38 -17.09
N VAL B 681 10.27 -4.00 -18.27
CA VAL B 681 11.48 -4.19 -19.05
C VAL B 681 11.10 -4.11 -20.53
N ASN B 682 11.79 -3.20 -21.23
CA ASN B 682 11.53 -2.95 -22.64
C ASN B 682 11.81 -4.20 -23.47
N PHE B 683 10.96 -4.45 -24.44
CA PHE B 683 10.93 -5.75 -25.10
C PHE B 683 11.98 -5.89 -26.19
N PHE B 684 12.52 -4.78 -26.67
CA PHE B 684 13.52 -4.80 -27.72
C PHE B 684 14.91 -4.56 -27.15
N THR B 685 15.05 -3.47 -26.41
CA THR B 685 16.31 -3.12 -25.75
C THR B 685 16.60 -4.08 -24.61
N GLY B 686 15.74 -4.04 -23.58
CA GLY B 686 15.90 -4.85 -22.40
C GLY B 686 16.13 -3.99 -21.18
N GLU B 687 15.81 -2.70 -21.29
CA GLU B 687 16.03 -1.76 -20.19
C GLU B 687 15.02 -1.98 -19.08
N ARG B 688 15.53 -2.22 -17.88
CA ARG B 688 14.68 -2.41 -16.70
C ARG B 688 14.15 -1.06 -16.20
N LEU B 689 12.83 -0.93 -16.18
CA LEU B 689 12.18 0.34 -15.84
C LEU B 689 11.18 0.19 -14.71
N GLN B 690 11.44 0.86 -13.60
CA GLN B 690 10.48 0.89 -12.50
C GLN B 690 9.19 1.57 -12.98
N GLY B 691 8.04 1.02 -12.57
CA GLY B 691 6.77 1.51 -13.08
C GLY B 691 6.19 2.64 -12.28
N GLY B 692 4.89 2.84 -12.41
CA GLY B 692 4.17 3.90 -11.71
C GLY B 692 4.78 5.26 -11.96
N ARG B 693 5.38 5.42 -13.13
CA ARG B 693 6.14 6.61 -13.47
C ARG B 693 6.01 6.96 -14.95
N TRP B 694 6.14 8.25 -15.27
CA TRP B 694 6.06 8.69 -16.65
C TRP B 694 7.40 8.56 -17.34
N LEU B 695 7.35 8.46 -18.66
CA LEU B 695 8.54 8.49 -19.50
C LEU B 695 8.38 9.58 -20.54
N LYS B 696 8.84 10.79 -20.21
CA LYS B 696 8.57 11.96 -21.04
C LYS B 696 9.48 12.10 -22.27
N GLU B 697 8.89 12.52 -23.37
CA GLU B 697 9.61 12.83 -24.61
C GLU B 697 10.61 11.75 -24.99
N VAL B 698 10.12 10.52 -25.06
CA VAL B 698 10.94 9.39 -25.45
C VAL B 698 10.99 9.30 -26.96
N TYR B 699 12.18 9.41 -27.53
CA TYR B 699 12.33 9.22 -28.96
C TYR B 699 12.36 7.74 -29.30
N VAL B 700 11.35 7.31 -30.05
CA VAL B 700 11.29 5.95 -30.55
C VAL B 700 11.84 5.89 -31.97
N PRO B 701 12.75 4.95 -32.24
CA PRO B 701 13.18 4.85 -33.65
C PRO B 701 12.06 4.36 -34.54
N LEU B 702 12.33 4.26 -35.84
CA LEU B 702 11.31 3.83 -36.79
C LEU B 702 11.11 2.32 -36.68
N GLU B 703 12.20 1.60 -36.52
CA GLU B 703 12.16 0.14 -36.39
C GLU B 703 11.39 -0.34 -35.15
N GLU B 704 11.40 0.44 -34.08
CA GLU B 704 10.85 -0.04 -32.81
C GLU B 704 9.55 0.64 -32.37
N MET B 705 8.90 0.02 -31.40
CA MET B 705 7.70 0.55 -30.77
C MET B 705 7.84 0.44 -29.26
N PRO B 706 7.33 1.44 -28.52
CA PRO B 706 7.32 1.26 -27.07
C PRO B 706 6.52 0.01 -26.66
N VAL B 707 7.24 -1.01 -26.19
CA VAL B 707 6.62 -2.25 -25.74
C VAL B 707 7.36 -2.72 -24.50
N TYR B 708 6.61 -3.02 -23.44
CA TYR B 708 7.20 -3.39 -22.16
C TYR B 708 6.61 -4.69 -21.67
N VAL B 709 7.48 -5.55 -21.18
CA VAL B 709 7.05 -6.79 -20.57
C VAL B 709 7.30 -6.67 -19.10
N ARG B 710 6.68 -7.57 -18.34
CA ARG B 710 6.90 -7.62 -16.90
C ARG B 710 8.06 -8.56 -16.63
N GLU B 711 8.90 -8.22 -15.66
CA GLU B 711 10.00 -9.09 -15.30
C GLU B 711 9.45 -10.46 -14.91
N ASN B 712 10.30 -11.48 -15.00
CA ASN B 712 9.91 -12.85 -14.65
C ASN B 712 9.01 -13.48 -15.72
N ALA B 713 8.21 -12.66 -16.39
CA ALA B 713 7.25 -13.18 -17.36
C ALA B 713 7.96 -13.88 -18.51
N VAL B 714 7.46 -15.04 -18.91
CA VAL B 714 7.99 -15.78 -20.06
C VAL B 714 6.95 -15.83 -21.17
N ILE B 715 7.38 -15.42 -22.36
CA ILE B 715 6.51 -15.36 -23.52
C ILE B 715 6.91 -16.48 -24.46
N PRO B 716 5.94 -17.24 -24.97
CA PRO B 716 6.29 -18.27 -25.95
C PRO B 716 6.54 -17.68 -27.33
N ILE B 717 7.69 -18.01 -27.91
CA ILE B 717 8.06 -17.54 -29.24
C ILE B 717 8.44 -18.70 -30.14
N TYR B 718 7.91 -18.71 -31.35
CA TYR B 718 8.20 -19.78 -32.30
C TYR B 718 9.60 -19.61 -32.88
N PRO B 719 10.51 -20.55 -32.60
CA PRO B 719 11.87 -20.40 -33.12
C PRO B 719 11.95 -20.54 -34.64
N ASP C 21 35.84 -29.06 44.01
CA ASP C 21 35.33 -30.40 44.27
C ASP C 21 33.88 -30.51 43.79
N GLU C 22 33.69 -30.72 42.48
CA GLU C 22 32.33 -30.73 41.95
C GLU C 22 31.99 -31.97 41.14
N SER C 23 30.71 -32.33 41.13
CA SER C 23 30.23 -33.47 40.37
C SER C 23 28.77 -33.31 39.96
N LEU C 24 28.39 -33.98 38.88
CA LEU C 24 27.05 -33.88 38.33
C LEU C 24 26.27 -35.17 38.59
N TRP C 25 25.01 -35.02 39.01
CA TRP C 25 24.15 -36.18 39.26
C TRP C 25 22.86 -36.09 38.44
N LYS C 26 22.71 -37.02 37.50
CA LYS C 26 21.58 -37.02 36.57
C LYS C 26 20.47 -37.96 37.03
N ALA C 27 19.23 -37.58 36.73
CA ALA C 27 18.06 -38.36 37.10
C ALA C 27 17.88 -39.57 36.20
N CYS C 28 17.61 -40.72 36.81
CA CYS C 28 17.30 -41.94 36.08
C CYS C 28 15.81 -42.23 36.24
N LYS C 29 15.40 -43.46 35.98
CA LYS C 29 14.01 -43.84 36.20
C LYS C 29 13.70 -43.88 37.69
N PRO C 30 12.47 -43.46 38.06
CA PRO C 30 12.08 -43.53 39.48
C PRO C 30 12.17 -44.97 40.00
N THR C 31 13.02 -45.18 41.00
CA THR C 31 13.34 -46.53 41.48
C THR C 31 12.11 -47.27 41.96
N ALA C 32 11.35 -47.81 41.02
CA ALA C 32 10.21 -48.68 41.33
C ALA C 32 9.33 -48.09 42.42
N VAL C 33 9.14 -46.77 42.38
CA VAL C 33 8.34 -46.12 43.40
C VAL C 33 7.52 -44.96 42.84
N TYR C 34 6.21 -45.15 42.80
CA TYR C 34 5.31 -44.04 42.56
C TYR C 34 4.14 -44.11 43.54
N GLU C 35 4.42 -44.39 44.81
CA GLU C 35 3.37 -44.51 45.81
C GLU C 35 2.59 -43.21 46.00
N LYS C 36 1.39 -43.32 46.55
CA LYS C 36 0.57 -42.16 46.86
C LYS C 36 0.58 -41.87 48.36
N ASP C 37 0.47 -40.59 48.71
CA ASP C 37 0.44 -40.15 50.10
C ASP C 37 -0.72 -39.20 50.36
N GLY C 38 -0.53 -38.27 51.29
CA GLY C 38 -1.55 -37.29 51.61
C GLY C 38 -2.02 -36.50 50.40
N ASP C 39 -2.65 -37.19 49.47
CA ASP C 39 -3.17 -36.61 48.22
C ASP C 39 -2.06 -36.21 47.25
N ILE C 40 -0.83 -36.63 47.56
CA ILE C 40 0.32 -36.29 46.72
C ILE C 40 1.01 -37.57 46.26
N CYS C 41 1.56 -37.57 45.04
CA CYS C 41 2.22 -38.76 44.54
C CYS C 41 3.72 -38.69 44.70
N VAL C 42 4.23 -39.50 45.60
CA VAL C 42 5.66 -39.52 45.89
C VAL C 42 6.33 -40.48 44.92
N THR C 43 7.26 -39.96 44.13
CA THR C 43 8.05 -40.82 43.24
C THR C 43 9.52 -40.72 43.58
N VAL C 44 10.20 -41.87 43.61
CA VAL C 44 11.58 -41.95 44.04
C VAL C 44 12.53 -42.18 42.88
N PRO C 45 13.11 -41.09 42.34
CA PRO C 45 14.12 -41.18 41.27
C PRO C 45 15.52 -41.43 41.81
N PHE C 46 16.28 -42.28 41.12
CA PHE C 46 17.68 -42.48 41.45
C PHE C 46 18.55 -41.48 40.71
N GLN C 47 19.50 -40.86 41.40
CA GLN C 47 20.43 -39.95 40.75
C GLN C 47 21.80 -40.61 40.66
N LYS C 48 22.33 -40.70 39.44
CA LYS C 48 23.63 -41.31 39.22
C LYS C 48 24.73 -40.26 39.04
N GLN C 49 25.94 -40.55 39.50
CA GLN C 49 27.05 -39.63 39.30
C GLN C 49 27.74 -39.85 37.96
N LEU C 50 27.94 -38.77 37.21
CA LEU C 50 28.67 -38.85 35.96
C LEU C 50 30.15 -38.54 36.21
N LEU C 51 31.02 -39.18 35.43
CA LEU C 51 32.46 -38.94 35.56
C LEU C 51 32.74 -37.47 35.38
N ALA C 52 32.50 -36.98 34.16
CA ALA C 52 32.66 -35.57 33.82
C ALA C 52 34.09 -35.06 34.02
N ASN C 53 34.90 -35.00 32.96
CA ASN C 53 34.57 -35.47 31.60
C ASN C 53 33.42 -34.73 30.89
N ASP C 54 32.71 -35.45 30.04
CA ASP C 54 31.65 -34.88 29.21
C ASP C 54 31.18 -35.89 28.16
N MET C 55 30.29 -36.81 28.54
CA MET C 55 29.74 -36.92 29.89
C MET C 55 30.14 -38.23 30.59
N VAL C 56 29.40 -39.30 30.31
CA VAL C 56 29.72 -40.64 30.84
C VAL C 56 29.44 -40.82 32.34
N ALA C 57 28.88 -41.98 32.70
CA ALA C 57 28.51 -42.27 34.08
C ALA C 57 29.66 -42.83 34.90
N ASP C 58 29.73 -42.42 36.16
CA ASP C 58 30.73 -42.92 37.08
C ASP C 58 30.26 -44.19 37.74
N THR C 59 30.47 -45.33 37.09
CA THR C 59 30.01 -46.61 37.63
C THR C 59 30.88 -47.11 38.78
N ALA C 60 31.53 -46.19 39.48
CA ALA C 60 32.29 -46.52 40.68
C ALA C 60 31.55 -46.01 41.90
N VAL C 61 30.57 -45.15 41.66
CA VAL C 61 29.76 -44.58 42.72
C VAL C 61 28.31 -44.99 42.53
N PRO C 62 27.72 -45.62 43.55
CA PRO C 62 26.33 -46.05 43.46
C PRO C 62 25.36 -44.87 43.38
N ARG C 63 24.17 -45.12 42.88
CA ARG C 63 23.15 -44.08 42.73
C ARG C 63 22.52 -43.72 44.08
N GLU C 64 22.28 -42.42 44.28
CA GLU C 64 21.65 -41.93 45.48
C GLU C 64 20.22 -41.50 45.19
N GLU C 65 19.26 -42.28 45.67
CA GLU C 65 17.86 -42.00 45.35
C GLU C 65 17.26 -40.94 46.26
N TYR C 66 16.56 -39.99 45.65
CA TYR C 66 15.82 -38.95 46.36
C TYR C 66 14.37 -38.98 45.90
N THR C 67 13.55 -38.08 46.43
CA THR C 67 12.11 -38.16 46.23
C THR C 67 11.55 -36.96 45.49
N LEU C 68 10.90 -37.23 44.36
CA LEU C 68 10.08 -36.25 43.69
C LEU C 68 8.64 -36.42 44.15
N ILE C 69 8.09 -35.40 44.79
CA ILE C 69 6.67 -35.41 45.12
C ILE C 69 5.93 -34.54 44.12
N ILE C 70 4.76 -35.00 43.70
CA ILE C 70 3.90 -34.27 42.78
C ILE C 70 2.60 -33.88 43.48
N ARG C 71 2.29 -32.60 43.49
CA ARG C 71 1.12 -32.06 44.18
C ARG C 71 0.16 -31.43 43.18
N GLN C 72 -1.12 -31.72 43.32
CA GLN C 72 -2.15 -31.16 42.44
C GLN C 72 -2.98 -30.12 43.17
N TYR C 73 -3.47 -29.14 42.44
CA TYR C 73 -4.32 -28.09 43.01
C TYR C 73 -5.61 -27.95 42.23
N ASN C 74 -6.64 -27.45 42.92
CA ASN C 74 -7.97 -27.42 42.36
C ASN C 74 -8.06 -26.61 41.07
N ILE C 75 -7.32 -25.51 41.00
CA ILE C 75 -7.45 -24.59 39.87
C ILE C 75 -6.46 -24.92 38.76
N GLY C 76 -6.10 -26.19 38.64
CA GLY C 76 -5.30 -26.66 37.52
C GLY C 76 -3.83 -26.31 37.62
N ILE C 77 -3.20 -26.70 38.73
CA ILE C 77 -1.80 -26.39 38.98
C ILE C 77 -1.06 -27.60 39.55
N THR C 78 -0.14 -28.18 38.79
CA THR C 78 0.69 -29.28 39.28
C THR C 78 2.01 -28.77 39.81
N ARG C 79 2.23 -29.02 41.09
CA ARG C 79 3.46 -28.62 41.76
C ARG C 79 4.43 -29.80 41.82
N LEU C 80 5.66 -29.55 41.36
CA LEU C 80 6.75 -30.50 41.46
C LEU C 80 7.69 -30.06 42.57
N PHE C 81 8.04 -30.98 43.46
CA PHE C 81 9.00 -30.68 44.51
C PHE C 81 10.05 -31.76 44.70
N LEU C 82 11.28 -31.33 44.89
CA LEU C 82 12.40 -32.22 45.16
C LEU C 82 13.39 -31.49 46.07
N GLY C 83 13.58 -32.03 47.28
CA GLY C 83 14.42 -31.39 48.27
C GLY C 83 15.82 -31.98 48.36
N PHE C 84 16.00 -33.16 47.79
CA PHE C 84 17.28 -33.87 47.83
C PHE C 84 17.75 -34.11 49.28
N GLY C 85 16.87 -33.84 50.23
CA GLY C 85 17.25 -33.65 51.64
C GLY C 85 16.77 -32.29 52.12
N GLU C 86 15.52 -31.95 51.78
CA GLU C 86 14.78 -30.79 52.29
C GLU C 86 13.28 -31.12 52.19
N TYR C 87 12.39 -30.26 52.69
CA TYR C 87 10.96 -30.62 52.80
C TYR C 87 10.01 -29.66 52.06
N GLU C 88 8.83 -30.16 51.70
CA GLU C 88 7.86 -29.35 50.96
C GLU C 88 7.10 -28.40 51.87
N LEU C 96 3.75 -20.88 52.93
CA LEU C 96 4.78 -21.60 53.66
C LEU C 96 6.11 -20.84 53.66
N GLN C 97 6.13 -19.68 52.97
CA GLN C 97 7.36 -18.91 52.73
C GLN C 97 7.02 -17.52 52.20
N PHE C 98 7.45 -17.19 50.97
CA PHE C 98 6.87 -16.02 50.27
C PHE C 98 5.76 -16.52 49.34
N SER C 99 4.94 -17.41 49.89
CA SER C 99 3.71 -17.84 49.30
C SER C 99 2.55 -17.12 49.99
N GLU C 100 1.36 -17.26 49.45
CA GLU C 100 0.20 -16.56 49.97
C GLU C 100 -1.08 -17.17 49.41
N ARG C 101 -1.56 -18.23 50.06
CA ARG C 101 -2.81 -18.90 49.69
C ARG C 101 -3.91 -17.88 49.48
N ILE C 102 -4.98 -18.32 48.81
CA ILE C 102 -6.16 -17.51 48.65
C ILE C 102 -7.37 -18.44 48.82
N ARG C 103 -8.58 -17.90 48.71
CA ARG C 103 -9.80 -18.70 48.80
C ARG C 103 -10.14 -19.54 47.55
N ARG C 104 -9.15 -20.19 46.95
CA ARG C 104 -9.37 -21.09 45.81
C ARG C 104 -8.04 -21.69 45.34
N VAL C 105 -7.24 -22.20 46.27
CA VAL C 105 -6.07 -23.01 45.91
C VAL C 105 -6.01 -24.34 46.67
N PRO C 106 -7.16 -24.98 46.95
CA PRO C 106 -7.12 -26.26 47.66
C PRO C 106 -6.35 -27.35 46.91
N LEU C 107 -5.47 -28.05 47.62
CA LEU C 107 -4.79 -29.19 47.04
C LEU C 107 -5.80 -30.34 46.93
N SER C 108 -5.81 -31.00 45.79
CA SER C 108 -6.77 -32.06 45.51
C SER C 108 -6.15 -33.45 45.64
N VAL C 109 -7.00 -34.44 45.88
CA VAL C 109 -6.56 -35.82 46.04
C VAL C 109 -5.88 -36.32 44.78
N GLU C 110 -4.74 -36.99 44.94
CA GLU C 110 -4.00 -37.55 43.82
C GLU C 110 -4.09 -39.08 43.79
N LYS C 111 -3.94 -39.65 42.60
CA LYS C 111 -4.00 -41.10 42.41
C LYS C 111 -2.79 -41.61 41.62
N GLN C 112 -2.64 -42.93 41.56
CA GLN C 112 -1.54 -43.57 40.85
C GLN C 112 -1.99 -44.90 40.25
N GLY C 113 -1.37 -45.31 39.15
CA GLY C 113 -1.74 -46.58 38.52
C GLY C 113 -0.68 -47.07 37.53
N GLY C 114 -0.05 -48.20 37.85
CA GLY C 114 1.02 -48.74 37.03
C GLY C 114 0.51 -49.44 35.79
N LYS C 115 1.41 -49.66 34.84
CA LYS C 115 1.12 -50.40 33.61
C LYS C 115 2.23 -50.19 32.60
N TRP C 116 3.48 -50.38 33.03
CA TRP C 116 4.64 -50.03 32.23
C TRP C 116 4.94 -48.54 32.34
N ILE C 117 3.92 -47.73 32.18
CA ILE C 117 3.99 -46.31 32.49
C ILE C 117 2.98 -46.01 33.59
N LEU C 118 3.31 -45.10 34.50
CA LEU C 118 2.45 -44.77 35.63
C LEU C 118 1.54 -43.60 35.32
N PHE C 119 0.30 -43.67 35.78
CA PHE C 119 -0.68 -42.63 35.52
C PHE C 119 -1.15 -41.96 36.80
N THR C 120 -0.84 -40.66 36.91
CA THR C 120 -1.32 -39.84 38.00
C THR C 120 -2.63 -39.19 37.56
N GLN C 121 -3.69 -39.37 38.34
CA GLN C 121 -5.02 -38.93 37.91
C GLN C 121 -5.96 -38.50 39.05
N ASP C 122 -7.26 -38.54 38.77
CA ASP C 122 -8.32 -37.94 39.56
C ASP C 122 -7.91 -36.70 40.36
N GLY C 123 -7.46 -35.62 39.72
CA GLY C 123 -7.07 -35.58 38.31
C GLY C 123 -7.98 -36.12 37.22
N THR C 124 -7.49 -37.16 36.55
CA THR C 124 -8.11 -37.81 35.41
C THR C 124 -7.97 -36.87 34.22
N LYS C 125 -6.76 -36.68 33.70
CA LYS C 125 -5.50 -37.20 34.28
C LYS C 125 -4.49 -36.06 34.32
N ARG C 126 -3.56 -36.11 35.28
CA ARG C 126 -2.71 -34.97 35.57
C ARG C 126 -1.23 -35.21 35.29
N ALA C 127 -0.85 -36.44 34.98
CA ALA C 127 0.54 -36.73 34.70
C ALA C 127 0.75 -38.17 34.23
N VAL C 128 1.97 -38.46 33.80
CA VAL C 128 2.32 -39.82 33.39
C VAL C 128 3.84 -40.01 33.44
N ILE C 129 4.25 -40.99 34.23
CA ILE C 129 5.66 -41.36 34.35
C ILE C 129 5.98 -42.53 33.43
N ASN C 130 6.95 -42.34 32.54
CA ASN C 130 7.38 -43.41 31.64
C ASN C 130 8.74 -43.94 32.03
N VAL C 131 8.88 -45.26 32.03
CA VAL C 131 10.12 -45.92 32.41
C VAL C 131 10.37 -47.13 31.52
N GLU C 132 9.83 -47.10 30.31
CA GLU C 132 9.88 -48.25 29.42
C GLU C 132 11.24 -48.48 28.78
N GLU C 133 11.26 -49.30 27.73
CA GLU C 133 12.48 -49.95 27.27
C GLU C 133 13.62 -48.99 26.89
N PRO C 134 13.49 -48.20 25.80
CA PRO C 134 12.39 -47.96 24.87
C PRO C 134 12.44 -48.84 23.64
N ALA C 135 11.51 -48.63 22.72
CA ALA C 135 11.43 -49.45 21.52
C ALA C 135 12.57 -49.13 20.56
N LEU C 136 13.28 -50.15 20.11
CA LEU C 136 14.33 -49.95 19.12
C LEU C 136 14.56 -51.18 18.26
N ASP C 137 15.25 -50.98 17.14
CA ASP C 137 15.57 -52.04 16.20
C ASP C 137 17.07 -52.08 16.01
N ARG C 138 17.72 -53.11 16.55
CA ARG C 138 19.17 -53.21 16.56
C ARG C 138 19.82 -53.11 15.17
N TRP C 139 20.97 -52.45 15.16
CA TRP C 139 21.79 -52.27 13.98
C TRP C 139 22.98 -51.42 14.43
N SER C 140 24.17 -52.00 14.49
CA SER C 140 25.34 -51.29 15.01
C SER C 140 25.15 -50.94 16.49
N GLU C 141 26.23 -50.56 17.16
CA GLU C 141 27.53 -50.41 16.53
C GLU C 141 28.37 -49.40 17.28
N LEU C 142 28.43 -48.19 16.76
CA LEU C 142 29.29 -47.15 17.32
C LEU C 142 28.85 -46.74 18.71
N LEU C 143 28.00 -45.72 18.78
CA LEU C 143 27.63 -45.15 20.07
C LEU C 143 26.90 -46.15 20.95
N PRO C 144 27.30 -46.21 22.23
CA PRO C 144 26.64 -47.05 23.24
C PRO C 144 25.20 -46.61 23.47
N ASP C 145 24.41 -47.46 24.11
CA ASP C 145 23.03 -47.12 24.38
C ASP C 145 22.95 -45.91 25.28
N PRO C 146 21.87 -45.12 25.15
CA PRO C 146 21.79 -43.89 25.92
C PRO C 146 21.57 -44.16 27.40
N GLN C 147 22.10 -43.27 28.22
CA GLN C 147 21.95 -43.38 29.67
C GLN C 147 20.47 -43.29 30.05
N GLU C 148 20.16 -43.72 31.27
CA GLU C 148 18.79 -43.76 31.78
C GLU C 148 18.31 -42.36 32.19
N THR C 149 17.05 -42.03 31.89
CA THR C 149 16.52 -40.69 32.15
C THR C 149 15.14 -40.70 32.80
N LEU C 150 14.75 -39.54 33.32
CA LEU C 150 13.50 -39.37 34.05
C LEU C 150 12.43 -38.72 33.19
N ASP C 151 11.48 -39.53 32.75
CA ASP C 151 10.48 -39.09 31.78
C ASP C 151 9.11 -38.89 32.42
N ILE C 152 8.63 -37.65 32.42
CA ILE C 152 7.33 -37.31 32.98
C ILE C 152 6.64 -36.30 32.06
N THR C 153 5.32 -36.43 31.94
CA THR C 153 4.50 -35.42 31.28
C THR C 153 3.48 -34.90 32.26
N LEU C 154 3.30 -33.59 32.30
CA LEU C 154 2.36 -32.95 33.21
C LEU C 154 1.16 -32.41 32.47
N TYR C 155 -0.03 -32.66 33.01
CA TYR C 155 -1.25 -32.15 32.43
C TYR C 155 -2.13 -31.48 33.47
N PRO C 156 -1.64 -30.38 34.07
CA PRO C 156 -2.41 -29.71 35.13
C PRO C 156 -3.84 -29.37 34.72
N ASP C 157 -4.01 -28.96 33.47
CA ASP C 157 -5.32 -28.64 32.92
C ASP C 157 -6.05 -29.91 32.54
N GLY C 158 -5.33 -31.02 32.53
CA GLY C 158 -5.86 -32.25 31.98
C GLY C 158 -5.85 -32.14 30.47
N LYS C 159 -5.16 -31.12 29.95
CA LYS C 159 -5.14 -30.85 28.53
C LYS C 159 -3.79 -30.31 28.08
N ARG C 160 -3.25 -29.35 28.82
CA ARG C 160 -2.10 -28.57 28.37
C ARG C 160 -0.91 -29.40 27.89
N GLU C 161 -0.37 -30.24 28.76
CA GLU C 161 0.74 -31.12 28.40
C GLU C 161 2.08 -30.40 28.33
N ILE C 162 2.80 -30.38 29.44
CA ILE C 162 4.17 -29.90 29.47
C ILE C 162 5.03 -30.98 30.13
N ARG C 163 6.06 -31.44 29.41
CA ARG C 163 6.86 -32.59 29.83
C ARG C 163 8.34 -32.29 29.97
N LEU C 164 9.00 -32.96 30.91
CA LEU C 164 10.42 -32.75 31.17
C LEU C 164 11.28 -32.98 29.93
N ALA C 165 12.39 -32.26 29.85
CA ALA C 165 13.30 -32.40 28.74
C ALA C 165 14.23 -33.59 28.89
N ALA C 166 13.65 -34.78 28.86
CA ALA C 166 14.35 -35.98 29.27
C ALA C 166 15.06 -36.63 28.11
N TYR C 167 14.99 -36.02 26.94
CA TYR C 167 15.63 -36.60 25.77
C TYR C 167 16.41 -35.56 25.00
N ASP C 168 16.88 -34.51 25.69
CA ASP C 168 17.60 -33.43 25.03
C ASP C 168 19.08 -33.76 24.94
N HIS C 169 19.42 -34.65 24.03
CA HIS C 169 20.83 -34.99 23.82
C HIS C 169 21.10 -35.44 22.40
N PHE C 170 22.36 -35.78 22.15
CA PHE C 170 22.81 -36.21 20.84
C PHE C 170 23.13 -37.70 20.94
N SER C 171 24.34 -38.08 20.61
CA SER C 171 24.86 -39.35 21.06
C SER C 171 24.99 -39.21 22.56
N PRO C 172 25.18 -40.33 23.29
CA PRO C 172 25.32 -40.28 24.75
C PRO C 172 26.27 -39.21 25.30
N PRO C 173 27.40 -38.95 24.65
CA PRO C 173 28.36 -38.05 25.33
C PRO C 173 27.92 -36.60 25.43
N ARG C 174 26.95 -36.19 24.61
CA ARG C 174 26.63 -34.77 24.44
C ARG C 174 25.18 -34.45 24.77
N TYR C 175 24.95 -33.98 26.00
CA TYR C 175 23.64 -33.59 26.48
C TYR C 175 23.56 -32.06 26.54
N ASP C 176 22.52 -31.49 25.94
CA ASP C 176 22.34 -30.04 25.98
C ASP C 176 21.20 -29.66 26.92
N GLY C 177 20.78 -30.61 27.73
CA GLY C 177 19.75 -30.35 28.73
C GLY C 177 19.50 -31.61 29.53
N LEU C 178 19.38 -31.47 30.83
CA LEU C 178 18.94 -32.56 31.69
C LEU C 178 17.52 -32.25 32.19
N PRO C 179 16.67 -33.28 32.33
CA PRO C 179 15.31 -33.04 32.80
C PRO C 179 15.26 -32.71 34.29
N ILE C 180 15.95 -33.49 35.12
CA ILE C 180 16.20 -33.14 36.53
C ILE C 180 17.57 -33.60 36.99
N ALA C 181 18.32 -32.70 37.63
CA ALA C 181 19.68 -33.05 38.02
C ALA C 181 20.26 -32.00 38.94
N PHE C 182 21.24 -32.39 39.74
CA PHE C 182 21.86 -31.49 40.71
C PHE C 182 23.38 -31.67 40.74
N CYS C 183 24.06 -30.83 41.52
CA CYS C 183 25.51 -30.85 41.57
C CYS C 183 26.07 -30.90 42.99
N LYS C 184 27.19 -31.57 43.15
CA LYS C 184 27.85 -31.65 44.44
C LYS C 184 29.18 -30.91 44.39
N ARG C 185 29.27 -29.80 45.10
CA ARG C 185 30.49 -29.00 45.10
C ARG C 185 31.10 -29.01 46.49
N THR C 186 32.37 -29.37 46.55
CA THR C 186 33.02 -29.59 47.83
C THR C 186 32.27 -30.70 48.56
N GLY C 187 31.73 -30.41 49.74
CA GLY C 187 31.01 -31.41 50.52
C GLY C 187 29.53 -31.12 50.64
N LYS C 188 28.96 -30.45 49.65
CA LYS C 188 27.56 -30.03 49.74
C LYS C 188 26.86 -29.88 48.40
N LYS C 189 25.68 -30.46 48.30
CA LYS C 189 24.87 -30.43 47.08
C LYS C 189 24.57 -29.01 46.67
N GLU C 190 24.30 -28.83 45.38
CA GLU C 190 23.95 -27.52 44.85
C GLU C 190 23.60 -27.59 43.37
N ARG C 191 23.21 -26.46 42.81
CA ARG C 191 22.87 -26.41 41.39
C ARG C 191 21.82 -27.44 41.01
N ALA C 192 20.61 -27.36 41.56
CA ALA C 192 19.53 -28.21 41.08
C ALA C 192 18.94 -27.61 39.85
N THR C 193 18.56 -28.46 38.90
CA THR C 193 18.02 -27.98 37.65
C THR C 193 16.86 -28.81 37.17
N LEU C 194 15.74 -28.12 36.94
CA LEU C 194 14.61 -28.67 36.23
C LEU C 194 14.69 -28.18 34.79
N SER C 195 14.13 -28.92 33.86
CA SER C 195 13.97 -28.38 32.52
C SER C 195 12.79 -29.04 31.81
N PHE C 196 12.18 -28.29 30.90
CA PHE C 196 10.99 -28.72 30.18
C PHE C 196 11.29 -28.78 28.70
N GLU C 197 10.42 -29.42 27.94
CA GLU C 197 10.56 -29.39 26.50
C GLU C 197 9.84 -28.14 25.99
N SER C 198 10.33 -27.61 24.88
CA SER C 198 9.67 -26.48 24.22
C SER C 198 9.71 -26.72 22.73
N ARG C 199 8.72 -26.19 22.03
CA ARG C 199 8.61 -26.35 20.60
C ARG C 199 9.21 -25.17 19.86
N PRO C 200 9.62 -25.38 18.60
CA PRO C 200 10.15 -24.40 17.65
C PRO C 200 9.48 -23.04 17.69
N ASP C 201 8.15 -23.03 17.61
CA ASP C 201 7.39 -21.79 17.49
C ASP C 201 7.07 -21.22 18.86
N GLU C 202 7.71 -21.73 19.90
CA GLU C 202 7.32 -21.31 21.24
C GLU C 202 7.85 -19.92 21.55
N CYS C 203 7.00 -19.12 22.17
CA CYS C 203 7.37 -17.81 22.63
C CYS C 203 7.18 -17.72 24.14
N PHE C 204 7.99 -16.89 24.78
CA PHE C 204 7.90 -16.70 26.22
C PHE C 204 7.83 -15.24 26.57
N ALA C 205 7.45 -14.96 27.82
CA ALA C 205 7.37 -13.60 28.31
C ALA C 205 7.42 -13.63 29.83
N GLY C 206 7.37 -12.44 30.43
CA GLY C 206 7.33 -12.30 31.89
C GLY C 206 8.73 -12.19 32.45
N THR C 207 9.03 -13.07 33.40
CA THR C 207 10.33 -13.16 34.07
C THR C 207 10.71 -11.87 34.82
N GLY C 208 9.74 -10.98 35.00
CA GLY C 208 9.93 -9.74 35.71
C GLY C 208 9.95 -8.55 34.79
N GLU C 209 10.66 -7.50 35.22
CA GLU C 209 10.75 -6.24 34.49
C GLU C 209 11.94 -6.28 33.53
N ARG C 210 11.87 -7.19 32.56
CA ARG C 210 12.98 -7.40 31.64
C ARG C 210 12.83 -6.49 30.44
N PHE C 211 13.86 -5.71 30.17
CA PHE C 211 13.80 -4.71 29.11
C PHE C 211 14.14 -5.30 27.75
N PHE C 212 13.45 -6.37 27.39
CA PHE C 212 13.69 -7.05 26.12
C PHE C 212 12.41 -7.26 25.34
N LYS C 213 12.55 -7.66 24.10
CA LYS C 213 11.41 -7.84 23.20
C LYS C 213 10.38 -8.79 23.78
N MET C 214 9.15 -8.58 23.35
CA MET C 214 7.94 -9.34 23.71
C MET C 214 8.18 -10.85 23.76
N ASP C 215 8.97 -11.37 22.82
CA ASP C 215 9.30 -12.79 22.80
C ASP C 215 10.73 -13.00 23.28
N LEU C 216 10.89 -13.92 24.22
CA LEU C 216 12.20 -14.23 24.79
C LEU C 216 12.56 -15.69 24.50
N SER C 217 12.64 -16.03 23.22
CA SER C 217 12.73 -17.44 22.83
C SER C 217 14.14 -17.86 22.49
N GLY C 218 15.12 -17.16 23.03
CA GLY C 218 16.51 -17.57 22.91
C GLY C 218 17.39 -17.01 24.00
N GLN C 219 16.79 -16.53 25.09
CA GLN C 219 17.53 -15.79 26.09
C GLN C 219 17.75 -16.55 27.39
N THR C 220 18.98 -16.52 27.87
CA THR C 220 19.36 -17.20 29.10
C THR C 220 19.50 -16.17 30.21
N LEU C 221 18.60 -16.27 31.17
CA LEU C 221 18.43 -15.25 32.17
C LEU C 221 19.14 -15.56 33.48
N PHE C 222 19.92 -14.60 33.95
CA PHE C 222 20.48 -14.69 35.29
C PHE C 222 19.48 -14.09 36.27
N LEU C 223 18.58 -14.92 36.79
CA LEU C 223 17.55 -14.46 37.71
C LEU C 223 18.16 -14.00 39.01
N LYS C 224 18.66 -12.77 38.99
CA LYS C 224 19.39 -12.20 40.11
C LYS C 224 19.33 -10.68 39.95
N ASN C 225 18.69 -10.01 40.89
CA ASN C 225 18.49 -8.57 40.84
C ASN C 225 19.80 -7.81 40.78
N GLN C 226 19.85 -6.81 39.91
CA GLN C 226 20.99 -5.92 39.80
C GLN C 226 20.59 -4.47 39.55
N ASP C 227 21.51 -3.56 39.89
CA ASP C 227 21.39 -2.15 39.50
C ASP C 227 21.39 -2.11 37.98
N GLY C 228 20.25 -1.75 37.42
CA GLY C 228 20.10 -1.77 35.98
C GLY C 228 21.04 -0.80 35.30
N GLN C 229 21.27 0.33 35.96
CA GLN C 229 22.04 1.44 35.41
C GLN C 229 21.67 1.66 33.96
N GLY C 230 20.38 1.71 33.72
CA GLY C 230 19.87 1.81 32.38
C GLY C 230 18.75 0.81 32.13
N VAL C 231 18.04 1.05 31.04
CA VAL C 231 16.84 0.31 30.70
C VAL C 231 17.11 -0.41 29.36
N ASN C 232 18.39 -0.53 29.02
CA ASN C 232 18.79 -1.06 27.72
C ASN C 232 19.87 -2.14 27.81
N ASN C 233 19.96 -2.82 28.94
CA ASN C 233 20.90 -3.92 29.06
C ASN C 233 20.35 -5.02 29.94
N ARG C 234 21.11 -6.11 30.08
CA ARG C 234 20.62 -7.31 30.73
C ARG C 234 20.52 -7.21 32.23
N ARG C 235 21.25 -6.28 32.85
CA ARG C 235 20.97 -6.01 34.25
C ARG C 235 19.53 -5.54 34.34
N THR C 236 18.66 -6.34 34.97
CA THR C 236 17.28 -5.94 35.18
C THR C 236 17.03 -5.71 36.68
N TYR C 237 16.33 -4.63 36.98
CA TYR C 237 16.08 -4.26 38.36
C TYR C 237 15.20 -5.27 39.07
N LYS C 238 14.27 -5.87 38.33
CA LYS C 238 13.26 -6.76 38.92
C LYS C 238 13.19 -8.11 38.22
N ASN C 239 13.79 -9.10 38.85
CA ASN C 239 13.69 -10.47 38.40
C ASN C 239 12.55 -11.21 39.10
N ILE C 240 11.83 -12.01 38.34
CA ILE C 240 10.76 -12.87 38.86
C ILE C 240 10.90 -14.29 38.31
N PRO C 241 10.96 -15.30 39.20
CA PRO C 241 11.15 -16.68 38.73
C PRO C 241 9.90 -17.24 38.04
N PHE C 242 9.35 -16.48 37.09
CA PHE C 242 8.07 -16.81 36.48
C PHE C 242 8.03 -16.40 35.00
N TYR C 243 7.74 -17.36 34.14
CA TYR C 243 7.56 -17.09 32.73
C TYR C 243 6.23 -17.62 32.21
N LEU C 244 5.73 -16.96 31.18
CA LEU C 244 4.60 -17.46 30.43
C LEU C 244 5.05 -18.12 29.14
N SER C 245 4.25 -19.06 28.66
CA SER C 245 4.50 -19.75 27.41
C SER C 245 3.34 -19.52 26.47
N SER C 246 3.63 -19.60 25.17
CA SER C 246 2.61 -19.38 24.16
C SER C 246 1.77 -20.62 24.02
N ARG C 247 2.24 -21.71 24.64
CA ARG C 247 1.47 -22.93 24.69
C ARG C 247 0.44 -22.85 25.83
N MET C 248 0.33 -21.66 26.42
CA MET C 248 -0.75 -21.33 27.35
C MET C 248 -0.56 -21.99 28.71
N TYR C 249 0.67 -21.95 29.22
CA TYR C 249 0.90 -22.33 30.61
C TYR C 249 1.90 -21.37 31.24
N GLY C 250 2.07 -21.49 32.55
CA GLY C 250 3.04 -20.71 33.28
C GLY C 250 3.85 -21.60 34.20
N THR C 251 5.01 -21.11 34.60
CA THR C 251 5.85 -21.82 35.57
C THR C 251 6.43 -20.88 36.61
N PHE C 252 5.95 -21.00 37.84
CA PHE C 252 6.53 -20.29 38.98
C PHE C 252 7.56 -21.18 39.66
N TYR C 253 8.81 -20.71 39.69
CA TYR C 253 9.89 -21.45 40.34
C TYR C 253 10.06 -20.93 41.78
N HIS C 254 9.37 -21.58 42.72
CA HIS C 254 9.35 -21.11 44.10
C HIS C 254 10.72 -21.22 44.72
N THR C 255 11.61 -20.33 44.32
CA THR C 255 12.95 -20.22 44.88
C THR C 255 13.24 -18.76 45.13
N CYS C 256 14.28 -18.51 45.92
CA CYS C 256 14.72 -17.15 46.11
C CYS C 256 16.24 -17.18 46.14
N ALA C 257 16.79 -18.28 45.64
CA ALA C 257 18.21 -18.38 45.32
C ALA C 257 18.55 -17.67 44.02
N HIS C 258 19.83 -17.36 43.81
CA HIS C 258 20.31 -16.99 42.48
C HIS C 258 19.97 -18.11 41.52
N SER C 259 19.48 -17.74 40.35
CA SER C 259 18.96 -18.74 39.43
C SER C 259 19.25 -18.40 37.98
N LYS C 260 19.35 -19.45 37.16
CA LYS C 260 19.45 -19.33 35.72
C LYS C 260 18.16 -19.86 35.09
N LEU C 261 17.70 -19.20 34.03
CA LEU C 261 16.53 -19.65 33.31
C LEU C 261 16.68 -19.46 31.79
N SER C 262 17.06 -20.54 31.12
CA SER C 262 17.25 -20.52 29.68
C SER C 262 15.96 -20.80 28.95
N LEU C 263 15.32 -19.74 28.47
CA LEU C 263 14.06 -19.85 27.73
C LEU C 263 14.31 -20.17 26.28
N ALA C 264 14.61 -21.44 26.02
CA ALA C 264 15.06 -21.89 24.71
C ALA C 264 16.36 -21.16 24.34
N GLY C 265 17.16 -20.83 25.34
CA GLY C 265 18.37 -20.04 25.13
C GLY C 265 19.60 -20.82 24.68
N HIS C 266 20.09 -21.69 25.54
CA HIS C 266 21.17 -22.58 25.16
C HIS C 266 20.68 -23.65 24.20
N SER C 267 19.67 -24.39 24.63
CA SER C 267 19.00 -25.37 23.78
C SER C 267 17.71 -24.78 23.21
N THR C 268 17.45 -25.07 21.95
CA THR C 268 16.23 -24.62 21.31
C THR C 268 15.02 -25.37 21.85
N ARG C 269 15.27 -26.55 22.40
CA ARG C 269 14.20 -27.47 22.76
C ARG C 269 13.83 -27.44 24.24
N SER C 270 14.42 -26.53 25.00
CA SER C 270 14.30 -26.61 26.46
C SER C 270 14.13 -25.27 27.13
N VAL C 271 13.05 -25.14 27.88
CA VAL C 271 13.06 -24.22 29.00
C VAL C 271 13.86 -24.89 30.10
N GLN C 272 14.96 -24.28 30.49
CA GLN C 272 15.88 -24.85 31.45
C GLN C 272 16.04 -23.94 32.64
N PHE C 273 15.74 -24.46 33.82
CA PHE C 273 15.91 -23.72 35.05
C PHE C 273 17.05 -24.27 35.91
N LEU C 274 17.74 -23.37 36.57
CA LEU C 274 18.79 -23.71 37.51
C LEU C 274 18.67 -22.87 38.79
N SER C 275 18.90 -23.53 39.92
CA SER C 275 19.05 -22.85 41.19
C SER C 275 20.37 -23.25 41.79
N ASP C 276 21.02 -22.34 42.50
CA ASP C 276 22.21 -22.67 43.25
C ASP C 276 21.82 -23.51 44.45
N GLN C 277 20.58 -23.32 44.90
CA GLN C 277 20.12 -23.83 46.19
C GLN C 277 20.07 -25.35 46.32
N ALA C 278 19.90 -26.03 45.19
CA ALA C 278 19.67 -27.48 45.19
C ALA C 278 18.34 -27.82 45.83
N MET C 279 17.32 -27.08 45.43
CA MET C 279 15.98 -27.42 45.82
C MET C 279 15.03 -27.01 44.70
N LEU C 280 14.22 -27.95 44.24
CA LEU C 280 13.26 -27.68 43.17
C LEU C 280 11.86 -27.66 43.74
N ASP C 281 11.17 -26.56 43.51
CA ASP C 281 9.79 -26.39 43.90
C ASP C 281 9.13 -25.59 42.79
N ALA C 282 8.61 -26.32 41.81
CA ALA C 282 8.12 -25.72 40.58
C ALA C 282 6.59 -25.80 40.50
N PHE C 283 5.95 -24.65 40.41
CA PHE C 283 4.51 -24.60 40.24
C PHE C 283 4.15 -24.46 38.79
N VAL C 284 3.30 -25.34 38.28
CA VAL C 284 3.01 -25.34 36.86
C VAL C 284 1.55 -24.97 36.68
N ILE C 285 1.34 -23.76 36.19
CA ILE C 285 0.03 -23.14 36.12
C ILE C 285 -0.61 -23.25 34.73
N ALA C 286 -1.63 -24.09 34.62
CA ALA C 286 -2.41 -24.20 33.38
C ALA C 286 -3.40 -23.04 33.24
N GLY C 287 -3.99 -22.90 32.07
CA GLY C 287 -4.95 -21.83 31.84
C GLY C 287 -5.46 -21.76 30.42
N ASP C 288 -6.66 -21.24 30.25
CA ASP C 288 -7.24 -21.06 28.92
C ASP C 288 -7.06 -19.65 28.40
N THR C 289 -6.81 -18.70 29.30
CA THR C 289 -6.45 -17.35 28.91
C THR C 289 -5.18 -17.02 29.65
N MET C 290 -4.46 -16.02 29.17
CA MET C 290 -3.23 -15.62 29.81
C MET C 290 -3.49 -15.00 31.18
N GLU C 291 -4.65 -14.33 31.31
CA GLU C 291 -5.04 -13.74 32.58
C GLU C 291 -5.37 -14.81 33.60
N GLU C 292 -5.86 -15.94 33.11
CA GLU C 292 -6.06 -17.08 33.98
C GLU C 292 -4.75 -17.43 34.64
N ILE C 293 -3.73 -17.66 33.82
CA ILE C 293 -2.43 -18.06 34.31
C ILE C 293 -1.85 -17.07 35.30
N LEU C 294 -1.96 -15.79 34.99
CA LEU C 294 -1.47 -14.74 35.87
C LEU C 294 -2.32 -14.67 37.15
N ARG C 295 -3.62 -14.90 37.02
CA ARG C 295 -4.51 -14.93 38.18
C ARG C 295 -4.14 -16.09 39.10
N GLY C 296 -3.91 -17.26 38.52
CA GLY C 296 -3.51 -18.42 39.29
C GLY C 296 -2.17 -18.24 39.98
N TYR C 297 -1.30 -17.41 39.39
CA TYR C 297 -0.04 -17.09 40.03
C TYR C 297 -0.24 -16.20 41.27
N ARG C 298 -1.08 -15.18 41.13
CA ARG C 298 -1.46 -14.33 42.25
C ARG C 298 -2.13 -15.14 43.35
N ASP C 299 -2.83 -16.19 42.95
CA ASP C 299 -3.42 -17.10 43.91
C ASP C 299 -2.35 -17.84 44.73
N LEU C 300 -1.15 -17.94 44.20
CA LEU C 300 -0.04 -18.55 44.92
C LEU C 300 0.80 -17.54 45.70
N THR C 301 0.90 -16.32 45.17
CA THR C 301 1.92 -15.39 45.62
C THR C 301 1.33 -14.09 46.12
N GLY C 302 0.01 -13.97 46.01
CA GLY C 302 -0.70 -12.84 46.58
C GLY C 302 -1.12 -11.81 45.55
N TYR C 303 -2.19 -11.10 45.86
CA TYR C 303 -2.71 -10.05 44.96
C TYR C 303 -2.27 -8.67 45.40
N PRO C 304 -2.13 -7.75 44.44
CA PRO C 304 -1.88 -6.36 44.82
C PRO C 304 -3.04 -5.70 45.55
N SER C 305 -2.72 -4.86 46.52
CA SER C 305 -3.72 -4.00 47.14
C SER C 305 -4.16 -2.93 46.16
N MET C 306 -5.30 -2.30 46.44
CA MET C 306 -5.69 -1.13 45.67
C MET C 306 -4.91 0.07 46.18
N PRO C 307 -4.11 0.71 45.32
CA PRO C 307 -3.45 1.90 45.85
C PRO C 307 -4.44 3.06 46.00
N PRO C 308 -4.04 4.13 46.71
CA PRO C 308 -4.85 5.32 46.94
C PRO C 308 -5.29 6.03 45.67
N LEU C 309 -6.32 6.85 45.76
CA LEU C 309 -6.72 7.68 44.64
C LEU C 309 -5.64 8.71 44.31
N TRP C 310 -5.20 9.46 45.33
CA TRP C 310 -4.21 10.51 45.13
C TRP C 310 -2.99 9.98 44.39
N SER C 311 -2.69 8.70 44.57
CA SER C 311 -1.54 8.08 43.90
C SER C 311 -1.69 8.12 42.39
N PHE C 312 -2.93 8.18 41.90
CA PHE C 312 -3.18 8.20 40.47
C PHE C 312 -3.08 9.59 39.87
N GLY C 313 -2.90 10.59 40.72
CA GLY C 313 -2.58 11.93 40.27
C GLY C 313 -1.16 11.96 39.77
N VAL C 314 -0.74 13.08 39.19
CA VAL C 314 0.63 13.23 38.67
C VAL C 314 1.66 13.56 39.75
N TRP C 315 2.87 13.04 39.55
CA TRP C 315 3.97 13.17 40.51
C TRP C 315 5.11 13.98 39.93
N MET C 316 5.36 15.15 40.49
CA MET C 316 6.53 15.93 40.12
C MET C 316 7.67 15.60 41.08
N SER C 317 8.87 15.45 40.51
CA SER C 317 10.03 15.06 41.30
C SER C 317 11.30 15.41 40.56
N ARG C 318 12.43 15.16 41.21
CA ARG C 318 13.73 15.46 40.65
C ARG C 318 14.78 14.84 41.55
N MET C 319 15.96 14.56 40.98
CA MET C 319 17.12 14.25 41.79
C MET C 319 18.09 15.43 41.72
N THR C 320 17.93 16.44 42.59
CA THR C 320 16.94 16.44 43.66
C THR C 320 16.56 17.86 44.09
N TYR C 321 15.44 17.96 44.80
CA TYR C 321 15.11 19.17 45.54
C TYR C 321 15.95 19.17 46.81
N PHE C 322 16.20 20.35 47.38
CA PHE C 322 17.09 20.46 48.53
C PHE C 322 16.42 21.15 49.72
N SER C 323 15.82 22.32 49.48
CA SER C 323 15.17 23.09 50.52
C SER C 323 13.65 23.12 50.34
N ALA C 324 12.94 23.58 51.36
CA ALA C 324 11.49 23.63 51.31
C ALA C 324 11.02 24.72 50.36
N ASP C 325 11.74 25.84 50.32
CA ASP C 325 11.40 26.94 49.42
C ASP C 325 11.39 26.48 47.97
N GLU C 326 12.34 25.63 47.61
CA GLU C 326 12.44 25.11 46.25
C GLU C 326 11.14 24.40 45.87
N VAL C 327 10.63 23.61 46.81
CA VAL C 327 9.41 22.87 46.56
C VAL C 327 8.19 23.80 46.59
N ASN C 328 8.01 24.49 47.71
CA ASN C 328 6.86 25.38 47.91
C ASN C 328 6.60 26.29 46.72
N GLU C 329 7.68 26.79 46.13
CA GLU C 329 7.58 27.69 44.99
C GLU C 329 7.03 26.97 43.76
N ILE C 330 7.43 25.72 43.58
CA ILE C 330 7.03 24.96 42.40
C ILE C 330 5.58 24.47 42.50
N CYS C 331 5.14 24.16 43.72
CA CYS C 331 3.77 23.73 43.93
C CYS C 331 2.80 24.86 43.66
N ASP C 332 3.11 26.03 44.21
CA ASP C 332 2.31 27.22 43.96
C ASP C 332 2.33 27.58 42.47
N ARG C 333 3.46 27.32 41.82
CA ARG C 333 3.61 27.59 40.39
C ARG C 333 2.68 26.72 39.56
N MET C 334 2.66 25.43 39.86
CA MET C 334 1.82 24.49 39.14
C MET C 334 0.35 24.77 39.39
N ARG C 335 -0.02 24.96 40.65
CA ARG C 335 -1.41 25.25 41.00
C ARG C 335 -1.87 26.51 40.27
N ALA C 336 -1.17 27.61 40.50
CA ALA C 336 -1.51 28.89 39.90
C ALA C 336 -1.72 28.76 38.40
N GLU C 337 -0.83 28.02 37.75
CA GLU C 337 -0.89 27.86 36.29
C GLU C 337 -1.88 26.78 35.86
N HIS C 338 -2.70 26.33 36.81
CA HIS C 338 -3.71 25.30 36.55
C HIS C 338 -3.07 24.01 36.08
N TYR C 339 -1.85 23.75 36.54
CA TYR C 339 -1.20 22.49 36.30
C TYR C 339 -1.67 21.51 37.37
N PRO C 340 -2.58 20.61 37.02
CA PRO C 340 -3.13 19.73 38.04
C PRO C 340 -2.12 18.69 38.48
N CYS C 341 -1.61 18.85 39.70
CA CYS C 341 -0.60 17.93 40.22
C CYS C 341 -1.01 17.47 41.60
N ASP C 342 -0.56 16.30 42.00
CA ASP C 342 -1.12 15.65 43.17
C ASP C 342 -0.07 15.30 44.21
N VAL C 343 1.17 15.16 43.76
CA VAL C 343 2.25 14.76 44.65
C VAL C 343 3.55 15.39 44.20
N ILE C 344 4.33 15.83 45.18
CA ILE C 344 5.70 16.25 44.92
C ILE C 344 6.61 15.28 45.65
N HIS C 345 7.69 14.87 45.00
CA HIS C 345 8.61 13.96 45.65
C HIS C 345 9.97 14.58 45.90
N LEU C 346 10.56 14.20 47.03
CA LEU C 346 11.87 14.69 47.46
C LEU C 346 12.88 13.56 47.50
N ASP C 347 13.87 13.64 46.62
CA ASP C 347 14.80 12.54 46.43
C ASP C 347 15.96 12.58 47.43
N THR C 348 17.17 12.44 46.92
CA THR C 348 18.36 12.39 47.74
C THR C 348 18.69 13.75 48.38
N GLY C 349 17.71 14.65 48.36
CA GLY C 349 17.96 16.05 48.62
C GLY C 349 17.96 16.50 50.07
N TRP C 350 17.03 16.00 50.87
CA TRP C 350 16.97 16.39 52.27
C TRP C 350 18.21 15.87 53.02
N PHE C 351 18.13 15.71 54.33
CA PHE C 351 19.33 15.37 55.11
C PHE C 351 20.38 16.50 55.03
N ARG C 352 21.32 16.53 55.97
CA ARG C 352 22.37 17.53 55.93
C ARG C 352 23.18 17.39 54.65
N THR C 353 23.30 16.15 54.19
CA THR C 353 23.98 15.86 52.93
C THR C 353 23.18 14.79 52.18
N ASP C 354 23.24 14.82 50.85
CA ASP C 354 22.60 13.75 50.07
C ASP C 354 23.05 12.43 50.65
N TRP C 355 22.10 11.53 50.88
CA TRP C 355 22.38 10.21 51.45
C TRP C 355 23.04 10.33 52.86
N LEU C 356 22.35 10.07 53.98
CA LEU C 356 20.95 9.65 54.16
C LEU C 356 20.75 9.29 55.62
N CYS C 357 20.33 10.26 56.45
CA CYS C 357 20.16 10.03 57.90
C CYS C 357 18.69 9.88 58.30
N GLU C 358 17.85 9.42 57.37
CA GLU C 358 16.41 9.26 57.63
C GLU C 358 15.73 10.50 58.24
N TRP C 359 16.51 11.53 58.58
CA TRP C 359 15.97 12.78 59.15
C TRP C 359 15.94 13.94 58.15
N LYS C 360 15.43 15.10 58.56
CA LYS C 360 15.34 16.23 57.63
C LYS C 360 16.64 17.04 57.57
N PHE C 361 16.54 18.37 57.51
CA PHE C 361 17.69 19.21 57.13
C PHE C 361 17.41 20.71 57.23
N ASN C 362 18.22 21.42 58.03
CA ASN C 362 18.10 22.88 58.29
C ASN C 362 17.74 23.81 57.13
N GLU C 363 17.27 23.23 56.04
CA GLU C 363 16.63 23.95 54.94
C GLU C 363 15.17 23.54 54.96
N GLU C 364 14.74 23.02 56.13
CA GLU C 364 13.42 22.44 56.26
C GLU C 364 12.90 22.54 57.69
N ARG C 365 11.58 22.40 57.86
CA ARG C 365 10.95 22.30 59.18
C ARG C 365 9.42 22.24 59.04
N PHE C 366 8.88 21.03 58.91
CA PHE C 366 7.44 20.84 58.66
C PHE C 366 7.08 19.37 58.44
N ALA C 427 28.89 0.08 53.66
CA ALA C 427 28.07 1.14 54.21
C ALA C 427 27.18 0.63 55.37
N GLY C 428 27.00 -0.69 55.44
CA GLY C 428 26.08 -1.32 56.38
C GLY C 428 24.67 -1.53 55.82
N THR C 429 24.21 -2.78 55.78
CA THR C 429 22.86 -3.11 55.27
C THR C 429 21.91 -3.43 56.43
N ILE C 430 20.62 -3.32 56.13
CA ILE C 430 19.57 -3.45 57.13
C ILE C 430 19.01 -4.86 57.10
N ASP C 431 19.10 -5.57 58.22
CA ASP C 431 18.77 -6.99 58.24
C ASP C 431 17.28 -7.23 58.50
N PHE C 432 16.50 -7.31 57.43
CA PHE C 432 15.07 -7.58 57.56
C PHE C 432 14.77 -9.04 57.92
N THR C 433 15.83 -9.81 58.20
CA THR C 433 15.67 -11.17 58.72
C THR C 433 15.99 -11.15 60.21
N TYR C 434 15.77 -10.00 60.82
CA TYR C 434 16.03 -9.79 62.24
C TYR C 434 14.88 -8.97 62.80
N PRO C 435 13.87 -9.64 63.37
CA PRO C 435 12.58 -9.00 63.70
C PRO C 435 12.70 -7.63 64.38
N LYS C 436 13.71 -7.44 65.22
CA LYS C 436 13.89 -6.18 65.93
C LYS C 436 14.34 -5.09 64.97
N ALA C 437 15.29 -5.42 64.09
CA ALA C 437 15.79 -4.46 63.12
C ALA C 437 14.69 -4.08 62.15
N THR C 438 13.79 -5.02 61.87
CA THR C 438 12.63 -4.73 61.02
C THR C 438 11.76 -3.72 61.72
N GLU C 439 11.54 -3.93 63.01
CA GLU C 439 10.68 -3.05 63.77
C GLU C 439 11.38 -1.74 64.05
N TRP C 440 12.71 -1.77 64.03
CA TRP C 440 13.49 -0.56 64.21
C TRP C 440 13.44 0.29 62.95
N TYR C 441 13.64 -0.36 61.80
CA TYR C 441 13.65 0.33 60.51
C TYR C 441 12.30 0.93 60.20
N LYS C 442 11.23 0.23 60.52
CA LYS C 442 9.89 0.76 60.27
C LYS C 442 9.49 1.66 61.43
N GLY C 443 10.27 1.60 62.50
CA GLY C 443 10.14 2.59 63.56
C GLY C 443 10.64 3.93 63.08
N LEU C 444 11.51 3.90 62.08
CA LEU C 444 12.05 5.14 61.50
C LEU C 444 10.99 5.81 60.65
N LEU C 445 10.43 5.04 59.73
CA LEU C 445 9.49 5.58 58.76
C LEU C 445 8.26 6.15 59.45
N LYS C 446 7.98 5.66 60.66
CA LYS C 446 6.82 6.12 61.40
C LYS C 446 6.94 7.59 61.74
N GLN C 447 8.13 8.02 62.15
CA GLN C 447 8.39 9.43 62.46
C GLN C 447 8.31 10.32 61.22
N LEU C 448 8.46 9.71 60.06
CA LEU C 448 8.29 10.42 58.79
C LEU C 448 6.82 10.38 58.36
N LEU C 449 6.20 9.23 58.54
CA LEU C 449 4.79 9.06 58.24
C LEU C 449 3.93 9.90 59.18
N ASP C 450 4.43 10.11 60.39
CA ASP C 450 3.68 10.85 61.39
C ASP C 450 3.67 12.33 61.06
N MET C 451 4.71 12.79 60.37
CA MET C 451 4.76 14.19 59.92
C MET C 451 3.69 14.47 58.89
N GLY C 452 3.35 13.47 58.07
CA GLY C 452 2.29 13.59 57.09
C GLY C 452 2.70 13.14 55.70
N VAL C 453 3.93 12.65 55.55
CA VAL C 453 4.31 12.04 54.29
C VAL C 453 3.43 10.82 54.12
N THR C 454 3.05 10.55 52.88
CA THR C 454 2.06 9.52 52.59
C THR C 454 2.66 8.32 51.84
N CYS C 455 3.85 8.51 51.28
CA CYS C 455 4.54 7.45 50.55
C CYS C 455 6.03 7.46 50.84
N ILE C 456 6.68 6.31 50.63
CA ILE C 456 8.11 6.14 50.87
C ILE C 456 8.76 5.46 49.68
N LYS C 457 9.88 6.00 49.22
CA LYS C 457 10.56 5.48 48.04
C LYS C 457 11.56 4.42 48.46
N THR C 458 11.18 3.16 48.34
CA THR C 458 12.05 2.06 48.67
C THR C 458 13.03 1.84 47.53
N ASP C 459 14.02 2.71 47.46
CA ASP C 459 15.05 2.65 46.45
C ASP C 459 16.00 1.51 46.82
N PHE C 460 16.70 0.98 45.81
CA PHE C 460 17.62 -0.13 46.01
C PHE C 460 16.96 -1.34 46.68
N GLY C 461 17.78 -2.22 47.27
CA GLY C 461 17.30 -3.49 47.80
C GLY C 461 17.42 -4.55 46.74
N GLU C 462 18.56 -4.53 46.06
CA GLU C 462 18.80 -5.34 44.88
C GLU C 462 20.10 -6.08 45.12
N ASN C 463 21.07 -5.36 45.67
CA ASN C 463 22.22 -5.98 46.29
C ASN C 463 22.20 -5.75 47.81
N ILE C 464 22.80 -6.67 48.51
CA ILE C 464 22.98 -6.56 49.95
C ILE C 464 24.45 -6.79 50.25
N HIS C 465 24.89 -6.38 51.43
CA HIS C 465 26.24 -6.71 51.82
C HIS C 465 26.30 -8.23 51.91
N MET C 466 26.83 -8.84 50.86
CA MET C 466 26.87 -10.29 50.78
C MET C 466 27.87 -10.88 51.75
N ASP C 467 28.77 -10.05 52.26
CA ASP C 467 29.80 -10.49 53.18
C ASP C 467 29.41 -10.13 54.61
N ALA C 468 28.21 -10.51 55.00
CA ALA C 468 27.70 -10.22 56.33
C ALA C 468 27.02 -11.44 56.90
N VAL C 469 26.74 -11.40 58.20
CA VAL C 469 26.06 -12.50 58.85
C VAL C 469 24.66 -12.06 59.27
N TYR C 470 23.68 -12.36 58.44
CA TYR C 470 22.29 -12.04 58.76
C TYR C 470 21.72 -13.09 59.69
N LYS C 471 20.91 -12.63 60.65
CA LYS C 471 20.43 -13.46 61.75
C LYS C 471 19.22 -14.31 61.37
N GLY C 472 19.30 -14.97 60.23
CA GLY C 472 18.24 -15.87 59.79
C GLY C 472 18.76 -16.74 58.65
N MET C 473 18.53 -16.30 57.41
CA MET C 473 19.01 -17.04 56.25
C MET C 473 20.36 -16.49 55.81
N LYS C 474 21.17 -17.35 55.21
CA LYS C 474 22.48 -16.96 54.70
C LYS C 474 22.35 -16.01 53.50
N PRO C 475 23.32 -15.13 53.34
CA PRO C 475 23.26 -14.07 52.33
C PRO C 475 22.88 -14.58 50.94
N GLU C 476 23.42 -15.73 50.56
CA GLU C 476 23.19 -16.28 49.22
C GLU C 476 21.73 -16.64 48.94
N LEU C 477 20.86 -16.47 49.93
CA LEU C 477 19.41 -16.69 49.75
C LEU C 477 18.60 -15.46 50.12
N LEU C 478 19.07 -14.70 51.11
CA LEU C 478 18.36 -13.50 51.51
C LEU C 478 18.38 -12.48 50.39
N ASN C 479 19.42 -12.54 49.56
CA ASN C 479 19.70 -11.50 48.57
C ASN C 479 18.52 -11.15 47.64
N ASN C 480 17.99 -12.13 46.93
CA ASN C 480 16.90 -11.86 45.99
C ASN C 480 15.56 -11.65 46.71
N LEU C 481 15.41 -12.29 47.86
CA LEU C 481 14.19 -12.17 48.65
C LEU C 481 14.11 -10.80 49.33
N TYR C 482 15.25 -10.13 49.43
CA TYR C 482 15.33 -8.87 50.14
C TYR C 482 14.28 -7.87 49.66
N ALA C 483 14.15 -7.72 48.34
CA ALA C 483 13.18 -6.81 47.76
C ALA C 483 11.76 -7.07 48.25
N LEU C 484 11.51 -8.24 48.82
CA LEU C 484 10.19 -8.59 49.35
C LEU C 484 10.03 -8.18 50.80
N LEU C 485 11.02 -8.48 51.62
CA LEU C 485 10.96 -8.15 53.03
C LEU C 485 11.00 -6.65 53.20
N TYR C 486 11.99 -6.04 52.54
CA TYR C 486 12.20 -4.61 52.52
C TYR C 486 10.92 -3.82 52.26
N GLN C 487 10.22 -4.15 51.18
CA GLN C 487 9.06 -3.38 50.80
C GLN C 487 7.86 -3.72 51.68
N LYS C 488 7.79 -4.98 52.09
CA LYS C 488 6.74 -5.44 53.00
C LYS C 488 6.76 -4.63 54.29
N ALA C 489 7.96 -4.23 54.70
CA ALA C 489 8.14 -3.43 55.90
C ALA C 489 7.60 -2.02 55.71
N ALA C 490 8.11 -1.34 54.69
CA ALA C 490 7.67 0.02 54.40
C ALA C 490 6.20 0.08 54.01
N TYR C 491 5.69 -0.99 53.41
CA TYR C 491 4.29 -1.02 53.02
C TYR C 491 3.42 -1.16 54.26
N GLU C 492 3.79 -2.12 55.10
CA GLU C 492 3.05 -2.41 56.30
C GLU C 492 2.95 -1.20 57.22
N ILE C 493 4.08 -0.52 57.46
CA ILE C 493 4.06 0.60 58.38
C ILE C 493 3.33 1.78 57.75
N THR C 494 3.47 1.96 56.44
CA THR C 494 2.76 3.01 55.74
C THR C 494 1.26 2.92 56.05
N LYS C 495 0.68 1.73 55.88
CA LYS C 495 -0.74 1.54 56.12
C LYS C 495 -1.09 1.64 57.60
N GLU C 496 -0.21 1.12 58.44
CA GLU C 496 -0.37 1.22 59.88
C GLU C 496 -0.55 2.67 60.34
N VAL C 497 0.04 3.60 59.59
CA VAL C 497 -0.07 5.02 59.87
C VAL C 497 -1.06 5.68 58.91
N THR C 498 -0.83 5.52 57.61
CA THR C 498 -1.58 6.25 56.61
C THR C 498 -2.99 5.68 56.46
N GLY C 499 -3.12 4.40 56.74
CA GLY C 499 -4.35 3.68 56.44
C GLY C 499 -4.39 3.22 54.99
N ASP C 500 -3.39 3.62 54.21
CA ASP C 500 -3.29 3.24 52.79
C ASP C 500 -2.01 2.48 52.51
N GLY C 501 -2.12 1.37 51.79
CA GLY C 501 -0.96 0.58 51.42
C GLY C 501 -0.26 1.08 50.16
N ILE C 502 0.72 1.96 50.31
CA ILE C 502 1.43 2.51 49.16
C ILE C 502 2.96 2.53 49.37
N VAL C 503 3.69 2.12 48.35
CA VAL C 503 5.16 2.16 48.38
C VAL C 503 5.65 2.40 46.98
N TRP C 504 6.76 3.12 46.87
CA TRP C 504 7.41 3.36 45.59
C TRP C 504 8.72 2.57 45.51
N ALA C 505 8.68 1.39 44.90
CA ALA C 505 9.78 0.43 44.95
C ALA C 505 10.53 0.29 43.63
N ARG C 506 11.83 0.01 43.70
CA ARG C 506 12.66 -0.16 42.51
C ARG C 506 13.06 -1.59 42.23
N ALA C 507 13.08 -2.38 43.29
CA ALA C 507 13.48 -3.77 43.17
C ALA C 507 12.26 -4.66 43.38
N ALA C 508 12.39 -5.94 43.05
CA ALA C 508 11.29 -6.86 43.24
C ALA C 508 11.74 -8.30 43.14
N TRP C 509 10.98 -9.16 43.80
CA TRP C 509 11.12 -10.60 43.68
C TRP C 509 9.70 -11.12 43.71
N ALA C 510 9.52 -12.44 43.60
CA ALA C 510 8.18 -13.03 43.58
C ALA C 510 7.47 -12.76 44.88
N GLY C 511 6.25 -12.22 44.79
CA GLY C 511 5.47 -11.87 45.97
C GLY C 511 5.30 -10.35 46.13
N CYS C 512 6.17 -9.59 45.50
CA CYS C 512 6.18 -8.13 45.64
C CYS C 512 4.96 -7.44 45.04
N GLN C 513 4.17 -8.14 44.24
CA GLN C 513 3.01 -7.51 43.64
C GLN C 513 1.94 -7.19 44.70
N ARG C 514 2.01 -7.87 45.86
CA ARG C 514 1.15 -7.55 46.99
C ARG C 514 1.14 -6.05 47.27
N TYR C 515 2.29 -5.44 47.07
CA TYR C 515 2.55 -4.10 47.58
C TYR C 515 2.88 -3.10 46.47
N PRO C 516 1.87 -2.35 45.99
CA PRO C 516 2.05 -1.44 44.87
C PRO C 516 2.69 -0.09 45.25
N LEU C 517 3.40 0.60 44.34
CA LEU C 517 3.73 0.15 43.00
C LEU C 517 5.25 0.11 42.79
N HIS C 518 5.69 -0.18 41.56
CA HIS C 518 7.10 -0.32 41.24
C HIS C 518 7.43 0.43 39.94
N TRP C 519 8.48 1.28 39.96
CA TRP C 519 8.78 2.14 38.81
C TRP C 519 9.97 1.66 38.02
N GLY C 520 10.08 2.18 36.80
CA GLY C 520 10.92 1.62 35.74
C GLY C 520 12.42 1.80 35.83
N GLY C 521 12.89 2.45 36.89
CA GLY C 521 14.31 2.60 37.10
C GLY C 521 14.92 3.84 36.49
N ASP C 522 16.20 3.74 36.18
CA ASP C 522 16.96 4.85 35.64
C ASP C 522 17.02 4.76 34.14
N SER C 523 15.87 4.99 33.49
CA SER C 523 15.81 4.96 32.05
C SER C 523 16.57 6.14 31.48
N CYS C 524 16.99 6.02 30.23
CA CYS C 524 17.61 7.13 29.52
C CYS C 524 16.59 7.99 28.80
N SER C 525 16.61 9.29 29.07
CA SER C 525 15.78 10.22 28.33
C SER C 525 16.16 10.09 26.85
N SER C 526 15.57 9.09 26.21
CA SER C 526 15.84 8.82 24.81
C SER C 526 14.81 7.86 24.26
N TRP C 527 14.71 7.80 22.94
CA TRP C 527 13.76 6.89 22.32
C TRP C 527 14.07 5.45 22.69
N ASP C 528 15.35 5.17 22.95
CA ASP C 528 15.73 3.84 23.43
C ASP C 528 15.14 3.58 24.78
N GLY C 529 15.29 4.57 25.66
CA GLY C 529 14.71 4.52 26.98
C GLY C 529 13.23 4.30 26.97
N MET C 530 12.50 5.05 26.13
CA MET C 530 11.04 4.89 26.03
C MET C 530 10.70 3.44 25.74
N ALA C 531 11.26 2.92 24.65
CA ALA C 531 10.92 1.56 24.22
C ALA C 531 11.39 0.54 25.25
N GLY C 532 12.62 0.73 25.72
CA GLY C 532 13.24 -0.13 26.70
C GLY C 532 12.35 -0.19 27.93
N SER C 533 11.90 0.98 28.37
CA SER C 533 11.06 1.03 29.54
C SER C 533 9.76 0.29 29.23
N LEU C 534 9.22 0.47 28.04
CA LEU C 534 7.96 -0.17 27.73
C LEU C 534 8.10 -1.69 27.71
N LYS C 535 9.22 -2.17 27.19
CA LYS C 535 9.48 -3.60 27.12
C LYS C 535 9.36 -4.18 28.53
N GLY C 536 10.04 -3.52 29.46
CA GLY C 536 10.02 -3.93 30.85
C GLY C 536 8.63 -3.99 31.44
N GLY C 537 7.86 -2.91 31.27
CA GLY C 537 6.56 -2.79 31.91
C GLY C 537 5.61 -3.83 31.37
N LEU C 538 5.76 -4.14 30.09
CA LEU C 538 4.98 -5.17 29.45
C LEU C 538 5.30 -6.52 30.04
N HIS C 539 6.60 -6.80 30.20
CA HIS C 539 7.03 -8.09 30.74
C HIS C 539 6.71 -8.12 32.21
N PHE C 540 6.68 -6.96 32.82
CA PHE C 540 6.46 -6.87 34.23
C PHE C 540 5.01 -7.20 34.59
N GLY C 541 4.07 -6.79 33.74
CA GLY C 541 2.66 -7.02 33.99
C GLY C 541 2.34 -8.49 33.73
N LEU C 542 3.16 -9.08 32.86
CA LEU C 542 3.10 -10.50 32.58
C LEU C 542 3.91 -11.29 33.58
N SER C 543 4.26 -10.65 34.69
CA SER C 543 4.99 -11.30 35.76
C SER C 543 4.28 -11.04 37.06
N GLY C 544 2.97 -10.89 37.00
CA GLY C 544 2.13 -10.91 38.19
C GLY C 544 1.90 -9.58 38.86
N PHE C 545 2.40 -8.52 38.25
CA PHE C 545 2.24 -7.16 38.78
C PHE C 545 1.09 -6.44 38.12
N ALA C 546 0.51 -5.49 38.85
CA ALA C 546 -0.64 -4.72 38.38
C ALA C 546 -0.26 -3.25 38.13
N PHE C 547 0.48 -2.66 39.05
CA PHE C 547 0.76 -1.23 39.00
C PHE C 547 2.24 -0.99 38.74
N TRP C 548 2.51 -0.25 37.67
CA TRP C 548 3.87 -0.03 37.21
C TRP C 548 4.04 1.40 36.74
N SER C 549 5.24 1.92 36.92
CA SER C 549 5.51 3.29 36.57
C SER C 549 6.84 3.41 35.87
N HIS C 550 7.18 4.63 35.51
CA HIS C 550 8.39 4.90 34.77
C HIS C 550 8.66 6.39 34.81
N ASP C 551 9.93 6.75 34.93
CA ASP C 551 10.31 8.14 35.04
C ASP C 551 10.10 8.88 33.73
N VAL C 552 9.47 10.04 33.82
CA VAL C 552 9.08 10.82 32.65
C VAL C 552 9.87 12.11 32.56
N PRO C 553 10.50 12.37 31.41
CA PRO C 553 10.65 11.56 30.20
C PRO C 553 12.03 10.90 30.16
N GLY C 554 12.17 9.81 30.88
CA GLY C 554 13.46 9.15 31.02
C GLY C 554 14.14 9.77 32.22
N PHE C 555 14.92 8.97 32.95
CA PHE C 555 15.56 9.45 34.19
C PHE C 555 16.70 10.43 33.94
N HIS C 556 17.67 10.00 33.12
CA HIS C 556 18.91 10.71 32.87
C HIS C 556 19.08 11.02 31.38
N THR C 557 19.81 12.10 31.08
CA THR C 557 20.11 12.49 29.72
C THR C 557 21.52 12.07 29.30
N LEU C 558 21.79 12.11 27.99
CA LEU C 558 23.11 11.80 27.45
C LEU C 558 23.59 12.90 26.51
N PRO C 559 24.92 13.04 26.35
CA PRO C 559 25.99 12.28 27.01
C PRO C 559 26.23 12.73 28.44
N ASN C 560 26.11 14.02 28.69
CA ASN C 560 26.28 14.54 30.04
C ASN C 560 25.12 14.13 30.96
N PHE C 561 25.41 13.17 31.85
CA PHE C 561 24.40 12.57 32.73
C PHE C 561 23.52 13.59 33.43
N MET C 562 24.17 14.59 34.04
CA MET C 562 23.50 15.56 34.88
C MET C 562 23.11 16.84 34.13
N ASN C 563 23.84 17.20 33.08
CA ASN C 563 23.78 18.55 32.55
C ASN C 563 23.40 18.69 31.06
N SER C 564 23.04 17.59 30.41
CA SER C 564 22.49 17.67 29.05
C SER C 564 21.04 18.13 29.16
N ILE C 565 20.38 18.34 28.03
CA ILE C 565 18.98 18.76 28.02
C ILE C 565 18.09 17.65 27.45
N VAL C 566 16.88 17.54 27.99
CA VAL C 566 15.97 16.42 27.76
C VAL C 566 15.55 16.28 26.28
N ALA C 567 15.24 17.41 25.64
CA ALA C 567 14.64 17.51 24.29
C ALA C 567 13.13 17.32 24.39
N GLU C 568 12.41 18.38 24.05
CA GLU C 568 10.96 18.45 24.22
C GLU C 568 10.24 17.42 23.37
N ASP C 569 10.85 17.11 22.24
CA ASP C 569 10.47 16.00 21.39
C ASP C 569 10.14 14.76 22.22
N VAL C 570 11.20 14.20 22.82
CA VAL C 570 11.12 13.09 23.75
C VAL C 570 10.15 13.39 24.89
N TYR C 571 10.14 14.61 25.38
CA TYR C 571 9.38 14.97 26.56
C TYR C 571 7.89 14.69 26.37
N MET C 572 7.32 15.19 25.28
CA MET C 572 5.89 15.13 25.08
C MET C 572 5.44 13.70 24.74
N ARG C 573 6.30 12.96 24.05
CA ARG C 573 5.97 11.60 23.63
C ARG C 573 6.03 10.61 24.78
N TRP C 574 6.75 10.98 25.83
CA TRP C 574 6.89 10.13 26.99
C TRP C 574 5.80 10.57 27.96
N THR C 575 5.53 11.86 27.98
CA THR C 575 4.39 12.42 28.70
C THR C 575 3.12 11.68 28.29
N GLN C 576 2.95 11.47 26.99
CA GLN C 576 1.77 10.82 26.47
C GLN C 576 1.71 9.38 26.98
N PHE C 577 2.86 8.72 26.92
CA PHE C 577 3.00 7.35 27.37
C PHE C 577 2.62 7.26 28.85
N GLY C 578 3.07 8.23 29.62
CA GLY C 578 2.84 8.24 31.06
C GLY C 578 1.39 8.42 31.45
N VAL C 579 0.63 9.19 30.69
CA VAL C 579 -0.77 9.42 31.01
C VAL C 579 -1.51 8.11 30.87
N PHE C 580 -1.07 7.27 29.93
CA PHE C 580 -1.70 5.99 29.71
C PHE C 580 -0.82 4.91 30.29
N THR C 581 -0.49 5.11 31.56
CA THR C 581 0.12 4.10 32.41
C THR C 581 -0.53 4.20 33.79
N SER C 582 -0.37 3.13 34.57
CA SER C 582 -0.95 3.03 35.90
C SER C 582 -0.62 4.26 36.75
N HIS C 583 0.63 4.67 36.71
CA HIS C 583 1.09 5.77 37.52
C HIS C 583 2.07 6.63 36.73
N ILE C 584 1.94 7.94 36.86
CA ILE C 584 2.79 8.89 36.14
C ILE C 584 3.60 9.75 37.09
N ARG C 585 4.89 9.84 36.81
CA ARG C 585 5.82 10.54 37.68
C ARG C 585 6.96 11.19 36.89
N TYR C 586 7.06 12.51 37.04
CA TYR C 586 8.15 13.29 36.47
C TYR C 586 9.32 13.33 37.44
N HIS C 587 10.43 12.71 37.05
CA HIS C 587 11.60 12.61 37.91
C HIS C 587 12.86 12.43 37.08
N GLY C 588 13.94 13.05 37.48
CA GLY C 588 15.16 12.91 36.72
C GLY C 588 16.31 13.79 37.10
N THR C 589 17.35 13.73 36.27
CA THR C 589 18.67 14.28 36.56
C THR C 589 18.72 15.80 36.51
N ASN C 590 17.57 16.41 36.22
CA ASN C 590 17.49 17.84 36.06
C ASN C 590 16.05 18.26 35.82
N LYS C 591 15.85 19.56 35.67
CA LYS C 591 14.52 20.17 35.57
C LYS C 591 13.50 19.29 34.89
N ARG C 592 12.36 19.10 35.55
CA ARG C 592 11.30 18.32 34.96
C ARG C 592 9.99 19.10 34.93
N GLU C 593 10.03 20.34 35.40
CA GLU C 593 8.81 21.15 35.43
C GLU C 593 8.51 21.77 34.07
N PRO C 594 7.24 21.82 33.71
CA PRO C 594 6.79 22.14 32.35
C PRO C 594 7.17 23.54 31.84
N TRP C 595 7.32 24.50 32.75
CA TRP C 595 7.66 25.86 32.34
C TRP C 595 9.10 25.98 31.84
N HIS C 596 9.89 24.92 32.04
CA HIS C 596 11.25 24.90 31.51
C HIS C 596 11.25 24.34 30.09
N TYR C 597 10.09 23.88 29.66
CA TYR C 597 9.96 23.30 28.32
C TYR C 597 8.82 23.93 27.53
N PRO C 598 8.81 25.27 27.43
CA PRO C 598 7.70 26.02 26.83
C PRO C 598 7.43 25.62 25.38
N ALA C 599 6.21 25.20 25.09
CA ALA C 599 5.83 24.75 23.75
C ALA C 599 6.81 23.70 23.23
N ILE C 600 6.58 22.41 23.53
CA ILE C 600 5.37 21.91 24.16
C ILE C 600 5.36 22.09 25.67
N ALA C 601 4.58 23.05 26.13
CA ALA C 601 4.32 23.22 27.56
C ALA C 601 2.83 23.45 27.80
N PRO C 602 2.20 24.34 27.00
CA PRO C 602 0.75 24.41 27.19
C PRO C 602 0.08 23.09 26.86
N LEU C 603 0.73 22.26 26.04
CA LEU C 603 0.19 20.96 25.66
C LEU C 603 0.28 19.99 26.81
N VAL C 604 1.48 19.89 27.39
CA VAL C 604 1.70 19.14 28.62
C VAL C 604 0.61 19.48 29.64
N LYS C 605 0.21 20.74 29.68
CA LYS C 605 -0.77 21.19 30.66
C LYS C 605 -2.14 20.64 30.32
N LYS C 606 -2.47 20.61 29.03
CA LYS C 606 -3.75 20.08 28.61
C LYS C 606 -3.71 18.56 28.61
N TRP C 607 -2.50 17.99 28.64
CA TRP C 607 -2.35 16.54 28.68
C TRP C 607 -2.35 16.03 30.11
N TRP C 608 -1.95 16.88 31.06
CA TRP C 608 -2.18 16.58 32.47
C TRP C 608 -3.66 16.70 32.76
N LYS C 609 -4.34 17.49 31.95
CA LYS C 609 -5.75 17.71 32.10
C LYS C 609 -6.51 16.46 31.64
N LEU C 610 -6.02 15.81 30.59
CA LEU C 610 -6.63 14.57 30.09
C LEU C 610 -6.49 13.46 31.12
N ARG C 611 -5.33 13.44 31.77
CA ARG C 611 -4.97 12.46 32.78
C ARG C 611 -6.00 12.44 33.90
N TYR C 612 -6.38 13.61 34.38
CA TYR C 612 -7.36 13.68 35.45
C TYR C 612 -8.76 13.32 34.92
N SER C 613 -8.97 13.48 33.61
CA SER C 613 -10.23 13.08 32.98
C SER C 613 -10.29 11.59 32.63
N LEU C 614 -9.26 10.84 32.98
CA LEU C 614 -9.26 9.39 32.84
C LEU C 614 -9.01 8.68 34.16
N ILE C 615 -8.95 9.44 35.26
CA ILE C 615 -8.78 8.86 36.60
C ILE C 615 -9.83 7.81 36.92
N PRO C 616 -11.12 8.16 36.79
CA PRO C 616 -12.14 7.19 37.19
C PRO C 616 -12.07 5.89 36.39
N TYR C 617 -11.70 5.99 35.13
CA TYR C 617 -11.53 4.82 34.30
C TYR C 617 -10.38 3.94 34.79
N ILE C 618 -9.31 4.58 35.22
CA ILE C 618 -8.14 3.87 35.69
C ILE C 618 -8.45 3.13 36.99
N ILE C 619 -9.16 3.80 37.89
CA ILE C 619 -9.58 3.21 39.16
C ILE C 619 -10.43 1.99 38.97
N GLU C 620 -11.37 2.13 38.03
CA GLU C 620 -12.34 1.10 37.72
C GLU C 620 -11.64 -0.12 37.16
N GLN C 621 -10.65 0.11 36.31
CA GLN C 621 -9.87 -0.95 35.71
C GLN C 621 -8.93 -1.56 36.73
N SER C 622 -8.44 -0.72 37.63
CA SER C 622 -7.58 -1.17 38.72
C SER C 622 -8.42 -1.98 39.72
N LYS C 623 -9.60 -1.46 40.05
CA LYS C 623 -10.49 -2.12 40.99
C LYS C 623 -10.77 -3.54 40.53
N LEU C 624 -10.72 -3.73 39.22
CA LEU C 624 -10.85 -5.05 38.63
C LEU C 624 -9.53 -5.81 38.65
N ALA C 625 -8.43 -5.08 38.56
CA ALA C 625 -7.10 -5.68 38.45
C ALA C 625 -6.67 -6.26 39.78
N VAL C 626 -6.93 -5.53 40.85
CA VAL C 626 -6.61 -5.99 42.21
C VAL C 626 -7.34 -7.28 42.53
N GLU C 627 -8.36 -7.59 41.73
CA GLU C 627 -9.27 -8.70 41.98
C GLU C 627 -9.06 -9.89 41.05
N SER C 628 -8.05 -9.83 40.20
CA SER C 628 -7.93 -10.82 39.13
C SER C 628 -6.47 -11.08 38.74
N GLY C 629 -6.25 -11.44 37.48
CA GLY C 629 -4.92 -11.69 36.95
C GLY C 629 -4.39 -10.55 36.09
N TRP C 630 -5.27 -9.61 35.74
CA TRP C 630 -4.93 -8.53 34.82
C TRP C 630 -3.94 -7.54 35.42
N PRO C 631 -3.03 -7.02 34.57
CA PRO C 631 -2.30 -5.79 34.83
C PRO C 631 -2.99 -4.58 34.17
N LEU C 632 -2.61 -3.35 34.55
CA LEU C 632 -3.16 -2.15 33.91
C LEU C 632 -2.56 -1.97 32.52
N LEU C 633 -1.23 -1.97 32.44
CA LEU C 633 -0.53 -1.98 31.17
C LEU C 633 -0.45 -3.44 30.72
N GLN C 634 -0.99 -3.72 29.53
CA GLN C 634 -1.20 -5.10 29.09
C GLN C 634 -0.57 -5.39 27.74
N ALA C 635 0.23 -6.45 27.73
CA ALA C 635 0.78 -6.96 26.51
C ALA C 635 -0.36 -7.52 25.67
N LEU C 636 -0.32 -7.33 24.36
CA LEU C 636 -1.47 -7.66 23.52
C LEU C 636 -1.84 -9.13 23.48
N ILE C 637 -0.95 -9.98 23.95
CA ILE C 637 -1.23 -11.41 23.99
C ILE C 637 -2.28 -11.71 25.05
N LEU C 638 -2.48 -10.77 25.95
CA LEU C 638 -3.50 -10.95 26.98
C LEU C 638 -4.90 -10.89 26.36
N HIS C 639 -5.00 -10.35 25.15
CA HIS C 639 -6.29 -10.27 24.47
C HIS C 639 -6.26 -11.09 23.21
N HIS C 640 -5.08 -11.21 22.64
CA HIS C 640 -4.90 -11.93 21.39
C HIS C 640 -3.74 -12.90 21.47
N PRO C 641 -3.95 -14.02 22.19
CA PRO C 641 -2.92 -15.06 22.28
C PRO C 641 -2.75 -15.90 21.03
N GLU C 642 -3.77 -16.07 20.20
CA GLU C 642 -3.64 -16.92 19.02
C GLU C 642 -3.17 -16.14 17.80
N ASP C 643 -2.81 -14.88 18.02
CA ASP C 643 -2.33 -14.03 16.95
C ASP C 643 -0.82 -13.87 17.03
N LYS C 644 -0.13 -14.54 16.13
CA LYS C 644 1.30 -14.73 16.25
C LYS C 644 2.07 -13.40 16.21
N LEU C 645 1.53 -12.42 15.50
CA LEU C 645 2.14 -11.12 15.42
C LEU C 645 2.24 -10.49 16.81
N CYS C 646 1.17 -10.61 17.58
CA CYS C 646 1.04 -10.02 18.90
C CYS C 646 2.13 -10.48 19.88
N TRP C 647 2.61 -11.69 19.68
CA TRP C 647 3.67 -12.21 20.50
C TRP C 647 4.98 -11.51 20.19
N HIS C 648 4.97 -10.64 19.17
CA HIS C 648 6.17 -9.90 18.79
C HIS C 648 5.96 -8.38 18.69
N ILE C 649 4.97 -7.87 19.40
CA ILE C 649 4.77 -6.44 19.50
C ILE C 649 5.12 -5.96 20.90
N ASP C 650 6.19 -5.16 20.98
CA ASP C 650 6.62 -4.56 22.25
C ASP C 650 6.33 -3.07 22.31
N ASP C 651 5.75 -2.49 21.26
CA ASP C 651 5.54 -1.04 21.23
C ASP C 651 4.07 -0.65 21.22
N GLU C 652 3.20 -1.62 21.45
CA GLU C 652 1.78 -1.34 21.62
C GLU C 652 1.29 -2.04 22.86
N TYR C 653 0.21 -1.54 23.42
CA TYR C 653 -0.34 -2.16 24.62
C TYR C 653 -1.76 -1.72 24.91
N TYR C 654 -2.41 -2.49 25.75
CA TYR C 654 -3.70 -2.11 26.27
C TYR C 654 -3.48 -1.29 27.54
N PHE C 655 -4.21 -0.19 27.67
CA PHE C 655 -4.27 0.54 28.92
C PHE C 655 -5.65 0.34 29.54
N GLY C 656 -5.74 -0.66 30.40
CA GLY C 656 -7.04 -1.14 30.84
C GLY C 656 -7.60 -2.02 29.74
N ASN C 657 -8.89 -2.30 29.80
CA ASN C 657 -9.49 -3.24 28.87
C ASN C 657 -9.93 -2.60 27.55
N ASP C 658 -10.05 -1.27 27.52
CA ASP C 658 -10.70 -0.59 26.40
C ASP C 658 -9.79 0.30 25.57
N PHE C 659 -8.56 0.55 26.02
CA PHE C 659 -7.65 1.42 25.29
C PHE C 659 -6.49 0.66 24.67
N LEU C 660 -6.32 0.81 23.36
CA LEU C 660 -5.13 0.36 22.65
C LEU C 660 -4.19 1.55 22.45
N VAL C 661 -2.95 1.40 22.89
CA VAL C 661 -1.97 2.48 22.85
C VAL C 661 -0.72 2.07 22.07
N ALA C 662 -0.41 2.86 21.04
CA ALA C 662 0.78 2.65 20.23
C ALA C 662 1.62 3.92 20.22
N PRO C 663 2.46 4.12 21.25
CA PRO C 663 3.21 5.37 21.40
C PRO C 663 4.18 5.70 20.29
N VAL C 664 4.19 6.95 19.86
CA VAL C 664 5.19 7.49 18.94
C VAL C 664 6.52 7.69 19.64
N MET C 665 7.50 6.87 19.28
CA MET C 665 8.77 6.88 19.97
C MET C 665 9.88 7.23 19.00
N ASN C 666 9.66 8.28 18.20
CA ASN C 666 10.71 8.81 17.36
C ASN C 666 10.55 10.31 17.11
N SER C 667 11.51 10.90 16.41
CA SER C 667 11.47 12.33 16.12
C SER C 667 10.79 12.59 14.80
N GLU C 668 10.74 11.57 13.96
CA GLU C 668 10.16 11.67 12.63
C GLU C 668 8.65 11.72 12.68
N ASN C 669 8.08 11.45 13.85
CA ASN C 669 6.65 11.60 14.09
C ASN C 669 5.77 10.72 13.23
N ARG C 670 6.34 9.63 12.73
CA ARG C 670 5.63 8.70 11.88
C ARG C 670 5.90 7.27 12.33
N ARG C 671 4.84 6.47 12.46
CA ARG C 671 4.95 5.06 12.87
C ARG C 671 3.82 4.17 12.34
N ASP C 672 4.12 2.88 12.25
CA ASP C 672 3.10 1.89 11.93
C ASP C 672 2.38 1.45 13.18
N ILE C 673 1.09 1.16 13.03
CA ILE C 673 0.25 0.69 14.12
C ILE C 673 -0.48 -0.57 13.70
N TYR C 674 -0.40 -1.58 14.54
CA TYR C 674 -1.18 -2.79 14.32
C TYR C 674 -2.46 -2.77 15.13
N LEU C 675 -3.60 -2.85 14.44
CA LEU C 675 -4.88 -3.11 15.09
C LEU C 675 -5.08 -4.61 15.19
N PRO C 676 -5.35 -5.12 16.39
CA PRO C 676 -5.72 -6.53 16.48
C PRO C 676 -7.21 -6.71 16.23
N GLU C 677 -7.69 -7.95 16.30
CA GLU C 677 -9.10 -8.25 16.03
C GLU C 677 -10.00 -7.32 16.84
N GLY C 678 -10.72 -6.48 16.12
CA GLY C 678 -11.64 -5.56 16.75
C GLY C 678 -12.24 -4.64 15.72
N GLN C 679 -13.26 -3.91 16.15
CA GLN C 679 -13.77 -2.76 15.44
C GLN C 679 -13.38 -1.57 16.29
N TRP C 680 -12.40 -0.81 15.83
CA TRP C 680 -11.78 0.22 16.65
C TRP C 680 -12.22 1.64 16.29
N VAL C 681 -12.11 2.54 17.26
CA VAL C 681 -12.33 3.95 17.00
C VAL C 681 -11.24 4.77 17.70
N ASN C 682 -10.58 5.60 16.91
CA ASN C 682 -9.57 6.53 17.39
C ASN C 682 -10.15 7.40 18.50
N PHE C 683 -9.41 7.55 19.58
CA PHE C 683 -9.91 8.25 20.76
C PHE C 683 -10.01 9.76 20.52
N PHE C 684 -9.16 10.30 19.65
CA PHE C 684 -9.11 11.75 19.43
C PHE C 684 -9.74 12.15 18.10
N THR C 685 -9.98 11.17 17.23
CA THR C 685 -10.45 11.41 15.87
C THR C 685 -11.90 10.98 15.70
N GLY C 686 -12.26 9.88 16.35
CA GLY C 686 -13.56 9.28 16.13
C GLY C 686 -13.55 8.47 14.85
N GLU C 687 -12.37 8.37 14.24
CA GLU C 687 -12.20 7.58 13.04
C GLU C 687 -12.44 6.10 13.32
N ARG C 688 -13.31 5.46 12.55
CA ARG C 688 -13.66 4.06 12.80
C ARG C 688 -12.86 3.08 11.94
N LEU C 689 -12.04 2.27 12.60
CA LEU C 689 -11.12 1.37 11.92
C LEU C 689 -11.48 -0.11 12.10
N GLN C 690 -11.30 -0.90 11.05
CA GLN C 690 -11.47 -2.34 11.19
C GLN C 690 -10.15 -2.95 11.61
N GLY C 691 -10.19 -3.80 12.64
CA GLY C 691 -8.99 -4.36 13.21
C GLY C 691 -8.40 -5.46 12.38
N GLY C 692 -7.25 -5.96 12.81
CA GLY C 692 -6.57 -7.04 12.13
C GLY C 692 -5.76 -6.51 10.96
N ARG C 693 -5.63 -5.19 10.90
CA ARG C 693 -4.92 -4.53 9.81
C ARG C 693 -3.83 -3.63 10.35
N TRP C 694 -2.74 -3.53 9.60
CA TRP C 694 -1.73 -2.54 9.87
C TRP C 694 -2.20 -1.16 9.44
N LEU C 695 -1.78 -0.14 10.20
CA LEU C 695 -1.91 1.25 9.77
C LEU C 695 -0.53 1.76 9.50
N LYS C 696 -0.11 1.73 8.24
CA LYS C 696 1.28 1.99 7.92
C LYS C 696 1.59 3.48 7.78
N GLU C 697 2.81 3.84 8.17
CA GLU C 697 3.39 5.14 7.88
C GLU C 697 2.49 6.28 8.35
N VAL C 698 1.84 6.06 9.46
CA VAL C 698 0.92 7.02 10.05
C VAL C 698 1.68 8.19 10.62
N TYR C 699 1.38 9.38 10.13
CA TYR C 699 1.89 10.59 10.71
C TYR C 699 0.99 10.94 11.90
N VAL C 700 1.60 11.14 13.06
CA VAL C 700 0.84 11.58 14.21
C VAL C 700 1.44 12.91 14.65
N PRO C 701 0.58 13.88 14.97
CA PRO C 701 1.14 15.17 15.36
C PRO C 701 1.67 15.15 16.79
N LEU C 702 2.40 16.18 17.17
CA LEU C 702 2.99 16.23 18.49
C LEU C 702 1.92 16.47 19.55
N GLU C 703 0.70 16.72 19.09
CA GLU C 703 -0.41 17.02 19.98
C GLU C 703 -1.10 15.76 20.51
N GLU C 704 -0.90 14.65 19.84
CA GLU C 704 -1.70 13.47 20.17
C GLU C 704 -0.95 12.16 19.94
N MET C 705 -1.55 11.09 20.44
CA MET C 705 -0.94 9.75 20.47
C MET C 705 -1.92 8.76 19.85
N PRO C 706 -1.41 7.76 19.12
CA PRO C 706 -2.32 6.69 18.69
C PRO C 706 -3.00 6.02 19.87
N VAL C 707 -4.30 6.27 19.99
CA VAL C 707 -5.12 5.77 21.09
C VAL C 707 -6.46 5.37 20.51
N TYR C 708 -6.80 4.10 20.70
CA TYR C 708 -8.01 3.52 20.13
C TYR C 708 -8.87 2.90 21.21
N VAL C 709 -10.16 3.17 21.15
CA VAL C 709 -11.10 2.47 21.99
C VAL C 709 -11.95 1.60 21.10
N ARG C 710 -12.69 0.70 21.74
CA ARG C 710 -13.59 -0.21 21.03
C ARG C 710 -14.84 0.50 20.58
N GLU C 711 -15.37 0.11 19.43
CA GLU C 711 -16.46 0.86 18.80
C GLU C 711 -17.76 0.81 19.60
N ASN C 712 -17.71 0.21 20.79
CA ASN C 712 -18.87 0.20 21.67
C ASN C 712 -18.49 0.10 23.13
N ALA C 713 -17.63 1.00 23.57
CA ALA C 713 -17.18 1.01 24.95
C ALA C 713 -17.74 2.23 25.68
N VAL C 714 -17.92 2.07 26.98
CA VAL C 714 -18.31 3.16 27.87
C VAL C 714 -17.17 3.38 28.84
N ILE C 715 -16.60 4.58 28.78
CA ILE C 715 -15.39 4.92 29.53
C ILE C 715 -15.64 6.15 30.38
N PRO C 716 -15.44 6.03 31.69
CA PRO C 716 -15.66 7.22 32.53
C PRO C 716 -14.73 8.37 32.18
N ILE C 717 -15.29 9.56 32.21
CA ILE C 717 -14.53 10.80 32.21
C ILE C 717 -14.87 11.56 33.48
N TYR C 718 -14.08 12.57 33.81
CA TYR C 718 -14.43 13.44 34.91
C TYR C 718 -14.81 14.79 34.34
N PRO C 719 -16.11 15.11 34.33
CA PRO C 719 -16.55 16.38 33.73
C PRO C 719 -16.15 17.58 34.58
N SER D 23 -29.22 26.65 -47.39
CA SER D 23 -28.09 26.35 -48.25
C SER D 23 -26.78 26.39 -47.47
N LEU D 24 -25.80 25.63 -47.96
CA LEU D 24 -24.47 25.65 -47.38
C LEU D 24 -23.50 26.24 -48.40
N TRP D 25 -22.48 26.93 -47.91
CA TRP D 25 -21.45 27.49 -48.78
C TRP D 25 -20.06 27.23 -48.20
N LYS D 26 -19.34 26.29 -48.80
CA LYS D 26 -18.00 25.94 -48.33
C LYS D 26 -16.90 26.72 -49.05
N ALA D 27 -15.90 27.16 -48.30
CA ALA D 27 -14.79 27.90 -48.88
C ALA D 27 -13.82 26.98 -49.61
N CYS D 28 -13.27 27.48 -50.71
CA CYS D 28 -12.21 26.77 -51.46
C CYS D 28 -10.91 27.58 -51.42
N LYS D 29 -10.02 27.30 -52.38
CA LYS D 29 -8.75 28.04 -52.45
C LYS D 29 -8.99 29.53 -52.53
N PRO D 30 -8.21 30.30 -51.76
CA PRO D 30 -8.28 31.76 -51.85
C PRO D 30 -8.13 32.21 -53.29
N THR D 31 -9.17 32.87 -53.81
CA THR D 31 -9.32 33.23 -55.22
C THR D 31 -7.99 33.37 -55.92
N ALA D 32 -7.19 34.32 -55.46
CA ALA D 32 -5.89 34.56 -56.05
C ALA D 32 -5.20 35.64 -55.25
N VAL D 33 -5.90 36.12 -54.23
CA VAL D 33 -5.40 37.26 -53.47
C VAL D 33 -4.91 36.84 -52.10
N TYR D 34 -3.68 37.22 -51.80
CA TYR D 34 -3.13 37.11 -50.47
C TYR D 34 -2.74 38.51 -50.04
N GLU D 35 -3.12 39.49 -50.86
CA GLU D 35 -2.67 40.86 -50.71
C GLU D 35 -2.97 41.48 -49.34
N LYS D 36 -1.99 42.21 -48.80
CA LYS D 36 -2.11 42.78 -47.46
C LYS D 36 -2.38 44.28 -47.48
N ASP D 37 -3.52 44.68 -46.94
CA ASP D 37 -3.87 46.09 -46.88
C ASP D 37 -3.07 46.81 -45.80
N GLY D 38 -3.75 47.64 -45.03
CA GLY D 38 -3.10 48.42 -43.99
C GLY D 38 -2.50 47.53 -42.92
N ASP D 39 -1.26 47.11 -43.14
CA ASP D 39 -0.56 46.20 -42.24
C ASP D 39 -1.14 44.78 -42.30
N ILE D 40 -2.40 44.64 -41.90
CA ILE D 40 -3.08 43.35 -41.88
C ILE D 40 -3.15 42.73 -43.28
N CYS D 41 -3.21 41.40 -43.34
CA CYS D 41 -3.30 40.70 -44.61
C CYS D 41 -4.73 40.31 -44.93
N VAL D 42 -5.13 40.49 -46.19
CA VAL D 42 -6.47 40.14 -46.60
C VAL D 42 -6.43 39.01 -47.61
N THR D 43 -7.33 38.05 -47.47
CA THR D 43 -7.38 36.92 -48.39
C THR D 43 -8.78 36.73 -48.95
N VAL D 44 -8.87 36.46 -50.25
CA VAL D 44 -10.16 36.30 -50.87
C VAL D 44 -10.39 34.84 -51.24
N PRO D 45 -11.09 34.10 -50.36
CA PRO D 45 -11.43 32.71 -50.69
C PRO D 45 -12.77 32.64 -51.39
N PHE D 46 -12.89 31.76 -52.38
CA PHE D 46 -14.15 31.54 -53.04
C PHE D 46 -15.12 30.81 -52.10
N GLN D 47 -16.38 30.72 -52.51
CA GLN D 47 -17.37 30.02 -51.71
C GLN D 47 -18.41 29.38 -52.62
N LYS D 48 -18.25 28.09 -52.89
CA LYS D 48 -19.15 27.38 -53.78
C LYS D 48 -19.75 26.15 -53.14
N GLN D 49 -21.07 26.16 -53.00
CA GLN D 49 -21.81 24.98 -52.54
C GLN D 49 -23.30 25.20 -52.66
N LEU D 50 -24.04 24.09 -52.59
CA LEU D 50 -25.50 24.12 -52.58
C LEU D 50 -26.01 22.69 -52.53
N LEU D 51 -27.24 22.49 -52.96
CA LEU D 51 -27.91 21.22 -52.78
C LEU D 51 -28.03 20.92 -51.29
N ALA D 52 -27.28 19.92 -50.83
CA ALA D 52 -27.27 19.53 -49.43
C ALA D 52 -28.68 19.14 -48.93
N ASN D 53 -28.97 17.84 -48.86
CA ASN D 53 -28.07 16.75 -49.27
C ASN D 53 -26.81 16.65 -48.41
N ASP D 54 -25.99 15.64 -48.70
CA ASP D 54 -24.66 15.54 -48.15
C ASP D 54 -23.77 14.69 -49.05
N MET D 55 -22.90 15.35 -49.82
CA MET D 55 -22.74 16.79 -49.77
C MET D 55 -23.05 17.43 -51.13
N VAL D 56 -22.18 17.18 -52.11
CA VAL D 56 -22.42 17.56 -53.51
C VAL D 56 -22.36 19.06 -53.80
N ALA D 57 -21.38 19.46 -54.61
CA ALA D 57 -21.20 20.86 -54.97
C ALA D 57 -22.19 21.29 -56.05
N ASP D 58 -22.52 22.58 -56.08
CA ASP D 58 -23.48 23.09 -57.05
C ASP D 58 -22.86 24.16 -57.96
N THR D 59 -22.50 23.74 -59.17
CA THR D 59 -21.84 24.62 -60.13
C THR D 59 -22.84 25.55 -60.81
N ALA D 60 -24.12 25.21 -60.72
CA ALA D 60 -25.17 26.02 -61.34
C ALA D 60 -25.17 27.41 -60.72
N VAL D 61 -25.36 27.49 -59.41
CA VAL D 61 -25.28 28.74 -58.68
C VAL D 61 -23.82 29.16 -58.58
N PRO D 62 -23.53 30.45 -58.80
CA PRO D 62 -22.14 30.91 -58.88
C PRO D 62 -21.42 30.93 -57.53
N ARG D 63 -20.12 30.65 -57.56
CA ARG D 63 -19.29 30.76 -56.38
C ARG D 63 -19.31 32.20 -55.87
N GLU D 64 -19.28 32.36 -54.55
CA GLU D 64 -19.27 33.70 -53.95
C GLU D 64 -17.85 34.12 -53.58
N GLU D 65 -17.75 35.29 -52.95
CA GLU D 65 -16.47 35.81 -52.49
C GLU D 65 -16.63 36.34 -51.06
N TYR D 66 -15.50 36.49 -50.37
CA TYR D 66 -15.48 37.07 -49.04
C TYR D 66 -14.04 37.35 -48.65
N THR D 67 -13.82 38.34 -47.80
CA THR D 67 -12.48 38.66 -47.32
C THR D 67 -12.16 37.82 -46.09
N LEU D 68 -10.97 37.24 -46.08
CA LEU D 68 -10.43 36.61 -44.89
C LEU D 68 -9.21 37.41 -44.48
N ILE D 69 -9.36 38.21 -43.43
CA ILE D 69 -8.27 39.05 -42.96
C ILE D 69 -7.61 38.44 -41.74
N ILE D 70 -6.29 38.32 -41.82
CA ILE D 70 -5.47 37.87 -40.71
C ILE D 70 -4.74 39.06 -40.14
N ARG D 71 -5.11 39.43 -38.91
CA ARG D 71 -4.44 40.51 -38.19
C ARG D 71 -3.51 39.93 -37.12
N GLN D 72 -2.34 40.54 -36.97
CA GLN D 72 -1.33 40.08 -36.02
C GLN D 72 -1.15 41.10 -34.91
N TYR D 73 -0.91 40.59 -33.70
CA TYR D 73 -0.65 41.44 -32.56
C TYR D 73 0.73 41.12 -32.00
N ASN D 74 1.25 42.02 -31.17
CA ASN D 74 2.61 41.91 -30.66
C ASN D 74 2.77 40.81 -29.63
N ILE D 75 1.79 40.67 -28.76
CA ILE D 75 1.79 39.63 -27.73
C ILE D 75 2.04 38.23 -28.32
N GLY D 76 1.21 37.83 -29.27
CA GLY D 76 1.29 36.52 -29.88
C GLY D 76 -0.09 36.04 -30.23
N ILE D 77 -0.94 36.96 -30.69
CA ILE D 77 -2.32 36.68 -30.98
C ILE D 77 -2.65 37.01 -32.45
N THR D 78 -3.41 36.12 -33.08
CA THR D 78 -3.78 36.29 -34.49
C THR D 78 -5.29 36.29 -34.66
N ARG D 79 -5.86 37.48 -34.77
CA ARG D 79 -7.27 37.64 -35.08
C ARG D 79 -7.54 37.16 -36.51
N LEU D 80 -8.63 36.41 -36.67
CA LEU D 80 -9.06 35.87 -37.94
C LEU D 80 -10.45 36.38 -38.24
N PHE D 81 -10.58 37.28 -39.21
CA PHE D 81 -11.87 37.88 -39.51
C PHE D 81 -12.35 37.55 -40.92
N LEU D 82 -13.62 37.20 -41.02
CA LEU D 82 -14.26 36.91 -42.30
C LEU D 82 -15.59 37.64 -42.36
N MET D 95 -13.39 47.03 -32.62
CA MET D 95 -14.34 48.00 -32.09
C MET D 95 -14.73 47.69 -30.63
N LEU D 96 -15.99 47.28 -30.41
CA LEU D 96 -16.48 46.91 -29.07
C LEU D 96 -17.18 45.54 -29.15
N GLN D 97 -17.83 45.09 -28.09
CA GLN D 97 -17.86 45.73 -26.78
C GLN D 97 -17.28 44.79 -25.71
N PHE D 98 -16.98 43.56 -26.11
CA PHE D 98 -16.06 42.74 -25.33
C PHE D 98 -14.73 43.46 -25.33
N SER D 99 -14.38 43.95 -26.51
CA SER D 99 -13.09 44.56 -26.75
C SER D 99 -12.81 45.66 -25.73
N GLU D 100 -11.77 45.44 -24.94
CA GLU D 100 -11.30 46.40 -23.96
C GLU D 100 -9.80 46.30 -23.92
N ARG D 101 -9.16 46.69 -25.02
CA ARG D 101 -7.74 46.45 -25.19
C ARG D 101 -6.85 47.27 -24.26
N ILE D 102 -5.66 46.72 -24.02
CA ILE D 102 -4.53 47.37 -23.35
C ILE D 102 -3.74 46.28 -22.65
N ARG D 103 -2.47 46.51 -22.33
CA ARG D 103 -1.72 47.72 -22.66
C ARG D 103 -0.58 47.30 -23.56
N ARG D 104 -0.17 46.05 -23.43
CA ARG D 104 0.89 45.48 -24.25
C ARG D 104 0.35 45.00 -25.60
N VAL D 105 -0.91 45.33 -25.90
CA VAL D 105 -1.50 44.96 -27.17
C VAL D 105 -1.23 46.04 -28.19
N PRO D 106 -1.03 45.63 -29.45
CA PRO D 106 -0.78 46.56 -30.56
C PRO D 106 -0.70 45.82 -31.87
N LEU D 107 -1.34 46.37 -32.90
CA LEU D 107 -1.30 45.75 -34.21
C LEU D 107 0.13 45.73 -34.71
N SER D 108 0.65 44.53 -34.98
CA SER D 108 1.92 44.38 -35.67
C SER D 108 1.64 44.26 -37.16
N VAL D 109 2.40 45.00 -37.97
CA VAL D 109 2.23 44.95 -39.41
C VAL D 109 2.72 43.63 -40.00
N GLU D 110 1.91 43.04 -40.87
CA GLU D 110 2.21 41.74 -41.47
C GLU D 110 2.85 41.88 -42.85
N LYS D 111 3.11 40.74 -43.49
CA LYS D 111 3.80 40.73 -44.78
C LYS D 111 3.19 39.71 -45.75
N GLN D 112 3.98 38.71 -46.14
CA GLN D 112 3.71 37.93 -47.35
C GLN D 112 4.95 37.01 -47.54
N GLY D 113 5.19 36.38 -48.70
CA GLY D 113 4.31 36.35 -49.86
C GLY D 113 4.36 34.98 -50.55
N GLY D 114 3.66 34.89 -51.69
CA GLY D 114 3.40 33.62 -52.35
C GLY D 114 4.65 32.92 -52.88
N LYS D 115 5.39 32.26 -51.99
CA LYS D 115 6.50 31.41 -52.41
C LYS D 115 5.96 30.08 -52.90
N TRP D 116 5.14 30.13 -53.95
CA TRP D 116 4.43 28.96 -54.42
C TRP D 116 3.15 28.79 -53.63
N ILE D 117 3.29 28.70 -52.31
CA ILE D 117 2.16 28.74 -51.38
C ILE D 117 2.32 29.92 -50.42
N LEU D 118 1.28 30.73 -50.30
CA LEU D 118 1.33 31.94 -49.51
C LEU D 118 1.76 31.69 -48.07
N PHE D 119 2.43 32.65 -47.48
CA PHE D 119 2.65 32.64 -46.05
C PHE D 119 2.80 34.06 -45.52
N THR D 120 2.16 34.32 -44.38
CA THR D 120 2.26 35.60 -43.70
C THR D 120 3.53 35.59 -42.84
N GLN D 121 4.05 36.77 -42.53
CA GLN D 121 5.35 36.87 -41.87
C GLN D 121 5.52 38.15 -41.07
N ASP D 122 6.68 38.26 -40.42
CA ASP D 122 7.02 39.38 -39.52
C ASP D 122 6.07 39.38 -38.32
N GLY D 123 6.55 39.03 -37.11
CA GLY D 123 7.95 38.77 -36.81
C GLY D 123 8.47 37.40 -37.24
N THR D 124 7.83 36.81 -38.25
CA THR D 124 8.39 35.66 -38.97
C THR D 124 8.28 34.38 -38.15
N LYS D 125 7.25 33.56 -38.36
CA LYS D 125 6.15 33.82 -39.30
C LYS D 125 4.85 33.32 -38.68
N ARG D 126 3.74 33.89 -39.12
CA ARG D 126 2.48 33.77 -38.40
C ARG D 126 1.46 32.85 -39.06
N ALA D 127 1.70 32.46 -40.31
CA ALA D 127 0.74 31.65 -41.04
C ALA D 127 1.27 31.14 -42.38
N VAL D 128 0.57 30.15 -42.93
CA VAL D 128 0.89 29.61 -44.24
C VAL D 128 -0.40 29.13 -44.90
N ILE D 129 -0.88 29.94 -45.84
CA ILE D 129 -2.03 29.59 -46.65
C ILE D 129 -1.54 28.63 -47.71
N ASN D 130 -2.05 27.40 -47.69
CA ASN D 130 -1.60 26.40 -48.63
C ASN D 130 -2.56 26.23 -49.80
N VAL D 131 -2.02 26.43 -51.01
CA VAL D 131 -2.74 26.18 -52.26
C VAL D 131 -2.47 24.76 -52.76
N GLU D 132 -1.65 24.03 -52.01
CA GLU D 132 -1.58 22.58 -52.10
C GLU D 132 -1.10 22.06 -53.43
N GLU D 133 -1.05 20.74 -53.53
CA GLU D 133 -0.56 20.04 -54.72
C GLU D 133 -0.44 18.51 -54.51
N PRO D 134 0.25 18.09 -53.42
CA PRO D 134 0.59 16.69 -53.15
C PRO D 134 -0.56 15.72 -53.40
N ALA D 135 -0.34 14.74 -54.27
CA ALA D 135 -1.30 13.67 -54.53
C ALA D 135 -0.77 12.81 -55.67
N LEU D 136 0.55 12.88 -55.88
CA LEU D 136 1.21 12.39 -57.08
C LEU D 136 0.99 10.91 -57.42
N ASP D 137 -0.02 10.29 -56.80
CA ASP D 137 -0.38 8.91 -57.13
C ASP D 137 -1.83 8.87 -57.61
N ARG D 138 -2.20 7.82 -58.33
CA ARG D 138 -3.54 7.73 -58.93
C ARG D 138 -3.86 6.33 -59.44
N TRP D 139 -5.07 5.88 -59.19
CA TRP D 139 -5.57 4.61 -59.74
C TRP D 139 -7.09 4.59 -59.64
N SER D 140 -7.70 3.46 -59.95
CA SER D 140 -9.16 3.35 -59.84
C SER D 140 -9.61 3.69 -58.43
N GLU D 141 -10.47 4.69 -58.31
CA GLU D 141 -11.09 5.36 -59.43
C GLU D 141 -12.58 5.49 -59.17
N LEU D 142 -13.03 4.81 -58.12
CA LEU D 142 -14.44 4.79 -57.70
C LEU D 142 -14.90 6.14 -57.17
N LEU D 143 -14.38 6.54 -56.02
CA LEU D 143 -14.66 7.88 -55.50
C LEU D 143 -13.75 8.87 -56.19
N PRO D 144 -14.33 9.99 -56.66
CA PRO D 144 -13.61 11.05 -57.38
C PRO D 144 -12.91 12.02 -56.46
N ASP D 145 -12.19 12.98 -57.04
CA ASP D 145 -11.46 13.97 -56.26
C ASP D 145 -12.45 14.76 -55.41
N PRO D 146 -12.02 15.20 -54.21
CA PRO D 146 -12.91 15.97 -53.34
C PRO D 146 -13.01 17.42 -53.78
N GLN D 147 -13.96 18.15 -53.20
CA GLN D 147 -14.09 19.56 -53.49
C GLN D 147 -12.83 20.30 -53.01
N GLU D 148 -12.67 21.55 -53.45
CA GLU D 148 -11.55 22.36 -53.01
C GLU D 148 -11.73 22.75 -51.55
N THR D 149 -10.65 23.21 -50.92
CA THR D 149 -10.73 23.62 -49.53
C THR D 149 -9.77 24.76 -49.20
N LEU D 150 -9.93 25.32 -48.01
CA LEU D 150 -9.10 26.42 -47.54
C LEU D 150 -8.14 25.94 -46.44
N ASP D 151 -6.96 25.48 -46.84
CA ASP D 151 -5.95 25.04 -45.89
C ASP D 151 -5.12 26.20 -45.38
N ILE D 152 -5.06 26.35 -44.06
CA ILE D 152 -4.27 27.38 -43.41
C ILE D 152 -3.67 26.81 -42.13
N THR D 153 -2.54 27.36 -41.72
CA THR D 153 -1.89 26.98 -40.48
C THR D 153 -1.43 28.26 -39.80
N LEU D 154 -1.87 28.47 -38.56
CA LEU D 154 -1.56 29.68 -37.82
C LEU D 154 -0.48 29.47 -36.76
N TYR D 155 0.50 30.35 -36.72
CA TYR D 155 1.56 30.30 -35.73
C TYR D 155 1.70 31.63 -35.01
N PRO D 156 0.77 31.95 -34.11
CA PRO D 156 0.73 33.25 -33.45
C PRO D 156 2.07 33.64 -32.82
N ASP D 157 2.60 32.79 -31.96
CA ASP D 157 3.87 33.07 -31.30
C ASP D 157 5.02 32.70 -32.20
N GLY D 158 4.78 31.72 -33.06
CA GLY D 158 5.76 31.29 -34.04
C GLY D 158 6.02 29.81 -33.91
N LYS D 159 5.37 29.19 -32.92
CA LYS D 159 5.60 27.80 -32.61
C LYS D 159 4.29 27.06 -32.46
N ARG D 160 3.34 27.65 -31.73
CA ARG D 160 2.04 27.03 -31.54
C ARG D 160 1.36 26.88 -32.88
N GLU D 161 1.04 25.63 -33.21
CA GLU D 161 0.78 25.23 -34.58
C GLU D 161 -0.70 24.92 -34.81
N ILE D 162 -1.58 25.88 -34.55
CA ILE D 162 -3.02 25.65 -34.68
C ILE D 162 -3.49 25.98 -36.11
N ARG D 163 -4.06 24.98 -36.79
CA ARG D 163 -4.46 25.08 -38.20
C ARG D 163 -5.89 24.68 -38.50
N LEU D 164 -6.42 25.15 -39.63
CA LEU D 164 -7.82 24.93 -39.96
C LEU D 164 -8.16 23.50 -40.34
N ALA D 165 -9.40 23.12 -40.08
CA ALA D 165 -9.89 21.76 -40.31
C ALA D 165 -10.31 21.55 -41.76
N ALA D 166 -9.34 21.61 -42.67
CA ALA D 166 -9.62 21.66 -44.11
C ALA D 166 -9.93 20.28 -44.71
N TYR D 167 -9.61 19.22 -43.98
CA TYR D 167 -9.80 17.87 -44.50
C TYR D 167 -10.54 16.95 -43.55
N ASP D 168 -11.49 17.48 -42.78
CA ASP D 168 -12.28 16.65 -41.88
C ASP D 168 -13.40 15.99 -42.67
N HIS D 169 -13.05 15.06 -43.54
CA HIS D 169 -14.04 14.40 -44.37
C HIS D 169 -13.66 12.97 -44.75
N PHE D 170 -14.67 12.20 -45.18
CA PHE D 170 -14.48 10.84 -45.61
C PHE D 170 -14.29 10.86 -47.11
N SER D 171 -15.12 10.15 -47.86
CA SER D 171 -15.24 10.38 -49.29
C SER D 171 -15.79 11.79 -49.46
N PRO D 172 -15.84 12.29 -50.70
CA PRO D 172 -16.40 13.63 -50.90
C PRO D 172 -17.80 13.86 -50.29
N PRO D 173 -18.64 12.82 -50.15
CA PRO D 173 -19.97 13.11 -49.64
C PRO D 173 -20.03 13.36 -48.14
N ARG D 174 -19.09 12.81 -47.39
CA ARG D 174 -19.17 12.81 -45.94
C ARG D 174 -18.15 13.74 -45.28
N TYR D 175 -18.62 14.93 -44.95
CA TYR D 175 -17.81 15.91 -44.23
C TYR D 175 -18.30 16.02 -42.80
N ASP D 176 -17.43 15.74 -41.84
CA ASP D 176 -17.81 15.87 -40.45
C ASP D 176 -17.21 17.14 -39.87
N GLY D 177 -16.97 18.12 -40.74
CA GLY D 177 -16.39 19.38 -40.32
C GLY D 177 -15.86 20.18 -41.49
N LEU D 178 -16.05 21.49 -41.41
CA LEU D 178 -15.63 22.41 -42.46
C LEU D 178 -14.77 23.49 -41.81
N PRO D 179 -13.70 23.92 -42.50
CA PRO D 179 -12.76 24.90 -41.94
C PRO D 179 -13.35 26.30 -41.90
N ILE D 180 -14.03 26.70 -42.97
CA ILE D 180 -14.75 27.96 -43.02
C ILE D 180 -15.93 27.79 -43.95
N ALA D 181 -17.10 28.21 -43.50
CA ALA D 181 -18.30 28.08 -44.31
C ALA D 181 -19.46 28.82 -43.65
N PHE D 182 -20.41 29.26 -44.47
CA PHE D 182 -21.60 29.93 -43.96
C PHE D 182 -22.82 29.35 -44.63
N CYS D 183 -24.00 29.56 -44.05
CA CYS D 183 -25.25 29.09 -44.65
C CYS D 183 -26.18 30.23 -45.03
N LYS D 184 -27.21 29.91 -45.81
CA LYS D 184 -28.18 30.91 -46.20
C LYS D 184 -29.58 30.41 -45.94
N ARG D 185 -30.47 31.30 -45.53
CA ARG D 185 -31.83 30.90 -45.20
C ARG D 185 -32.82 32.02 -45.47
N THR D 186 -33.71 31.79 -46.43
CA THR D 186 -34.76 32.75 -46.75
C THR D 186 -34.18 34.10 -47.18
N GLY D 187 -33.04 34.06 -47.86
CA GLY D 187 -32.41 35.27 -48.37
C GLY D 187 -31.45 35.94 -47.40
N LYS D 188 -31.17 35.27 -46.28
CA LYS D 188 -30.26 35.83 -45.28
C LYS D 188 -29.10 34.89 -44.97
N LYS D 189 -27.89 35.43 -44.98
CA LYS D 189 -26.72 34.64 -44.65
C LYS D 189 -26.73 34.34 -43.17
N GLU D 190 -26.55 33.08 -42.80
CA GLU D 190 -26.51 32.69 -41.40
C GLU D 190 -25.65 31.45 -41.18
N ARG D 191 -25.21 31.27 -39.94
CA ARG D 191 -24.47 30.09 -39.53
C ARG D 191 -23.08 30.05 -40.13
N ALA D 192 -22.25 31.05 -39.82
CA ALA D 192 -20.85 30.97 -40.19
C ALA D 192 -20.19 29.99 -39.26
N THR D 193 -19.21 29.24 -39.77
CA THR D 193 -18.56 28.24 -38.94
C THR D 193 -17.08 28.11 -39.22
N LEU D 194 -16.33 28.17 -38.13
CA LEU D 194 -14.88 28.04 -38.15
C LEU D 194 -14.52 26.69 -37.53
N SER D 195 -13.42 26.11 -37.98
CA SER D 195 -12.96 24.86 -37.41
C SER D 195 -11.45 24.81 -37.31
N PHE D 196 -10.96 24.21 -36.23
CA PHE D 196 -9.54 23.96 -36.06
C PHE D 196 -9.34 22.47 -35.94
N GLU D 197 -8.12 22.02 -36.13
CA GLU D 197 -7.81 20.61 -36.01
C GLU D 197 -7.42 20.31 -34.58
N SER D 198 -7.69 19.09 -34.14
CA SER D 198 -7.40 18.67 -32.78
C SER D 198 -6.73 17.32 -32.84
N ARG D 199 -5.76 17.10 -31.96
CA ARG D 199 -5.11 15.80 -31.89
C ARG D 199 -5.86 14.91 -30.91
N PRO D 200 -5.65 13.58 -31.01
CA PRO D 200 -6.32 12.60 -30.15
C PRO D 200 -6.25 12.93 -28.67
N ASP D 201 -5.05 13.31 -28.19
CA ASP D 201 -4.81 13.51 -26.77
C ASP D 201 -5.12 14.93 -26.31
N GLU D 202 -5.83 15.69 -27.15
CA GLU D 202 -6.03 17.09 -26.87
C GLU D 202 -7.10 17.29 -25.82
N CYS D 203 -6.79 18.12 -24.83
CA CYS D 203 -7.70 18.42 -23.74
C CYS D 203 -8.06 19.89 -23.71
N PHE D 204 -9.34 20.17 -23.53
CA PHE D 204 -9.83 21.53 -23.54
C PHE D 204 -10.45 21.89 -22.19
N ALA D 205 -10.45 23.18 -21.88
CA ALA D 205 -11.10 23.71 -20.70
C ALA D 205 -11.63 25.11 -21.01
N GLY D 206 -12.17 25.77 -19.99
CA GLY D 206 -12.68 27.12 -20.15
C GLY D 206 -14.14 27.14 -20.53
N THR D 207 -14.47 28.00 -21.48
CA THR D 207 -15.85 28.19 -21.94
C THR D 207 -16.73 28.83 -20.87
N GLY D 208 -16.12 29.36 -19.83
CA GLY D 208 -16.87 29.95 -18.73
C GLY D 208 -17.08 28.97 -17.59
N GLU D 209 -18.25 29.08 -16.95
CA GLU D 209 -18.57 28.28 -15.77
C GLU D 209 -19.30 26.97 -16.11
N ARG D 210 -18.66 26.15 -16.95
CA ARG D 210 -19.26 24.89 -17.35
C ARG D 210 -19.12 23.86 -16.23
N PHE D 211 -20.22 23.21 -15.89
CA PHE D 211 -20.25 22.34 -14.71
C PHE D 211 -19.83 20.91 -15.03
N PHE D 212 -18.72 20.78 -15.74
CA PHE D 212 -18.27 19.48 -16.22
C PHE D 212 -16.79 19.27 -15.92
N LYS D 213 -16.32 18.05 -16.20
CA LYS D 213 -14.96 17.66 -15.85
C LYS D 213 -13.91 18.52 -16.55
N MET D 214 -12.76 18.65 -15.90
CA MET D 214 -11.60 19.42 -16.37
C MET D 214 -11.32 19.29 -17.87
N ASP D 215 -11.60 18.11 -18.40
CA ASP D 215 -11.37 17.85 -19.80
C ASP D 215 -12.70 17.80 -20.52
N LEU D 216 -12.80 18.54 -21.62
CA LEU D 216 -14.03 18.60 -22.38
C LEU D 216 -13.77 18.20 -23.83
N SER D 217 -13.41 16.93 -24.06
CA SER D 217 -12.98 16.51 -25.39
C SER D 217 -14.04 15.72 -26.13
N GLY D 218 -15.29 15.86 -25.68
CA GLY D 218 -16.41 15.30 -26.41
C GLY D 218 -17.67 16.12 -26.30
N GLN D 219 -17.53 17.30 -25.69
CA GLN D 219 -18.66 18.17 -25.40
C GLN D 219 -18.96 19.13 -26.54
N THR D 220 -20.16 19.03 -27.11
CA THR D 220 -20.68 20.04 -28.01
C THR D 220 -21.43 21.06 -27.20
N LEU D 221 -20.91 22.28 -27.18
CA LEU D 221 -21.41 23.31 -26.27
C LEU D 221 -22.28 24.31 -27.01
N PHE D 222 -23.55 24.32 -26.66
CA PHE D 222 -24.43 25.40 -27.03
C PHE D 222 -24.09 26.62 -26.14
N LEU D 223 -23.20 27.47 -26.64
CA LEU D 223 -22.83 28.68 -25.94
C LEU D 223 -23.97 29.70 -25.91
N LYS D 224 -24.89 29.53 -24.98
CA LYS D 224 -26.05 30.40 -24.85
C LYS D 224 -26.56 30.35 -23.39
N ASN D 225 -26.45 31.46 -22.68
CA ASN D 225 -26.76 31.48 -21.24
C ASN D 225 -28.20 31.07 -20.89
N GLN D 226 -28.33 30.19 -19.92
CA GLN D 226 -29.64 29.74 -19.46
C GLN D 226 -29.74 29.77 -17.95
N ASP D 227 -30.97 29.76 -17.45
CA ASP D 227 -31.22 29.49 -16.04
C ASP D 227 -30.83 28.04 -15.80
N GLY D 228 -29.75 27.83 -15.06
CA GLY D 228 -29.16 26.52 -14.90
C GLY D 228 -30.02 25.62 -14.05
N GLN D 229 -30.77 26.22 -13.14
CA GLN D 229 -31.69 25.49 -12.27
C GLN D 229 -31.00 24.26 -11.69
N GLY D 230 -29.87 24.49 -11.05
CA GLY D 230 -29.00 23.42 -10.62
C GLY D 230 -27.63 23.57 -11.21
N VAL D 231 -26.69 22.84 -10.64
CA VAL D 231 -25.28 22.98 -10.97
C VAL D 231 -24.75 21.68 -11.61
N ASN D 232 -25.67 20.80 -12.04
CA ASN D 232 -25.32 19.44 -12.43
C ASN D 232 -25.80 19.00 -13.81
N ASN D 233 -26.13 19.97 -14.67
CA ASN D 233 -26.56 19.68 -16.04
C ASN D 233 -25.97 20.66 -17.07
N ARG D 234 -26.31 20.46 -18.34
CA ARG D 234 -25.67 21.19 -19.42
C ARG D 234 -26.08 22.64 -19.47
N ARG D 235 -27.21 22.97 -18.85
CA ARG D 235 -27.61 24.37 -18.77
C ARG D 235 -26.60 25.09 -17.91
N THR D 236 -26.01 26.11 -18.50
CA THR D 236 -24.87 26.81 -17.96
C THR D 236 -25.26 28.25 -17.75
N TYR D 237 -24.96 28.80 -16.58
CA TYR D 237 -25.33 30.17 -16.28
C TYR D 237 -24.43 31.16 -17.02
N LYS D 238 -23.16 30.78 -17.18
CA LYS D 238 -22.13 31.68 -17.67
C LYS D 238 -21.34 31.07 -18.83
N ASN D 239 -21.80 31.34 -20.04
CA ASN D 239 -21.09 30.90 -21.24
C ASN D 239 -20.08 31.95 -21.66
N ILE D 240 -18.93 31.47 -22.11
CA ILE D 240 -17.83 32.33 -22.56
C ILE D 240 -17.24 31.76 -23.86
N PRO D 241 -17.30 32.54 -24.96
CA PRO D 241 -16.78 32.06 -26.25
C PRO D 241 -15.26 31.90 -26.25
N PHE D 242 -14.76 31.17 -25.26
CA PHE D 242 -13.33 31.03 -25.06
C PHE D 242 -12.96 29.67 -24.50
N TYR D 243 -11.99 29.02 -25.11
CA TYR D 243 -11.50 27.75 -24.61
C TYR D 243 -9.97 27.72 -24.56
N LEU D 244 -9.44 26.90 -23.65
CA LEU D 244 -8.01 26.66 -23.56
C LEU D 244 -7.73 25.28 -24.09
N SER D 245 -6.48 25.03 -24.46
CA SER D 245 -6.06 23.76 -25.04
C SER D 245 -4.70 23.29 -24.53
N SER D 246 -4.61 21.99 -24.29
CA SER D 246 -3.41 21.36 -23.76
C SER D 246 -2.22 21.52 -24.69
N ARG D 247 -2.52 21.87 -25.93
CA ARG D 247 -1.50 22.24 -26.90
C ARG D 247 -1.02 23.69 -26.69
N MET D 248 -1.47 24.30 -25.58
CA MET D 248 -0.97 25.59 -25.12
C MET D 248 -1.38 26.77 -25.99
N TYR D 249 -2.66 26.83 -26.36
CA TYR D 249 -3.19 28.04 -26.97
C TYR D 249 -4.61 28.28 -26.48
N GLY D 250 -5.18 29.41 -26.88
CA GLY D 250 -6.55 29.75 -26.56
C GLY D 250 -7.19 30.29 -27.81
N THR D 251 -8.52 30.26 -27.85
CA THR D 251 -9.26 30.89 -28.94
C THR D 251 -10.45 31.67 -28.39
N PHE D 252 -10.43 32.98 -28.59
CA PHE D 252 -11.56 33.82 -28.26
C PHE D 252 -12.40 34.17 -29.48
N TYR D 253 -13.55 33.51 -29.63
CA TYR D 253 -14.52 33.85 -30.67
C TYR D 253 -15.28 35.12 -30.28
N HIS D 254 -14.92 36.24 -30.91
CA HIS D 254 -15.55 37.53 -30.62
C HIS D 254 -16.97 37.57 -31.19
N THR D 255 -17.91 37.02 -30.46
CA THR D 255 -19.32 37.06 -30.82
C THR D 255 -20.20 37.24 -29.61
N CYS D 256 -21.42 37.75 -29.81
CA CYS D 256 -22.42 37.69 -28.76
C CYS D 256 -23.68 37.05 -29.30
N ALA D 257 -23.56 36.35 -30.43
CA ALA D 257 -24.67 35.60 -31.00
C ALA D 257 -24.77 34.22 -30.38
N HIS D 258 -25.92 33.56 -30.55
CA HIS D 258 -26.09 32.16 -30.20
C HIS D 258 -25.05 31.35 -30.95
N SER D 259 -24.33 30.50 -30.22
CA SER D 259 -23.22 29.76 -30.80
C SER D 259 -23.13 28.33 -30.32
N LYS D 260 -22.52 27.50 -31.15
CA LYS D 260 -22.19 26.14 -30.78
C LYS D 260 -20.69 25.96 -30.79
N LEU D 261 -20.19 25.16 -29.86
CA LEU D 261 -18.77 24.85 -29.81
C LEU D 261 -18.52 23.39 -29.52
N SER D 262 -18.30 22.63 -30.59
CA SER D 262 -18.01 21.23 -30.48
C SER D 262 -16.53 21.02 -30.26
N LEU D 263 -16.16 20.87 -28.99
CA LEU D 263 -14.77 20.65 -28.59
C LEU D 263 -14.42 19.18 -28.73
N ALA D 264 -14.11 18.79 -29.96
CA ALA D 264 -13.92 17.39 -30.30
C ALA D 264 -15.19 16.60 -29.95
N GLY D 265 -16.34 17.24 -30.11
CA GLY D 265 -17.62 16.66 -29.76
C GLY D 265 -18.27 15.83 -30.87
N HIS D 266 -18.67 16.47 -31.94
CA HIS D 266 -19.19 15.77 -33.10
C HIS D 266 -18.06 15.01 -33.80
N SER D 267 -17.07 15.77 -34.23
CA SER D 267 -15.85 15.20 -34.78
C SER D 267 -14.80 15.17 -33.69
N THR D 268 -14.02 14.09 -33.66
CA THR D 268 -12.98 13.91 -32.66
C THR D 268 -11.67 14.52 -33.14
N ARG D 269 -11.72 15.16 -34.31
CA ARG D 269 -10.54 15.72 -34.96
C ARG D 269 -10.58 17.23 -35.01
N SER D 270 -11.65 17.82 -34.51
CA SER D 270 -11.82 19.25 -34.68
C SER D 270 -12.61 19.93 -33.58
N VAL D 271 -12.08 21.03 -33.09
CA VAL D 271 -12.91 21.97 -32.37
C VAL D 271 -13.60 22.82 -33.45
N GLN D 272 -14.92 22.77 -33.44
CA GLN D 272 -15.72 23.46 -34.42
C GLN D 272 -16.59 24.49 -33.76
N PHE D 273 -16.56 25.70 -34.31
CA PHE D 273 -17.38 26.78 -33.84
C PHE D 273 -18.47 27.10 -34.85
N LEU D 274 -19.65 27.43 -34.34
CA LEU D 274 -20.74 27.94 -35.16
C LEU D 274 -21.30 29.19 -34.51
N SER D 275 -21.63 30.18 -35.35
CA SER D 275 -22.38 31.35 -34.92
C SER D 275 -23.59 31.50 -35.81
N ASP D 276 -24.68 32.00 -35.25
CA ASP D 276 -25.86 32.35 -36.03
C ASP D 276 -25.56 33.63 -36.78
N GLN D 277 -24.69 34.44 -36.19
CA GLN D 277 -24.34 35.77 -36.67
C GLN D 277 -24.06 35.79 -38.15
N ALA D 278 -23.38 34.77 -38.63
CA ALA D 278 -22.77 34.77 -39.95
C ALA D 278 -21.67 35.84 -39.99
N MET D 279 -20.89 35.89 -38.92
CA MET D 279 -19.71 36.73 -38.83
C MET D 279 -18.69 36.03 -37.96
N LEU D 280 -17.45 35.93 -38.44
CA LEU D 280 -16.39 35.26 -37.71
C LEU D 280 -15.27 36.23 -37.37
N ASP D 281 -15.04 36.38 -36.08
CA ASP D 281 -13.97 37.21 -35.56
C ASP D 281 -13.31 36.43 -34.40
N ALA D 282 -12.30 35.64 -34.73
CA ALA D 282 -11.71 34.70 -33.81
C ALA D 282 -10.28 35.08 -33.47
N PHE D 283 -10.04 35.41 -32.21
CA PHE D 283 -8.70 35.70 -31.72
C PHE D 283 -8.03 34.40 -31.33
N VAL D 284 -6.80 34.19 -31.78
CA VAL D 284 -6.08 32.96 -31.44
C VAL D 284 -4.83 33.29 -30.63
N ILE D 285 -4.87 32.90 -29.36
CA ILE D 285 -3.90 33.31 -28.36
C ILE D 285 -2.89 32.20 -28.03
N ALA D 286 -1.63 32.42 -28.39
CA ALA D 286 -0.58 31.46 -28.09
C ALA D 286 -0.01 31.74 -26.71
N GLY D 287 0.79 30.81 -26.19
CA GLY D 287 1.38 30.98 -24.88
C GLY D 287 2.21 29.79 -24.48
N ASP D 288 3.20 30.01 -23.62
CA ASP D 288 4.02 28.92 -23.10
C ASP D 288 3.49 28.44 -21.76
N THR D 289 2.71 29.31 -21.12
CA THR D 289 2.00 28.94 -19.92
C THR D 289 0.53 29.27 -20.08
N MET D 290 -0.31 28.56 -19.34
CA MET D 290 -1.74 28.82 -19.33
C MET D 290 -2.04 30.24 -18.85
N GLU D 291 -1.24 30.73 -17.90
CA GLU D 291 -1.46 32.04 -17.32
C GLU D 291 -1.27 33.12 -18.38
N GLU D 292 -0.32 32.89 -19.28
CA GLU D 292 -0.08 33.76 -20.44
C GLU D 292 -1.30 33.89 -21.30
N ILE D 293 -1.82 32.75 -21.73
CA ILE D 293 -2.97 32.72 -22.58
C ILE D 293 -4.12 33.49 -21.94
N LEU D 294 -4.37 33.27 -20.66
CA LEU D 294 -5.44 33.97 -19.98
C LEU D 294 -5.14 35.45 -19.84
N ARG D 295 -3.86 35.79 -19.83
CA ARG D 295 -3.45 37.19 -19.68
C ARG D 295 -3.81 37.93 -20.96
N GLY D 296 -3.49 37.31 -22.09
CA GLY D 296 -3.82 37.86 -23.38
C GLY D 296 -5.31 37.97 -23.65
N TYR D 297 -6.08 37.04 -23.12
CA TYR D 297 -7.52 37.14 -23.23
C TYR D 297 -8.02 38.37 -22.46
N ARG D 298 -7.39 38.65 -21.33
CA ARG D 298 -7.74 39.81 -20.53
C ARG D 298 -7.28 41.07 -21.25
N ASP D 299 -6.17 40.93 -21.96
CA ASP D 299 -5.61 42.00 -22.76
C ASP D 299 -6.54 42.45 -23.89
N LEU D 300 -7.43 41.54 -24.30
CA LEU D 300 -8.39 41.80 -25.37
C LEU D 300 -9.75 42.26 -24.87
N THR D 301 -10.15 41.74 -23.71
CA THR D 301 -11.52 41.88 -23.24
C THR D 301 -11.62 42.54 -21.87
N GLY D 302 -10.46 42.86 -21.28
CA GLY D 302 -10.41 43.62 -20.05
C GLY D 302 -9.95 42.85 -18.83
N TYR D 303 -9.37 43.58 -17.89
CA TYR D 303 -8.94 43.02 -16.62
C TYR D 303 -9.97 43.29 -15.53
N PRO D 304 -10.17 42.33 -14.61
CA PRO D 304 -10.99 42.59 -13.42
C PRO D 304 -10.43 43.69 -12.52
N SER D 305 -11.30 44.46 -11.89
CA SER D 305 -10.87 45.44 -10.91
C SER D 305 -10.71 44.76 -9.55
N MET D 306 -9.96 45.36 -8.63
CA MET D 306 -9.78 44.78 -7.31
C MET D 306 -10.99 45.12 -6.45
N PRO D 307 -11.71 44.09 -5.95
CA PRO D 307 -12.85 44.41 -5.10
C PRO D 307 -12.41 44.90 -3.72
N PRO D 308 -13.35 45.45 -2.93
CA PRO D 308 -13.01 46.05 -1.65
C PRO D 308 -12.69 45.00 -0.59
N LEU D 309 -12.15 45.43 0.55
CA LEU D 309 -11.77 44.51 1.61
C LEU D 309 -13.00 43.78 2.18
N TRP D 310 -14.02 44.54 2.53
CA TRP D 310 -15.19 44.00 3.21
C TRP D 310 -15.82 42.87 2.39
N SER D 311 -15.54 42.86 1.09
CA SER D 311 -16.03 41.82 0.21
C SER D 311 -15.40 40.49 0.57
N PHE D 312 -14.24 40.54 1.21
CA PHE D 312 -13.51 39.32 1.53
C PHE D 312 -13.87 38.75 2.90
N GLY D 313 -14.74 39.42 3.63
CA GLY D 313 -15.29 38.88 4.87
C GLY D 313 -16.39 37.91 4.50
N VAL D 314 -16.99 37.22 5.49
CA VAL D 314 -18.03 36.24 5.17
C VAL D 314 -19.39 36.92 4.96
N TRP D 315 -20.20 36.29 4.12
CA TRP D 315 -21.51 36.81 3.75
C TRP D 315 -22.58 35.88 4.28
N MET D 316 -23.46 36.39 5.13
CA MET D 316 -24.59 35.60 5.59
C MET D 316 -25.83 36.09 4.87
N SER D 317 -26.69 35.14 4.54
CA SER D 317 -27.88 35.43 3.76
C SER D 317 -28.81 34.25 3.71
N ARG D 318 -29.94 34.48 3.05
CA ARG D 318 -30.96 33.46 2.87
C ARG D 318 -32.00 34.05 1.95
N MET D 319 -32.63 33.21 1.13
CA MET D 319 -33.84 33.59 0.40
C MET D 319 -35.05 33.16 1.22
N THR D 320 -35.69 34.05 1.98
CA THR D 320 -35.35 35.47 2.09
C THR D 320 -35.62 36.00 3.50
N TYR D 321 -34.98 37.12 3.83
CA TYR D 321 -35.17 37.75 5.13
C TYR D 321 -36.54 38.41 5.20
N PHE D 322 -37.48 37.79 5.91
CA PHE D 322 -38.86 38.26 6.02
C PHE D 322 -38.91 39.72 6.48
N SER D 323 -38.70 39.95 7.76
CA SER D 323 -38.76 41.30 8.33
C SER D 323 -37.46 42.09 8.24
N ALA D 324 -37.50 43.32 8.74
CA ALA D 324 -36.31 44.17 8.76
C ALA D 324 -35.31 43.68 9.80
N ASP D 325 -35.74 42.77 10.67
CA ASP D 325 -34.85 42.26 11.70
C ASP D 325 -35.44 41.07 12.44
N GLU D 326 -35.08 39.82 12.11
CA GLU D 326 -34.16 39.40 11.04
C GLU D 326 -32.75 39.99 11.16
N VAL D 327 -32.33 40.71 10.13
CA VAL D 327 -30.96 41.21 9.99
C VAL D 327 -30.38 41.79 11.29
N ASN D 328 -31.21 42.48 12.06
CA ASN D 328 -30.76 43.14 13.29
C ASN D 328 -30.69 42.18 14.48
N GLU D 329 -31.37 41.03 14.36
CA GLU D 329 -31.34 40.00 15.40
C GLU D 329 -30.34 38.91 15.05
N ILE D 330 -30.28 38.55 13.76
CA ILE D 330 -29.37 37.51 13.29
C ILE D 330 -27.92 37.99 13.39
N CYS D 331 -27.66 39.21 12.96
CA CYS D 331 -26.32 39.77 13.05
C CYS D 331 -26.02 40.17 14.48
N ASP D 332 -27.08 40.28 15.28
CA ASP D 332 -26.95 40.57 16.71
C ASP D 332 -26.23 39.42 17.39
N ARG D 333 -26.78 38.21 17.26
CA ARG D 333 -26.23 37.03 17.90
C ARG D 333 -25.04 36.44 17.12
N MET D 334 -24.56 37.18 16.12
CA MET D 334 -23.46 36.74 15.27
C MET D 334 -22.27 37.66 15.54
N ARG D 335 -22.37 38.91 15.06
CA ARG D 335 -21.29 39.91 15.20
C ARG D 335 -20.94 40.19 16.65
N ALA D 336 -21.73 39.64 17.58
CA ALA D 336 -21.48 39.76 19.01
C ALA D 336 -21.47 38.39 19.71
N GLU D 337 -21.34 37.32 18.93
CA GLU D 337 -21.05 36.00 19.49
C GLU D 337 -19.77 35.49 18.88
N HIS D 338 -18.91 36.42 18.50
CA HIS D 338 -17.58 36.12 17.99
C HIS D 338 -17.67 35.39 16.67
N TYR D 339 -18.79 35.59 15.98
CA TYR D 339 -18.94 35.14 14.62
C TYR D 339 -18.63 36.31 13.71
N PRO D 340 -17.42 36.34 13.15
CA PRO D 340 -17.09 37.47 12.29
C PRO D 340 -17.88 37.37 10.99
N CYS D 341 -18.58 38.43 10.61
CA CYS D 341 -19.39 38.38 9.41
C CYS D 341 -19.58 39.75 8.82
N ASP D 342 -18.85 40.04 7.74
CA ASP D 342 -18.74 41.40 7.25
C ASP D 342 -19.96 41.91 6.50
N VAL D 343 -20.84 41.01 6.07
CA VAL D 343 -21.94 41.44 5.23
C VAL D 343 -23.17 40.58 5.39
N ILE D 344 -24.33 41.24 5.42
CA ILE D 344 -25.58 40.55 5.41
C ILE D 344 -26.25 40.82 4.07
N HIS D 345 -26.79 39.79 3.44
CA HIS D 345 -27.50 40.00 2.19
C HIS D 345 -29.00 39.86 2.34
N LEU D 346 -29.73 40.80 1.75
CA LEU D 346 -31.19 40.79 1.72
C LEU D 346 -31.67 40.40 0.33
N ASP D 347 -32.64 39.51 0.25
CA ASP D 347 -32.95 38.88 -1.04
C ASP D 347 -34.34 39.22 -1.59
N THR D 348 -35.05 38.20 -2.05
CA THR D 348 -36.36 38.38 -2.69
C THR D 348 -37.32 39.14 -1.77
N GLY D 349 -37.55 38.61 -0.58
CA GLY D 349 -38.40 39.26 0.38
C GLY D 349 -37.76 40.56 0.81
N TRP D 350 -38.46 41.66 0.62
CA TRP D 350 -37.98 42.97 1.04
C TRP D 350 -38.98 44.04 0.61
N PHE D 351 -39.61 43.79 -0.52
CA PHE D 351 -40.61 44.70 -1.06
C PHE D 351 -41.94 44.34 -0.45
N ARG D 352 -43.00 45.02 -0.88
CA ARG D 352 -44.35 44.64 -0.46
C ARG D 352 -44.56 43.13 -0.62
N THR D 353 -43.94 42.55 -1.63
CA THR D 353 -43.92 41.09 -1.81
C THR D 353 -42.64 40.67 -2.54
N ASP D 354 -42.31 39.36 -2.45
CA ASP D 354 -41.09 38.82 -3.05
C ASP D 354 -41.34 38.09 -4.37
N TRP D 355 -41.18 38.81 -5.48
CA TRP D 355 -40.62 40.15 -5.41
C TRP D 355 -41.32 41.10 -6.36
N LEU D 356 -40.74 42.29 -6.51
CA LEU D 356 -41.37 43.35 -7.28
C LEU D 356 -40.44 44.56 -7.17
N CYS D 357 -39.39 44.55 -7.98
CA CYS D 357 -38.15 45.27 -7.66
C CYS D 357 -38.21 46.78 -7.32
N GLU D 358 -37.06 47.23 -6.81
CA GLU D 358 -36.82 48.57 -6.31
C GLU D 358 -37.92 49.07 -5.37
N TRP D 359 -37.57 49.16 -4.07
CA TRP D 359 -38.38 49.65 -2.94
C TRP D 359 -38.43 48.59 -1.83
N LYS D 360 -39.24 48.80 -0.79
CA LYS D 360 -39.25 47.85 0.34
C LYS D 360 -40.23 48.15 1.48
N PHE D 361 -41.09 47.17 1.82
CA PHE D 361 -41.89 47.11 3.07
C PHE D 361 -42.40 48.49 3.57
N ASN D 362 -42.50 48.83 4.87
CA ASN D 362 -42.55 48.02 6.12
C ASN D 362 -41.19 47.65 6.73
N GLU D 363 -40.20 48.52 6.54
CA GLU D 363 -38.91 48.43 7.22
C GLU D 363 -38.46 49.77 7.83
N GLU D 364 -37.52 50.43 7.14
CA GLU D 364 -36.89 51.71 7.56
C GLU D 364 -35.70 51.49 8.49
N ALA D 427 -44.55 40.40 -17.19
CA ALA D 427 -43.17 40.77 -16.96
C ALA D 427 -42.74 41.85 -17.97
N GLY D 428 -41.43 42.06 -18.08
CA GLY D 428 -40.87 43.02 -19.03
C GLY D 428 -39.39 43.18 -18.79
N THR D 429 -38.60 43.20 -19.86
CA THR D 429 -37.16 43.38 -19.77
C THR D 429 -36.81 44.86 -19.96
N ILE D 430 -35.73 45.31 -19.32
CA ILE D 430 -35.31 46.70 -19.47
C ILE D 430 -34.28 46.81 -20.59
N ASP D 431 -34.46 47.79 -21.46
CA ASP D 431 -33.66 47.88 -22.68
C ASP D 431 -32.35 48.62 -22.42
N PHE D 432 -31.31 47.86 -22.10
CA PHE D 432 -30.00 48.44 -21.85
C PHE D 432 -29.39 49.09 -23.09
N THR D 433 -29.89 48.71 -24.27
CA THR D 433 -29.46 49.32 -25.51
C THR D 433 -30.16 50.67 -25.70
N TYR D 434 -31.11 50.96 -24.82
CA TYR D 434 -31.84 52.22 -24.81
C TYR D 434 -31.23 53.12 -23.74
N PRO D 435 -30.27 53.98 -24.12
CA PRO D 435 -29.44 54.69 -23.14
C PRO D 435 -30.21 55.45 -22.09
N LYS D 436 -31.46 55.81 -22.39
CA LYS D 436 -32.31 56.49 -21.42
C LYS D 436 -32.77 55.51 -20.34
N ALA D 437 -33.11 54.29 -20.77
CA ALA D 437 -33.51 53.26 -19.83
C ALA D 437 -32.36 52.84 -18.93
N THR D 438 -31.13 52.95 -19.43
CA THR D 438 -29.96 52.58 -18.64
C THR D 438 -29.73 53.59 -17.53
N GLU D 439 -29.81 54.86 -17.87
CA GLU D 439 -29.60 55.91 -16.88
C GLU D 439 -30.71 55.87 -15.83
N TRP D 440 -31.85 55.28 -16.20
CA TRP D 440 -32.98 55.14 -15.31
C TRP D 440 -32.75 54.01 -14.32
N TYR D 441 -32.35 52.86 -14.84
CA TYR D 441 -32.02 51.71 -14.01
C TYR D 441 -30.87 52.05 -13.10
N LYS D 442 -29.85 52.69 -13.66
CA LYS D 442 -28.74 53.20 -12.84
C LYS D 442 -29.29 54.16 -11.80
N GLY D 443 -30.41 54.79 -12.12
CA GLY D 443 -31.08 55.67 -11.19
C GLY D 443 -31.68 54.89 -10.03
N LEU D 444 -32.34 53.79 -10.34
CA LEU D 444 -32.97 52.94 -9.35
C LEU D 444 -31.98 52.56 -8.27
N LEU D 445 -30.80 52.12 -8.69
CA LEU D 445 -29.80 51.61 -7.77
C LEU D 445 -29.18 52.72 -6.95
N LYS D 446 -29.07 53.91 -7.53
CA LYS D 446 -28.41 55.03 -6.87
C LYS D 446 -29.13 55.45 -5.60
N GLN D 447 -30.45 55.47 -5.62
CA GLN D 447 -31.24 55.79 -4.43
C GLN D 447 -31.07 54.73 -3.34
N LEU D 448 -30.71 53.52 -3.76
CA LEU D 448 -30.43 52.43 -2.83
C LEU D 448 -29.01 52.50 -2.34
N LEU D 449 -28.14 52.99 -3.22
CA LEU D 449 -26.72 53.08 -2.92
C LEU D 449 -26.43 54.25 -1.97
N ASP D 450 -27.37 55.18 -1.90
CA ASP D 450 -27.20 56.36 -1.05
C ASP D 450 -27.72 56.06 0.35
N MET D 451 -28.52 55.00 0.48
CA MET D 451 -28.99 54.57 1.79
C MET D 451 -27.87 53.93 2.58
N GLY D 452 -26.85 53.44 1.87
CA GLY D 452 -25.68 52.88 2.51
C GLY D 452 -25.39 51.46 2.06
N VAL D 453 -26.24 50.94 1.18
CA VAL D 453 -26.00 49.65 0.58
C VAL D 453 -24.73 49.75 -0.25
N THR D 454 -23.88 48.74 -0.15
CA THR D 454 -22.55 48.79 -0.74
C THR D 454 -22.40 47.81 -1.93
N CYS D 455 -23.35 46.89 -2.08
CA CYS D 455 -23.33 45.93 -3.17
C CYS D 455 -24.75 45.68 -3.70
N ILE D 456 -24.84 45.09 -4.89
CA ILE D 456 -26.14 44.77 -5.51
C ILE D 456 -26.07 43.43 -6.19
N LYS D 457 -27.02 42.56 -5.91
CA LYS D 457 -27.03 41.24 -6.52
C LYS D 457 -27.76 41.27 -7.83
N THR D 458 -26.98 41.18 -8.90
CA THR D 458 -27.50 41.26 -10.26
C THR D 458 -27.87 39.87 -10.73
N ASP D 459 -28.94 39.35 -10.15
CA ASP D 459 -29.44 38.03 -10.46
C ASP D 459 -30.10 38.04 -11.85
N PHE D 460 -30.17 36.87 -12.48
CA PHE D 460 -30.76 36.73 -13.81
C PHE D 460 -29.97 37.49 -14.90
N GLY D 461 -30.54 37.53 -16.11
CA GLY D 461 -29.93 38.18 -17.25
C GLY D 461 -29.35 37.19 -18.24
N GLU D 462 -29.79 35.95 -18.15
CA GLU D 462 -29.40 34.90 -19.07
C GLU D 462 -30.42 34.84 -20.18
N ASN D 463 -31.64 35.17 -19.81
CA ASN D 463 -32.74 35.32 -20.74
C ASN D 463 -33.28 36.73 -20.70
N ILE D 464 -33.76 37.19 -21.85
CA ILE D 464 -34.41 38.47 -21.96
C ILE D 464 -35.67 38.26 -22.78
N HIS D 465 -36.53 39.25 -22.82
CA HIS D 465 -37.73 39.12 -23.63
C HIS D 465 -37.32 39.10 -25.09
N MET D 466 -37.38 37.92 -25.69
CA MET D 466 -36.99 37.73 -27.07
C MET D 466 -38.11 38.21 -28.01
N ASP D 467 -39.28 38.49 -27.43
CA ASP D 467 -40.44 38.89 -28.22
C ASP D 467 -40.54 40.42 -28.36
N ALA D 468 -40.01 41.16 -27.40
CA ALA D 468 -40.08 42.62 -27.43
C ALA D 468 -39.17 43.21 -28.49
N VAL D 469 -39.19 44.53 -28.65
CA VAL D 469 -38.33 45.15 -29.64
C VAL D 469 -37.48 46.27 -29.05
N TYR D 470 -36.26 45.92 -28.68
CA TYR D 470 -35.31 46.86 -28.09
C TYR D 470 -34.81 47.83 -29.15
N LYS D 471 -34.21 48.93 -28.69
CA LYS D 471 -33.75 49.99 -29.58
C LYS D 471 -32.68 49.49 -30.55
N GLY D 472 -31.44 49.40 -30.06
CA GLY D 472 -30.32 48.93 -30.89
C GLY D 472 -30.10 47.44 -30.67
N MET D 473 -29.71 46.74 -31.72
CA MET D 473 -29.35 45.32 -31.61
C MET D 473 -30.58 44.43 -31.39
N LYS D 474 -30.89 43.62 -32.40
CA LYS D 474 -32.01 42.68 -32.33
C LYS D 474 -31.88 41.68 -31.18
N PRO D 475 -33.01 41.14 -30.73
CA PRO D 475 -33.04 40.24 -29.57
C PRO D 475 -32.00 39.12 -29.67
N GLU D 476 -31.96 38.48 -30.83
CA GLU D 476 -31.08 37.33 -31.05
C GLU D 476 -29.60 37.57 -30.78
N LEU D 477 -29.17 38.84 -30.72
CA LEU D 477 -27.77 39.17 -30.44
C LEU D 477 -27.61 39.86 -29.09
N LEU D 478 -28.53 40.76 -28.77
CA LEU D 478 -28.51 41.40 -27.47
C LEU D 478 -28.46 40.36 -26.37
N ASN D 479 -29.10 39.23 -26.63
CA ASN D 479 -29.31 38.19 -25.64
C ASN D 479 -28.07 37.88 -24.80
N ASN D 480 -27.06 37.27 -25.41
CA ASN D 480 -25.89 36.83 -24.65
C ASN D 480 -25.07 38.01 -24.17
N LEU D 481 -25.20 39.14 -24.85
CA LEU D 481 -24.47 40.34 -24.48
C LEU D 481 -25.05 40.98 -23.22
N TYR D 482 -26.29 40.63 -22.89
CA TYR D 482 -27.04 41.31 -21.84
C TYR D 482 -26.30 41.33 -20.50
N ALA D 483 -25.72 40.19 -20.11
CA ALA D 483 -25.02 40.09 -18.83
C ALA D 483 -23.88 41.10 -18.74
N LEU D 484 -23.33 41.47 -19.89
CA LEU D 484 -22.26 42.46 -19.91
C LEU D 484 -22.78 43.87 -19.62
N LEU D 485 -23.76 44.29 -20.41
CA LEU D 485 -24.38 45.59 -20.21
C LEU D 485 -25.04 45.65 -18.85
N TYR D 486 -25.80 44.61 -18.53
CA TYR D 486 -26.54 44.51 -17.28
C TYR D 486 -25.65 44.73 -16.06
N GLN D 487 -24.56 43.99 -15.98
CA GLN D 487 -23.68 44.08 -14.82
C GLN D 487 -22.77 45.31 -14.88
N LYS D 488 -22.44 45.73 -16.09
CA LYS D 488 -21.61 46.92 -16.27
C LYS D 488 -22.34 48.14 -15.73
N ALA D 489 -23.64 48.19 -15.94
CA ALA D 489 -24.46 49.29 -15.46
C ALA D 489 -24.46 49.35 -13.93
N ALA D 490 -24.84 48.24 -13.29
CA ALA D 490 -24.90 48.19 -11.84
C ALA D 490 -23.53 48.32 -11.20
N TYR D 491 -22.49 47.98 -11.94
CA TYR D 491 -21.13 48.15 -11.46
C TYR D 491 -20.76 49.63 -11.44
N GLU D 492 -21.06 50.30 -12.53
CA GLU D 492 -20.69 51.70 -12.72
C GLU D 492 -21.35 52.61 -11.72
N ILE D 493 -22.67 52.50 -11.58
CA ILE D 493 -23.41 53.35 -10.67
C ILE D 493 -22.91 53.10 -9.25
N THR D 494 -22.68 51.82 -8.93
CA THR D 494 -22.19 51.43 -7.62
C THR D 494 -20.89 52.14 -7.29
N LYS D 495 -19.93 52.07 -8.20
CA LYS D 495 -18.64 52.71 -8.03
C LYS D 495 -18.76 54.23 -7.99
N GLU D 496 -19.66 54.76 -8.81
CA GLU D 496 -19.94 56.18 -8.81
C GLU D 496 -20.32 56.67 -7.42
N VAL D 497 -21.16 55.89 -6.75
CA VAL D 497 -21.62 56.22 -5.41
C VAL D 497 -20.67 55.66 -4.35
N THR D 498 -20.53 54.34 -4.35
CA THR D 498 -19.73 53.66 -3.34
C THR D 498 -18.28 54.10 -3.38
N GLY D 499 -17.76 54.31 -4.59
CA GLY D 499 -16.33 54.51 -4.77
C GLY D 499 -15.63 53.17 -4.88
N ASP D 500 -16.40 52.10 -4.91
CA ASP D 500 -15.87 50.76 -5.05
C ASP D 500 -16.65 50.01 -6.12
N GLY D 501 -15.93 49.36 -7.02
CA GLY D 501 -16.54 48.57 -8.06
C GLY D 501 -16.79 47.14 -7.63
N ILE D 502 -18.01 46.85 -7.21
CA ILE D 502 -18.40 45.48 -6.86
C ILE D 502 -19.84 45.19 -7.25
N VAL D 503 -20.08 43.95 -7.64
CA VAL D 503 -21.39 43.46 -8.08
C VAL D 503 -21.43 41.98 -7.75
N TRP D 504 -22.61 41.51 -7.36
CA TRP D 504 -22.83 40.09 -7.11
C TRP D 504 -23.65 39.53 -8.28
N ALA D 505 -22.97 38.86 -9.21
CA ALA D 505 -23.56 38.50 -10.49
C ALA D 505 -23.72 37.00 -10.69
N ARG D 506 -24.75 36.61 -11.45
CA ARG D 506 -25.04 35.20 -11.71
C ARG D 506 -24.92 34.85 -13.19
N ALA D 507 -24.95 35.88 -14.03
CA ALA D 507 -24.80 35.70 -15.47
C ALA D 507 -23.47 36.26 -15.93
N ALA D 508 -23.02 35.84 -17.11
CA ALA D 508 -21.75 36.32 -17.63
C ALA D 508 -21.59 35.99 -19.10
N TRP D 509 -20.82 36.84 -19.78
CA TRP D 509 -20.47 36.66 -21.19
C TRP D 509 -19.11 37.30 -21.33
N ALA D 510 -18.45 37.11 -22.48
CA ALA D 510 -17.11 37.65 -22.68
C ALA D 510 -17.07 39.13 -22.37
N GLY D 511 -16.14 39.53 -21.49
CA GLY D 511 -16.05 40.90 -21.03
C GLY D 511 -16.54 41.12 -19.60
N CYS D 512 -17.22 40.14 -19.01
CA CYS D 512 -17.80 40.32 -17.68
C CYS D 512 -16.78 40.20 -16.54
N GLN D 513 -15.56 39.74 -16.83
CA GLN D 513 -14.53 39.63 -15.80
C GLN D 513 -14.22 41.01 -15.20
N ARG D 514 -14.37 42.05 -16.02
CA ARG D 514 -14.09 43.43 -15.61
C ARG D 514 -14.69 43.78 -14.26
N TYR D 515 -15.85 43.20 -13.98
CA TYR D 515 -16.65 43.59 -12.85
C TYR D 515 -16.82 42.45 -11.82
N PRO D 516 -15.98 42.42 -10.78
CA PRO D 516 -16.09 41.38 -9.76
C PRO D 516 -17.36 41.50 -8.90
N LEU D 517 -18.03 40.41 -8.51
CA LEU D 517 -17.67 39.03 -8.81
C LEU D 517 -18.92 38.23 -9.21
N HIS D 518 -18.76 36.93 -9.42
CA HIS D 518 -19.82 36.09 -9.97
C HIS D 518 -19.96 34.82 -9.15
N TRP D 519 -21.21 34.36 -8.92
CA TRP D 519 -21.46 33.23 -8.02
C TRP D 519 -22.13 32.07 -8.73
N GLY D 520 -21.88 30.86 -8.23
CA GLY D 520 -22.20 29.63 -8.95
C GLY D 520 -23.63 29.14 -8.84
N GLY D 521 -24.58 30.05 -8.75
CA GLY D 521 -25.96 29.71 -9.01
C GLY D 521 -26.71 29.02 -7.88
N ASP D 522 -27.62 28.15 -8.29
CA ASP D 522 -28.50 27.46 -7.38
C ASP D 522 -28.09 26.00 -7.24
N SER D 523 -26.91 25.76 -6.68
CA SER D 523 -26.40 24.41 -6.52
C SER D 523 -27.28 23.63 -5.55
N CYS D 524 -27.19 22.31 -5.63
CA CYS D 524 -27.87 21.47 -4.66
C CYS D 524 -27.00 21.29 -3.42
N SER D 525 -27.61 21.34 -2.24
CA SER D 525 -26.89 21.02 -1.01
C SER D 525 -26.57 19.53 -1.01
N SER D 526 -25.52 19.16 -1.73
CA SER D 526 -25.13 17.76 -1.83
C SER D 526 -23.73 17.63 -2.41
N TRP D 527 -23.14 16.45 -2.26
CA TRP D 527 -21.79 16.22 -2.75
C TRP D 527 -21.74 16.40 -4.27
N ASP D 528 -22.88 16.23 -4.93
CA ASP D 528 -22.95 16.49 -6.37
C ASP D 528 -22.92 17.99 -6.65
N GLY D 529 -23.65 18.75 -5.83
CA GLY D 529 -23.62 20.19 -5.95
C GLY D 529 -22.25 20.76 -5.65
N MET D 530 -21.64 20.30 -4.56
CA MET D 530 -20.30 20.73 -4.16
C MET D 530 -19.32 20.51 -5.30
N ALA D 531 -19.31 19.29 -5.87
CA ALA D 531 -18.38 18.95 -6.95
C ALA D 531 -18.72 19.67 -8.27
N GLY D 532 -20.02 19.68 -8.59
CA GLY D 532 -20.49 20.36 -9.77
C GLY D 532 -20.17 21.84 -9.72
N SER D 533 -20.31 22.42 -8.53
CA SER D 533 -19.96 23.81 -8.34
C SER D 533 -18.46 24.02 -8.55
N LEU D 534 -17.64 23.09 -8.06
CA LEU D 534 -16.20 23.25 -8.15
C LEU D 534 -15.74 23.11 -9.60
N LYS D 535 -16.27 22.12 -10.29
CA LYS D 535 -16.03 21.98 -11.72
C LYS D 535 -16.23 23.31 -12.40
N GLY D 536 -17.34 23.95 -12.06
CA GLY D 536 -17.70 25.23 -12.63
C GLY D 536 -16.67 26.31 -12.36
N GLY D 537 -16.40 26.55 -11.08
CA GLY D 537 -15.45 27.58 -10.70
C GLY D 537 -14.10 27.40 -11.38
N LEU D 538 -13.76 26.15 -11.68
CA LEU D 538 -12.46 25.84 -12.23
C LEU D 538 -12.37 26.27 -13.68
N HIS D 539 -13.40 25.97 -14.45
CA HIS D 539 -13.46 26.41 -15.83
C HIS D 539 -13.62 27.92 -15.86
N PHE D 540 -14.37 28.44 -14.90
CA PHE D 540 -14.65 29.85 -14.84
C PHE D 540 -13.35 30.66 -14.72
N GLY D 541 -12.40 30.15 -13.95
CA GLY D 541 -11.14 30.82 -13.71
C GLY D 541 -10.25 30.74 -14.93
N LEU D 542 -10.47 29.69 -15.71
CA LEU D 542 -9.77 29.49 -16.97
C LEU D 542 -10.54 30.14 -18.13
N SER D 543 -11.42 31.06 -17.78
CA SER D 543 -12.23 31.73 -18.76
C SER D 543 -12.16 33.23 -18.55
N GLY D 544 -11.05 33.67 -17.97
CA GLY D 544 -10.75 35.08 -17.85
C GLY D 544 -11.17 35.73 -16.57
N PHE D 545 -11.75 34.96 -15.66
CA PHE D 545 -12.27 35.53 -14.42
C PHE D 545 -11.30 35.30 -13.27
N ALA D 546 -11.32 36.21 -12.29
CA ALA D 546 -10.41 36.15 -11.16
C ALA D 546 -11.15 35.82 -9.86
N PHE D 547 -12.33 36.40 -9.70
CA PHE D 547 -13.12 36.23 -8.49
C PHE D 547 -14.41 35.48 -8.79
N TRP D 548 -14.59 34.38 -8.05
CA TRP D 548 -15.75 33.53 -8.19
C TRP D 548 -16.19 33.02 -6.82
N SER D 549 -17.48 32.74 -6.68
CA SER D 549 -18.05 32.32 -5.41
C SER D 549 -19.11 31.25 -5.63
N HIS D 550 -19.78 30.86 -4.54
CA HIS D 550 -20.76 29.80 -4.58
C HIS D 550 -21.55 29.79 -3.28
N ASP D 551 -22.83 29.40 -3.36
CA ASP D 551 -23.69 29.36 -2.18
C ASP D 551 -23.26 28.25 -1.24
N VAL D 552 -23.12 28.60 0.03
CA VAL D 552 -22.64 27.67 1.04
C VAL D 552 -23.75 27.37 2.04
N PRO D 553 -24.02 26.09 2.31
CA PRO D 553 -23.55 24.86 1.67
C PRO D 553 -24.57 24.33 0.67
N GLY D 554 -24.43 24.75 -0.58
CA GLY D 554 -25.43 24.43 -1.59
C GLY D 554 -26.58 25.38 -1.40
N PHE D 555 -27.26 25.71 -2.51
CA PHE D 555 -28.34 26.67 -2.48
C PHE D 555 -29.64 26.04 -1.92
N HIS D 556 -29.98 24.86 -2.44
CA HIS D 556 -31.27 24.23 -2.18
C HIS D 556 -31.12 22.77 -1.76
N THR D 557 -32.03 22.32 -0.89
CA THR D 557 -32.04 20.95 -0.41
C THR D 557 -32.90 20.06 -1.29
N LEU D 558 -32.90 18.77 -1.00
CA LEU D 558 -33.54 17.81 -1.88
C LEU D 558 -33.88 16.51 -1.14
N PRO D 559 -35.04 15.91 -1.46
CA PRO D 559 -36.16 16.48 -2.21
C PRO D 559 -36.89 17.47 -1.33
N ASN D 560 -37.74 18.31 -1.90
CA ASN D 560 -38.35 19.43 -1.19
C ASN D 560 -37.38 20.61 -1.11
N PHE D 561 -37.65 21.62 -1.92
CA PHE D 561 -36.74 22.73 -2.17
C PHE D 561 -36.41 23.52 -0.91
N MET D 562 -37.42 23.80 -0.10
CA MET D 562 -37.27 24.70 1.05
C MET D 562 -37.44 24.03 2.43
N ASN D 563 -37.97 22.81 2.45
CA ASN D 563 -38.38 22.19 3.70
C ASN D 563 -37.54 21.01 4.15
N SER D 564 -36.53 20.64 3.36
CA SER D 564 -35.63 19.56 3.76
C SER D 564 -34.52 20.08 4.68
N ILE D 565 -33.81 19.17 5.32
CA ILE D 565 -32.69 19.51 6.20
C ILE D 565 -31.38 19.50 5.41
N VAL D 566 -30.49 20.44 5.71
CA VAL D 566 -29.28 20.66 4.90
C VAL D 566 -28.29 19.49 5.01
N ALA D 567 -28.08 19.02 6.23
CA ALA D 567 -27.12 17.99 6.65
C ALA D 567 -25.85 18.68 7.12
N GLU D 568 -25.59 18.56 8.42
CA GLU D 568 -24.42 19.14 9.05
C GLU D 568 -23.16 18.66 8.34
N ASP D 569 -23.22 17.41 7.91
CA ASP D 569 -22.19 16.76 7.12
C ASP D 569 -21.69 17.63 5.96
N VAL D 570 -22.59 17.86 5.02
CA VAL D 570 -22.37 18.71 3.87
C VAL D 570 -21.95 20.12 4.30
N TYR D 571 -22.61 20.64 5.33
CA TYR D 571 -22.40 22.00 5.78
C TYR D 571 -20.92 22.31 6.07
N MET D 572 -20.29 21.48 6.90
CA MET D 572 -18.91 21.71 7.32
C MET D 572 -17.93 21.62 6.15
N ARG D 573 -18.16 20.67 5.26
CA ARG D 573 -17.24 20.43 4.16
C ARG D 573 -17.32 21.52 3.10
N TRP D 574 -18.49 22.14 2.97
CA TRP D 574 -18.66 23.26 2.06
C TRP D 574 -18.12 24.52 2.71
N THR D 575 -18.36 24.65 4.01
CA THR D 575 -17.81 25.73 4.81
C THR D 575 -16.31 25.79 4.58
N GLN D 576 -15.68 24.63 4.55
CA GLN D 576 -14.24 24.53 4.38
C GLN D 576 -13.87 25.03 3.00
N PHE D 577 -14.61 24.55 2.02
CA PHE D 577 -14.40 24.90 0.62
C PHE D 577 -14.59 26.40 0.41
N GLY D 578 -15.54 26.99 1.12
CA GLY D 578 -15.85 28.39 0.96
C GLY D 578 -14.76 29.29 1.47
N VAL D 579 -14.10 28.86 2.54
CA VAL D 579 -13.02 29.62 3.16
C VAL D 579 -11.86 29.76 2.17
N PHE D 580 -11.61 28.69 1.42
CA PHE D 580 -10.50 28.68 0.45
C PHE D 580 -11.07 28.89 -0.94
N THR D 581 -11.93 29.89 -1.04
CA THR D 581 -12.32 30.44 -2.32
C THR D 581 -12.30 31.96 -2.21
N SER D 582 -12.36 32.61 -3.36
CA SER D 582 -12.24 34.04 -3.47
C SER D 582 -13.23 34.79 -2.57
N HIS D 583 -14.46 34.32 -2.54
CA HIS D 583 -15.49 34.94 -1.73
C HIS D 583 -16.38 33.86 -1.11
N ILE D 584 -16.75 34.04 0.15
CA ILE D 584 -17.58 33.08 0.86
C ILE D 584 -18.92 33.69 1.24
N ARG D 585 -19.99 32.98 0.88
CA ARG D 585 -21.35 33.44 1.11
C ARG D 585 -22.31 32.29 1.49
N TYR D 586 -22.98 32.48 2.62
CA TYR D 586 -23.98 31.56 3.11
C TYR D 586 -25.35 31.99 2.61
N HIS D 587 -26.01 31.09 1.87
CA HIS D 587 -27.26 31.46 1.22
C HIS D 587 -28.05 30.25 0.74
N GLY D 588 -29.36 30.28 0.95
CA GLY D 588 -30.20 29.21 0.44
C GLY D 588 -31.61 29.13 1.00
N THR D 589 -32.34 28.15 0.46
CA THR D 589 -33.75 27.94 0.78
C THR D 589 -34.04 27.89 2.29
N ASN D 590 -33.25 27.13 3.04
CA ASN D 590 -33.43 27.08 4.49
C ASN D 590 -32.30 27.83 5.19
N LYS D 591 -32.46 28.05 6.49
CA LYS D 591 -31.54 28.87 7.28
C LYS D 591 -30.08 28.47 7.12
N ARG D 592 -29.20 29.44 7.29
CA ARG D 592 -27.79 29.21 7.09
C ARG D 592 -26.99 29.69 8.30
N GLU D 593 -27.69 30.20 9.30
CA GLU D 593 -27.02 30.72 10.49
C GLU D 593 -26.55 29.56 11.35
N PRO D 594 -25.27 29.61 11.77
CA PRO D 594 -24.55 28.54 12.46
C PRO D 594 -25.28 27.92 13.65
N TRP D 595 -25.97 28.72 14.46
CA TRP D 595 -26.62 28.20 15.67
C TRP D 595 -27.69 27.16 15.37
N HIS D 596 -28.10 27.08 14.11
CA HIS D 596 -29.09 26.09 13.71
C HIS D 596 -28.42 24.77 13.37
N TYR D 597 -27.09 24.74 13.47
CA TYR D 597 -26.32 23.53 13.17
C TYR D 597 -25.25 23.23 14.22
N PRO D 598 -25.66 22.86 15.43
CA PRO D 598 -24.68 22.32 16.39
C PRO D 598 -24.58 20.82 16.20
N ALA D 599 -23.38 20.28 16.07
CA ALA D 599 -22.14 21.04 16.10
C ALA D 599 -21.03 20.15 15.54
N ILE D 600 -20.26 20.56 14.52
CA ILE D 600 -20.39 21.80 13.75
C ILE D 600 -20.15 23.02 14.64
N ALA D 601 -21.02 24.02 14.58
CA ALA D 601 -20.80 25.24 15.35
C ALA D 601 -20.47 24.85 16.78
N PRO D 602 -19.30 25.26 17.28
CA PRO D 602 -18.44 26.34 16.85
C PRO D 602 -17.20 25.91 16.07
N LEU D 603 -17.27 24.81 15.33
CA LEU D 603 -16.21 24.48 14.40
C LEU D 603 -16.27 25.51 13.28
N VAL D 604 -17.47 25.75 12.78
CA VAL D 604 -17.74 26.81 11.82
C VAL D 604 -17.28 28.15 12.38
N LYS D 605 -17.42 28.32 13.69
CA LYS D 605 -16.96 29.52 14.35
C LYS D 605 -15.45 29.62 14.21
N LYS D 606 -14.79 28.47 14.25
CA LYS D 606 -13.34 28.36 14.15
C LYS D 606 -12.91 28.64 12.71
N TRP D 607 -13.71 28.15 11.78
CA TRP D 607 -13.37 28.24 10.36
C TRP D 607 -13.68 29.63 9.82
N TRP D 608 -14.57 30.35 10.48
CA TRP D 608 -14.77 31.75 10.13
C TRP D 608 -13.59 32.56 10.62
N LYS D 609 -12.97 32.11 11.70
CA LYS D 609 -11.79 32.78 12.23
C LYS D 609 -10.58 32.56 11.34
N LEU D 610 -10.49 31.36 10.76
CA LEU D 610 -9.40 31.03 9.85
C LEU D 610 -9.50 31.89 8.60
N ARG D 611 -10.72 32.10 8.15
CA ARG D 611 -11.00 32.92 6.98
C ARG D 611 -10.46 34.33 7.14
N TYR D 612 -10.77 34.95 8.26
CA TYR D 612 -10.35 36.33 8.49
C TYR D 612 -8.84 36.41 8.68
N SER D 613 -8.22 35.32 9.14
CA SER D 613 -6.78 35.27 9.32
C SER D 613 -6.09 34.72 8.07
N LEU D 614 -6.81 34.73 6.96
CA LEU D 614 -6.23 34.41 5.67
C LEU D 614 -6.58 35.48 4.64
N ILE D 615 -7.26 36.54 5.09
CA ILE D 615 -7.68 37.61 4.20
C ILE D 615 -6.48 38.31 3.56
N PRO D 616 -5.45 38.66 4.36
CA PRO D 616 -4.32 39.39 3.78
C PRO D 616 -3.63 38.65 2.65
N TYR D 617 -3.55 37.32 2.78
CA TYR D 617 -2.98 36.48 1.74
C TYR D 617 -3.89 36.41 0.54
N ILE D 618 -5.20 36.44 0.76
CA ILE D 618 -6.14 36.43 -0.34
C ILE D 618 -6.00 37.72 -1.12
N ILE D 619 -5.80 38.82 -0.39
CA ILE D 619 -5.66 40.13 -1.01
C ILE D 619 -4.40 40.21 -1.86
N GLU D 620 -3.29 39.66 -1.35
CA GLU D 620 -2.01 39.75 -2.04
C GLU D 620 -2.03 38.98 -3.35
N GLN D 621 -2.85 37.94 -3.41
CA GLN D 621 -2.96 37.14 -4.62
C GLN D 621 -3.89 37.82 -5.58
N SER D 622 -5.02 38.28 -5.07
CA SER D 622 -5.99 39.01 -5.86
C SER D 622 -5.36 40.24 -6.47
N LYS D 623 -4.53 40.92 -5.69
CA LYS D 623 -3.85 42.12 -6.15
C LYS D 623 -2.91 41.81 -7.31
N LEU D 624 -2.42 40.57 -7.31
CA LEU D 624 -1.59 40.06 -8.38
C LEU D 624 -2.46 39.65 -9.56
N ALA D 625 -3.68 39.22 -9.26
CA ALA D 625 -4.57 38.62 -10.26
C ALA D 625 -5.23 39.68 -11.13
N VAL D 626 -5.60 40.79 -10.51
CA VAL D 626 -6.16 41.92 -11.24
C VAL D 626 -5.13 42.54 -12.18
N GLU D 627 -3.85 42.26 -11.93
CA GLU D 627 -2.77 42.77 -12.75
C GLU D 627 -2.16 41.70 -13.66
N SER D 628 -2.77 40.52 -13.70
CA SER D 628 -2.23 39.41 -14.47
C SER D 628 -3.34 38.52 -15.05
N GLY D 629 -2.96 37.33 -15.51
CA GLY D 629 -3.92 36.40 -16.09
C GLY D 629 -4.42 35.35 -15.11
N TRP D 630 -3.85 35.31 -13.92
CA TRP D 630 -4.24 34.34 -12.91
C TRP D 630 -5.68 34.57 -12.41
N PRO D 631 -6.38 33.48 -12.02
CA PRO D 631 -7.53 33.52 -11.12
C PRO D 631 -7.12 33.13 -9.69
N LEU D 632 -8.05 33.28 -8.75
CA LEU D 632 -7.81 32.87 -7.37
C LEU D 632 -8.02 31.36 -7.19
N LEU D 633 -9.15 30.88 -7.68
CA LEU D 633 -9.40 29.45 -7.78
C LEU D 633 -8.79 28.97 -9.07
N GLN D 634 -7.78 28.11 -8.98
CA GLN D 634 -6.95 27.78 -10.11
C GLN D 634 -6.96 26.30 -10.45
N ALA D 635 -7.21 26.01 -11.71
CA ALA D 635 -7.12 24.68 -12.21
C ALA D 635 -5.65 24.26 -12.17
N LEU D 636 -5.37 23.08 -11.66
CA LEU D 636 -3.99 22.63 -11.48
C LEU D 636 -3.12 22.78 -12.71
N ILE D 637 -3.72 22.78 -13.90
CA ILE D 637 -2.95 22.91 -15.14
C ILE D 637 -2.31 24.28 -15.24
N LEU D 638 -2.80 25.23 -14.45
CA LEU D 638 -2.19 26.54 -14.39
C LEU D 638 -0.78 26.48 -13.77
N HIS D 639 -0.43 25.34 -13.18
CA HIS D 639 0.87 25.18 -12.56
C HIS D 639 1.60 23.95 -13.08
N HIS D 640 0.83 23.00 -13.59
CA HIS D 640 1.39 21.73 -14.01
C HIS D 640 0.67 21.28 -15.26
N PRO D 641 0.96 21.95 -16.38
CA PRO D 641 0.25 21.65 -17.64
C PRO D 641 0.81 20.43 -18.38
N GLU D 642 2.07 20.07 -18.20
CA GLU D 642 2.63 18.96 -18.96
C GLU D 642 2.57 17.66 -18.16
N ASP D 643 1.74 17.65 -17.11
CA ASP D 643 1.48 16.43 -16.35
C ASP D 643 0.06 15.99 -16.65
N LYS D 644 -0.07 14.78 -17.22
CA LYS D 644 -1.33 14.39 -17.85
C LYS D 644 -2.50 14.19 -16.90
N LEU D 645 -2.20 13.90 -15.65
CA LEU D 645 -3.26 13.63 -14.70
C LEU D 645 -4.02 14.91 -14.36
N CYS D 646 -3.30 16.01 -14.21
CA CYS D 646 -3.89 17.28 -13.79
C CYS D 646 -4.94 17.81 -14.77
N TRP D 647 -4.87 17.35 -16.00
CA TRP D 647 -5.86 17.72 -16.99
C TRP D 647 -7.14 16.94 -16.76
N HIS D 648 -7.13 16.10 -15.73
CA HIS D 648 -8.29 15.29 -15.39
C HIS D 648 -8.70 15.40 -13.92
N ILE D 649 -8.08 16.32 -13.19
CA ILE D 649 -8.38 16.54 -11.77
C ILE D 649 -9.25 17.76 -11.59
N ASP D 650 -10.51 17.55 -11.21
CA ASP D 650 -11.43 18.66 -10.98
C ASP D 650 -11.91 18.74 -9.52
N ASP D 651 -11.28 17.97 -8.64
CA ASP D 651 -11.61 17.95 -7.22
C ASP D 651 -10.49 18.53 -6.37
N GLU D 652 -9.44 19.04 -7.00
CA GLU D 652 -8.37 19.72 -6.30
C GLU D 652 -8.08 21.04 -6.98
N TYR D 653 -7.44 21.96 -6.27
CA TYR D 653 -7.09 23.23 -6.87
C TYR D 653 -6.07 24.05 -6.09
N TYR D 654 -5.49 25.02 -6.76
CA TYR D 654 -4.66 26.01 -6.08
C TYR D 654 -5.54 27.14 -5.59
N PHE D 655 -5.31 27.58 -4.36
CA PHE D 655 -5.96 28.79 -3.88
C PHE D 655 -4.90 29.85 -3.70
N GLY D 656 -4.73 30.68 -4.72
CA GLY D 656 -3.58 31.55 -4.79
C GLY D 656 -2.42 30.73 -5.28
N ASN D 657 -1.21 31.21 -5.07
CA ASN D 657 -0.04 30.60 -5.67
C ASN D 657 0.62 29.55 -4.78
N ASP D 658 0.18 29.47 -3.52
CA ASP D 658 0.91 28.73 -2.50
C ASP D 658 0.10 27.69 -1.75
N PHE D 659 -1.21 27.63 -2.01
CA PHE D 659 -2.09 26.68 -1.33
C PHE D 659 -2.69 25.67 -2.30
N LEU D 660 -2.61 24.40 -1.93
CA LEU D 660 -3.28 23.32 -2.65
C LEU D 660 -4.44 22.79 -1.82
N VAL D 661 -5.64 22.76 -2.42
CA VAL D 661 -6.86 22.32 -1.74
C VAL D 661 -7.52 21.13 -2.41
N ALA D 662 -7.74 20.07 -1.63
CA ALA D 662 -8.45 18.88 -2.05
C ALA D 662 -9.61 18.59 -1.10
N PRO D 663 -10.75 19.29 -1.28
CA PRO D 663 -11.88 19.18 -0.36
C PRO D 663 -12.46 17.78 -0.19
N VAL D 664 -12.91 17.47 1.02
CA VAL D 664 -13.59 16.21 1.28
C VAL D 664 -15.08 16.36 0.98
N MET D 665 -15.49 15.81 -0.15
CA MET D 665 -16.88 15.86 -0.55
C MET D 665 -17.50 14.47 -0.30
N ASN D 666 -17.32 13.98 0.93
CA ASN D 666 -17.80 12.66 1.37
C ASN D 666 -18.51 12.70 2.70
N SER D 667 -19.26 11.65 2.99
CA SER D 667 -19.78 11.44 4.33
C SER D 667 -18.89 10.43 5.03
N GLU D 668 -18.08 9.73 4.26
CA GLU D 668 -17.12 8.80 4.80
C GLU D 668 -15.88 9.52 5.32
N ASN D 669 -15.83 10.84 5.12
CA ASN D 669 -14.72 11.67 5.60
C ASN D 669 -13.35 11.16 5.15
N ARG D 670 -13.29 10.63 3.94
CA ARG D 670 -12.06 10.03 3.44
C ARG D 670 -11.98 10.16 1.93
N ARG D 671 -10.84 10.65 1.43
CA ARG D 671 -10.60 10.79 -0.01
C ARG D 671 -9.14 10.61 -0.39
N ASP D 672 -8.90 10.46 -1.69
CA ASP D 672 -7.55 10.37 -2.22
C ASP D 672 -7.07 11.74 -2.67
N ILE D 673 -5.76 11.92 -2.69
CA ILE D 673 -5.16 13.22 -3.01
C ILE D 673 -3.91 13.04 -3.84
N TYR D 674 -3.97 13.55 -5.06
CA TYR D 674 -2.78 13.64 -5.87
C TYR D 674 -2.03 14.93 -5.54
N LEU D 675 -0.78 14.81 -5.14
CA LEU D 675 0.11 15.95 -5.04
C LEU D 675 0.79 16.15 -6.39
N PRO D 676 0.77 17.38 -6.93
CA PRO D 676 1.58 17.64 -8.13
C PRO D 676 3.06 17.87 -7.79
N GLU D 677 3.86 18.19 -8.80
CA GLU D 677 5.30 18.40 -8.61
C GLU D 677 5.54 19.42 -7.52
N GLY D 678 6.36 19.04 -6.55
CA GLY D 678 6.74 19.94 -5.50
C GLY D 678 7.06 19.20 -4.23
N GLN D 679 7.59 19.96 -3.28
CA GLN D 679 7.74 19.53 -1.90
C GLN D 679 6.60 20.19 -1.15
N TRP D 680 5.83 19.39 -0.42
CA TRP D 680 4.58 19.86 0.16
C TRP D 680 4.53 19.80 1.67
N VAL D 681 3.74 20.70 2.25
CA VAL D 681 3.56 20.77 3.68
C VAL D 681 2.09 20.92 4.01
N ASN D 682 1.56 19.98 4.79
CA ASN D 682 0.19 20.03 5.29
C ASN D 682 0.00 21.25 6.17
N PHE D 683 -1.07 21.98 5.91
CA PHE D 683 -1.24 23.31 6.48
C PHE D 683 -1.59 23.28 7.95
N PHE D 684 -2.31 22.24 8.37
CA PHE D 684 -2.81 22.15 9.72
C PHE D 684 -1.88 21.32 10.59
N THR D 685 -1.69 20.07 10.19
CA THR D 685 -0.76 19.18 10.86
C THR D 685 0.64 19.78 10.76
N GLY D 686 1.29 19.58 9.63
CA GLY D 686 2.62 20.12 9.41
C GLY D 686 3.59 19.08 8.90
N GLU D 687 3.05 18.02 8.34
CA GLU D 687 3.84 16.92 7.80
C GLU D 687 4.48 17.30 6.47
N ARG D 688 5.76 16.98 6.30
CA ARG D 688 6.43 17.24 5.02
C ARG D 688 6.14 16.13 4.04
N LEU D 689 5.60 16.49 2.88
CA LEU D 689 5.19 15.51 1.87
C LEU D 689 5.81 15.79 0.50
N GLN D 690 6.30 14.74 -0.15
CA GLN D 690 7.13 14.92 -1.33
C GLN D 690 6.38 14.69 -2.61
N GLY D 691 7.01 15.16 -3.68
CA GLY D 691 6.77 14.69 -5.04
C GLY D 691 5.36 14.59 -5.58
N GLY D 692 5.27 14.07 -6.79
CA GLY D 692 4.01 13.96 -7.48
C GLY D 692 3.48 12.57 -7.29
N ARG D 693 2.94 12.33 -6.10
CA ARG D 693 2.47 11.01 -5.69
C ARG D 693 1.09 11.09 -5.06
N TRP D 694 0.31 10.04 -5.28
CA TRP D 694 -1.03 9.95 -4.71
C TRP D 694 -1.00 9.78 -3.20
N LEU D 695 -2.03 10.30 -2.53
CA LEU D 695 -2.31 9.96 -1.13
C LEU D 695 -3.64 9.21 -1.07
N LYS D 696 -3.60 7.89 -1.04
CA LYS D 696 -4.83 7.12 -1.18
C LYS D 696 -5.51 6.84 0.16
N GLU D 697 -6.83 6.60 0.09
CA GLU D 697 -7.66 6.23 1.23
C GLU D 697 -7.40 7.09 2.48
N VAL D 698 -6.95 8.31 2.27
CA VAL D 698 -6.65 9.21 3.38
C VAL D 698 -7.91 9.62 4.12
N TYR D 699 -7.92 9.35 5.42
CA TYR D 699 -9.00 9.79 6.27
C TYR D 699 -8.69 11.18 6.76
N VAL D 700 -9.67 12.06 6.68
CA VAL D 700 -9.51 13.41 7.17
C VAL D 700 -10.65 13.70 8.13
N PRO D 701 -10.33 14.25 9.31
CA PRO D 701 -11.41 14.51 10.26
C PRO D 701 -12.33 15.61 9.79
N LEU D 702 -13.50 15.74 10.40
CA LEU D 702 -14.49 16.72 9.97
C LEU D 702 -14.02 18.15 10.19
N GLU D 703 -13.13 18.36 11.15
CA GLU D 703 -12.66 19.71 11.45
C GLU D 703 -11.43 20.13 10.63
N GLU D 704 -10.93 19.24 9.77
CA GLU D 704 -9.80 19.54 8.90
C GLU D 704 -10.20 19.49 7.43
N MET D 705 -9.35 20.03 6.57
CA MET D 705 -9.48 19.88 5.13
C MET D 705 -8.08 19.64 4.57
N PRO D 706 -7.95 18.74 3.58
CA PRO D 706 -6.65 18.60 2.90
C PRO D 706 -6.18 19.92 2.30
N VAL D 707 -5.15 20.50 2.92
CA VAL D 707 -4.60 21.78 2.52
C VAL D 707 -3.09 21.67 2.60
N TYR D 708 -2.39 22.07 1.55
CA TYR D 708 -0.94 21.97 1.52
C TYR D 708 -0.27 23.25 1.04
N VAL D 709 0.95 23.49 1.51
CA VAL D 709 1.74 24.63 1.06
C VAL D 709 3.11 24.18 0.61
N ARG D 710 3.79 25.07 -0.13
CA ARG D 710 5.10 24.75 -0.68
C ARG D 710 6.13 24.80 0.44
N GLU D 711 7.05 23.85 0.43
CA GLU D 711 7.93 23.57 1.56
C GLU D 711 8.71 24.78 2.07
N ASN D 712 8.65 25.90 1.35
CA ASN D 712 9.37 27.09 1.81
C ASN D 712 8.66 28.39 1.45
N ALA D 713 7.35 28.43 1.61
CA ALA D 713 6.56 29.60 1.26
C ALA D 713 6.38 30.54 2.45
N VAL D 714 5.91 31.76 2.18
CA VAL D 714 5.60 32.72 3.23
C VAL D 714 4.19 33.28 2.98
N ILE D 715 3.35 33.23 4.01
CA ILE D 715 1.91 33.45 3.85
C ILE D 715 1.37 34.36 4.95
N PRO D 716 0.73 35.47 4.55
CA PRO D 716 0.11 36.38 5.53
C PRO D 716 -0.97 35.73 6.37
N ILE D 717 -1.08 36.13 7.64
CA ILE D 717 -2.11 35.60 8.51
C ILE D 717 -2.44 36.56 9.64
N TYR D 718 -3.35 37.49 9.35
CA TYR D 718 -3.71 38.56 10.27
C TYR D 718 -4.10 38.02 11.65
N PRO D 719 -3.28 38.31 12.67
CA PRO D 719 -3.64 37.90 14.04
C PRO D 719 -4.95 38.53 14.54
#